data_8YHW
#
_entry.id   8YHW
#
_cell.length_a   119.652
_cell.length_b   119.652
_cell.length_c   115.586
_cell.angle_alpha   90.000
_cell.angle_beta   90.000
_cell.angle_gamma   90.000
#
_symmetry.space_group_name_H-M   'P 41'
#
loop_
_entity.id
_entity.type
_entity.pdbx_description
1 polymer 'Mitogen-activated protein kinase kinase kinase 14'
2 non-polymer 'PHOSPHOTHIOPHOSPHORIC ACID-ADENYLATE ESTER'
3 non-polymer 'MAGNESIUM ION'
4 non-polymer 1,2-ETHANEDIOL
5 non-polymer 3,6,9,12,15,18,21-HEPTAOXATRICOSANE-1,23-DIOL
6 water water
#
_entity_poly.entity_id   1
_entity_poly.type   'polypeptide(L)'
_entity_poly.pdbx_seq_one_letter_code
;GKFSVEEYLVHALQGSVSSGQAHSLTSLAKTWAARGSRSREPSPKTEDNEGVLLTEKLKPVDYEYREEVHWATHQLRLGR
GSFGEVHRMEDKQTGFQCAVKKVRLEVFRAEELMACAGLTSPRIVPLYGAVREGPWVNIFMELLEGGSLGQLVKEQGCLP
EDRALYYLGQALEGLEYLHSRRILHGDVKADNVLLSSDGSHAALCDFGHAVCLQPDGLGKSLLTGDYIPGTETHMAPEVV
LGRSCDAKVDVWSSCCMMLHMLNGCHPWTQFFRGPLCLKIASEPPPVREIPPSCAPLTAQAIQEGLRKEPIHRVSAAELG
GKVNRALQQVGGLKSPWRGEYKEPRHPPPNQ
;
_entity_poly.pdbx_strand_id   A,B,C,D
#
# COMPACT_ATOMS: atom_id res chain seq x y z
N GLU A 6 -5.05 -45.47 -40.04
CA GLU A 6 -4.73 -44.28 -39.21
C GLU A 6 -4.70 -44.69 -37.72
N GLU A 7 -5.71 -45.46 -37.30
CA GLU A 7 -5.90 -45.77 -35.90
C GLU A 7 -4.69 -46.51 -35.34
N TYR A 8 -4.10 -47.39 -36.16
CA TYR A 8 -2.93 -48.17 -35.75
C TYR A 8 -1.71 -47.24 -35.68
N LEU A 9 -1.56 -46.38 -36.71
CA LEU A 9 -0.48 -45.40 -36.79
C LEU A 9 -0.47 -44.54 -35.53
N VAL A 10 -1.63 -43.95 -35.21
CA VAL A 10 -1.77 -43.05 -34.07
C VAL A 10 -1.29 -43.75 -32.79
N HIS A 11 -1.75 -44.99 -32.58
CA HIS A 11 -1.40 -45.73 -31.38
C HIS A 11 0.12 -45.81 -31.23
N ALA A 12 0.82 -45.99 -32.35
CA ALA A 12 2.28 -46.09 -32.35
C ALA A 12 2.92 -44.75 -31.98
N LEU A 13 2.34 -43.65 -32.48
CA LEU A 13 2.90 -42.31 -32.27
C LEU A 13 2.72 -41.88 -30.83
N GLN A 14 1.61 -42.31 -30.21
CA GLN A 14 1.21 -41.82 -28.90
C GLN A 14 2.23 -42.23 -27.83
N GLY A 15 2.52 -41.28 -26.93
CA GLY A 15 3.44 -41.51 -25.85
C GLY A 15 4.89 -41.17 -26.23
N SER A 16 5.12 -40.88 -27.52
CA SER A 16 6.48 -40.72 -28.04
C SER A 16 6.60 -39.43 -28.84
N VAL A 17 7.84 -38.93 -28.92
CA VAL A 17 8.19 -37.86 -29.82
C VAL A 17 9.06 -38.46 -30.92
N SER A 18 8.53 -38.47 -32.15
CA SER A 18 9.15 -39.15 -33.25
C SER A 18 9.52 -38.15 -34.34
N SER A 19 10.62 -38.42 -35.06
CA SER A 19 10.84 -37.78 -36.35
C SER A 19 9.95 -38.48 -37.37
N GLY A 20 9.25 -37.70 -38.20
CA GLY A 20 8.30 -38.25 -39.15
C GLY A 20 7.78 -37.18 -40.12
N GLN A 21 6.61 -37.45 -40.71
CA GLN A 21 6.08 -36.64 -41.78
C GLN A 21 4.72 -36.08 -41.39
N ALA A 22 4.24 -35.11 -42.18
CA ALA A 22 3.08 -34.30 -41.88
C ALA A 22 1.90 -35.16 -41.42
N HIS A 23 1.54 -36.19 -42.19
CA HIS A 23 0.35 -36.98 -41.91
C HIS A 23 0.40 -37.56 -40.49
N SER A 24 1.59 -37.94 -40.03
CA SER A 24 1.75 -38.48 -38.68
C SER A 24 1.41 -37.40 -37.66
N LEU A 25 2.00 -36.21 -37.83
CA LEU A 25 1.72 -35.07 -36.96
C LEU A 25 0.24 -34.76 -36.98
N THR A 26 -0.32 -34.66 -38.19
CA THR A 26 -1.71 -34.34 -38.40
C THR A 26 -2.62 -35.35 -37.68
N SER A 27 -2.30 -36.64 -37.82
CA SER A 27 -3.14 -37.69 -37.27
C SER A 27 -3.12 -37.63 -35.74
N LEU A 28 -1.94 -37.39 -35.17
CA LEU A 28 -1.78 -37.27 -33.73
C LEU A 28 -2.51 -36.03 -33.21
N ALA A 29 -2.47 -34.96 -34.00
CA ALA A 29 -3.04 -33.68 -33.62
C ALA A 29 -4.56 -33.80 -33.43
N LYS A 30 -5.19 -34.71 -34.20
CA LYS A 30 -6.60 -34.97 -34.07
C LYS A 30 -6.91 -35.47 -32.67
N THR A 31 -6.03 -36.33 -32.12
CA THR A 31 -6.24 -36.88 -30.78
C THR A 31 -6.14 -35.77 -29.74
N TRP A 32 -5.25 -34.78 -29.97
CA TRP A 32 -5.05 -33.68 -29.04
C TRP A 32 -6.31 -32.84 -28.89
N ALA A 33 -6.98 -32.55 -30.01
CA ALA A 33 -8.19 -31.74 -29.99
C ALA A 33 -9.28 -32.42 -29.17
N ALA A 34 -9.35 -33.76 -29.24
CA ALA A 34 -10.34 -34.55 -28.52
C ALA A 34 -10.08 -34.49 -27.01
N ARG A 35 -8.80 -34.55 -26.64
CA ARG A 35 -8.39 -34.59 -25.24
C ARG A 35 -8.58 -33.22 -24.59
N GLY A 36 -8.45 -32.15 -25.39
CA GLY A 36 -8.64 -30.79 -24.91
C GLY A 36 -10.08 -30.53 -24.49
N SER A 37 -11.02 -31.29 -25.07
CA SER A 37 -12.43 -31.16 -24.76
C SER A 37 -12.79 -31.90 -23.48
N ARG A 38 -11.89 -32.79 -23.01
CA ARG A 38 -12.18 -33.72 -21.93
C ARG A 38 -12.34 -32.98 -20.61
N SER A 39 -12.96 -33.64 -19.63
CA SER A 39 -13.13 -33.10 -18.29
C SER A 39 -11.79 -32.91 -17.61
N ARG A 40 -11.77 -32.01 -16.60
CA ARG A 40 -10.59 -31.81 -15.78
C ARG A 40 -10.25 -33.13 -15.10
N GLU A 41 -8.96 -33.49 -15.11
CA GLU A 41 -8.48 -34.71 -14.47
C GLU A 41 -7.36 -34.36 -13.50
N PRO A 42 -6.92 -35.30 -12.62
CA PRO A 42 -5.73 -35.10 -11.81
C PRO A 42 -4.47 -35.24 -12.66
N SER A 43 -3.45 -34.43 -12.39
CA SER A 43 -2.15 -34.59 -13.04
C SER A 43 -1.52 -35.90 -12.56
N PRO A 44 -1.07 -36.78 -13.48
CA PRO A 44 -0.34 -37.99 -13.08
C PRO A 44 1.08 -37.64 -12.62
N LYS A 45 1.88 -38.68 -12.31
CA LYS A 45 3.28 -38.45 -12.00
C LYS A 45 4.06 -38.29 -13.30
N THR A 46 3.77 -39.16 -14.27
CA THR A 46 4.35 -39.07 -15.61
C THR A 46 3.45 -38.22 -16.51
N GLU A 47 3.90 -37.00 -16.83
CA GLU A 47 3.24 -36.13 -17.78
C GLU A 47 3.53 -36.64 -19.19
N ASP A 48 2.48 -36.98 -19.94
CA ASP A 48 2.59 -37.44 -21.32
C ASP A 48 3.42 -36.46 -22.15
N ASN A 49 4.39 -36.99 -22.90
CA ASN A 49 5.21 -36.19 -23.78
C ASN A 49 5.20 -36.86 -25.15
N GLU A 50 4.50 -36.26 -26.11
CA GLU A 50 4.33 -36.86 -27.43
C GLU A 50 4.29 -35.76 -28.49
N GLY A 51 4.49 -36.17 -29.75
CA GLY A 51 4.49 -35.27 -30.88
C GLY A 51 5.27 -35.86 -32.06
N VAL A 52 5.43 -35.06 -33.12
CA VAL A 52 6.34 -35.44 -34.20
C VAL A 52 6.97 -34.17 -34.74
N LEU A 53 8.26 -34.29 -35.11
CA LEU A 53 9.05 -33.21 -35.68
C LEU A 53 9.35 -33.54 -37.13
N LEU A 54 9.34 -32.50 -37.99
CA LEU A 54 9.32 -32.65 -39.43
C LEU A 54 10.65 -32.21 -40.05
N THR A 55 11.66 -31.99 -39.20
CA THR A 55 12.99 -31.61 -39.65
C THR A 55 13.97 -32.24 -38.70
N GLU A 56 15.15 -32.62 -39.21
CA GLU A 56 16.15 -33.26 -38.37
C GLU A 56 16.91 -32.20 -37.58
N LYS A 57 16.61 -30.92 -37.81
CA LYS A 57 17.21 -29.83 -37.06
C LYS A 57 16.58 -29.73 -35.67
N LEU A 58 15.44 -30.38 -35.48
CA LEU A 58 14.85 -30.62 -34.18
C LEU A 58 14.90 -32.11 -33.89
N LYS A 59 15.76 -32.52 -32.94
CA LYS A 59 16.00 -33.92 -32.67
C LYS A 59 15.41 -34.33 -31.32
N PRO A 60 14.50 -35.33 -31.31
CA PRO A 60 14.13 -36.00 -30.06
C PRO A 60 15.32 -36.74 -29.47
N VAL A 61 15.24 -37.04 -28.17
CA VAL A 61 16.21 -37.92 -27.52
C VAL A 61 15.45 -39.04 -26.83
N ASP A 62 15.57 -40.26 -27.37
CA ASP A 62 14.90 -41.43 -26.82
C ASP A 62 13.40 -41.16 -26.74
N TYR A 63 12.85 -40.62 -27.84
CA TYR A 63 11.41 -40.39 -27.99
C TYR A 63 10.89 -39.39 -26.97
N GLU A 64 11.75 -38.42 -26.59
CA GLU A 64 11.36 -37.35 -25.68
C GLU A 64 11.83 -36.01 -26.22
N TYR A 65 11.04 -34.97 -25.94
CA TYR A 65 11.38 -33.60 -26.32
C TYR A 65 10.69 -32.67 -25.33
N ARG A 66 11.41 -32.36 -24.24
CA ARG A 66 10.88 -31.61 -23.13
C ARG A 66 11.57 -30.26 -23.02
N GLU A 67 10.76 -29.20 -22.82
CA GLU A 67 11.28 -27.87 -22.62
C GLU A 67 12.19 -27.85 -21.39
N GLU A 68 13.25 -27.04 -21.50
CA GLU A 68 14.28 -26.87 -20.48
C GLU A 68 15.13 -28.13 -20.31
N VAL A 69 14.87 -29.17 -21.10
CA VAL A 69 15.69 -30.37 -21.11
C VAL A 69 16.37 -30.49 -22.47
N HIS A 70 15.56 -30.66 -23.52
CA HIS A 70 16.07 -30.86 -24.88
C HIS A 70 15.98 -29.58 -25.70
N TRP A 71 15.26 -28.57 -25.18
CA TRP A 71 15.16 -27.29 -25.84
C TRP A 71 14.75 -26.22 -24.82
N ALA A 72 14.87 -24.96 -25.23
CA ALA A 72 14.56 -23.85 -24.35
C ALA A 72 14.20 -22.63 -25.18
N THR A 73 13.48 -21.69 -24.54
CA THR A 73 13.20 -20.40 -25.11
C THR A 73 14.33 -19.46 -24.70
N HIS A 74 14.58 -18.41 -25.50
CA HIS A 74 15.47 -17.35 -25.08
C HIS A 74 14.87 -15.99 -25.40
N GLN A 75 15.41 -14.96 -24.72
CA GLN A 75 15.09 -13.57 -25.01
C GLN A 75 13.61 -13.32 -24.69
N LEU A 76 13.16 -12.11 -25.02
CA LEU A 76 11.78 -11.72 -24.78
C LEU A 76 10.86 -12.33 -25.84
N ARG A 77 9.56 -12.30 -25.53
CA ARG A 77 8.53 -12.89 -26.37
C ARG A 77 8.50 -12.18 -27.73
N LEU A 78 8.30 -12.95 -28.80
CA LEU A 78 8.14 -12.41 -30.14
C LEU A 78 6.77 -11.76 -30.31
N GLY A 79 5.74 -12.39 -29.75
CA GLY A 79 4.38 -11.87 -29.85
C GLY A 79 3.38 -12.79 -29.18
N ARG A 80 2.16 -12.29 -29.03
CA ARG A 80 1.08 -13.05 -28.41
C ARG A 80 -0.25 -12.63 -29.03
N GLY A 81 -1.03 -13.60 -29.51
CA GLY A 81 -2.34 -13.31 -30.06
C GLY A 81 -3.42 -13.68 -29.05
N SER A 82 -4.55 -14.16 -29.57
CA SER A 82 -5.68 -14.55 -28.73
C SER A 82 -5.51 -15.96 -28.16
N PHE A 83 -4.56 -16.75 -28.70
CA PHE A 83 -4.49 -18.15 -28.35
C PHE A 83 -3.09 -18.63 -27.96
N GLY A 84 -2.02 -17.99 -28.45
CA GLY A 84 -0.68 -18.49 -28.21
C GLY A 84 0.33 -17.37 -27.95
N GLU A 85 1.31 -17.66 -27.08
CA GLU A 85 2.52 -16.85 -26.93
C GLU A 85 3.60 -17.47 -27.79
N VAL A 86 4.39 -16.62 -28.46
CA VAL A 86 5.44 -17.09 -29.36
C VAL A 86 6.79 -16.57 -28.86
N HIS A 87 7.80 -17.47 -28.88
CA HIS A 87 9.14 -17.14 -28.44
C HIS A 87 10.18 -17.64 -29.44
N ARG A 88 11.41 -17.10 -29.33
CA ARG A 88 12.57 -17.72 -29.93
C ARG A 88 12.93 -18.97 -29.13
N MET A 89 13.49 -19.96 -29.81
CA MET A 89 13.83 -21.22 -29.18
C MET A 89 15.17 -21.73 -29.73
N GLU A 90 15.79 -22.64 -28.97
CA GLU A 90 17.04 -23.27 -29.40
C GLU A 90 16.96 -24.76 -29.02
N ASP A 91 17.30 -25.63 -29.98
CA ASP A 91 17.40 -27.05 -29.72
C ASP A 91 18.78 -27.31 -29.12
N LYS A 92 18.81 -27.99 -27.97
CA LYS A 92 20.04 -28.14 -27.20
C LYS A 92 20.99 -29.13 -27.87
N GLN A 93 20.47 -30.01 -28.72
CA GLN A 93 21.32 -30.97 -29.42
C GLN A 93 21.89 -30.38 -30.71
N THR A 94 21.03 -29.80 -31.56
CA THR A 94 21.43 -29.37 -32.89
C THR A 94 21.88 -27.90 -32.88
N GLY A 95 21.45 -27.13 -31.88
CA GLY A 95 21.75 -25.71 -31.82
C GLY A 95 20.83 -24.87 -32.71
N PHE A 96 19.92 -25.54 -33.42
CA PHE A 96 19.03 -24.87 -34.36
C PHE A 96 18.11 -23.90 -33.61
N GLN A 97 17.82 -22.75 -34.23
CA GLN A 97 16.89 -21.80 -33.67
C GLN A 97 15.63 -21.71 -34.52
N CYS A 98 14.49 -21.55 -33.85
CA CYS A 98 13.21 -21.40 -34.51
C CYS A 98 12.22 -20.72 -33.55
N ALA A 99 10.94 -20.68 -33.95
CA ALA A 99 9.92 -20.08 -33.12
C ALA A 99 9.05 -21.19 -32.51
N VAL A 100 8.61 -20.97 -31.25
CA VAL A 100 7.61 -21.83 -30.62
C VAL A 100 6.34 -21.02 -30.42
N LYS A 101 5.20 -21.60 -30.80
CA LYS A 101 3.91 -21.09 -30.38
C LYS A 101 3.36 -22.03 -29.33
N LYS A 102 3.13 -21.50 -28.12
CA LYS A 102 2.61 -22.28 -27.00
C LYS A 102 1.10 -22.08 -26.91
N VAL A 103 0.36 -23.19 -26.95
CA VAL A 103 -1.08 -23.16 -26.90
C VAL A 103 -1.55 -24.20 -25.88
N ARG A 104 -2.53 -23.82 -25.06
CA ARG A 104 -3.16 -24.76 -24.15
C ARG A 104 -3.94 -25.78 -24.97
N LEU A 105 -3.87 -27.04 -24.51
CA LEU A 105 -4.55 -28.14 -25.18
C LEU A 105 -6.04 -27.86 -25.30
N GLU A 106 -6.61 -27.18 -24.29
CA GLU A 106 -8.04 -26.98 -24.21
C GLU A 106 -8.54 -26.05 -25.33
N VAL A 107 -7.65 -25.28 -25.96
CA VAL A 107 -8.06 -24.36 -27.02
C VAL A 107 -7.44 -24.76 -28.35
N PHE A 108 -6.77 -25.91 -28.39
CA PHE A 108 -6.02 -26.31 -29.57
C PHE A 108 -6.97 -26.87 -30.64
N ARG A 109 -6.61 -26.66 -31.91
CA ARG A 109 -7.34 -27.21 -33.04
C ARG A 109 -6.35 -27.89 -33.99
N ALA A 110 -6.64 -29.15 -34.33
CA ALA A 110 -5.78 -29.93 -35.22
C ALA A 110 -5.62 -29.21 -36.57
N GLU A 111 -6.66 -28.46 -36.98
CA GLU A 111 -6.65 -27.76 -38.26
C GLU A 111 -5.49 -26.77 -38.37
N GLU A 112 -5.01 -26.25 -37.21
CA GLU A 112 -3.91 -25.32 -37.22
C GLU A 112 -2.66 -25.96 -37.82
N LEU A 113 -2.51 -27.28 -37.64
CA LEU A 113 -1.39 -28.01 -38.19
C LEU A 113 -1.77 -28.59 -39.55
N MET A 114 -2.97 -29.18 -39.63
CA MET A 114 -3.48 -29.74 -40.88
C MET A 114 -3.32 -28.73 -42.01
N ALA A 115 -3.57 -27.45 -41.72
CA ALA A 115 -3.63 -26.42 -42.74
C ALA A 115 -2.26 -25.98 -43.24
N CYS A 116 -1.15 -26.41 -42.61
CA CYS A 116 0.15 -25.95 -43.06
C CYS A 116 1.27 -26.98 -42.93
N ALA A 117 1.01 -28.14 -42.31
CA ALA A 117 1.97 -29.22 -42.30
C ALA A 117 2.09 -29.79 -43.72
N GLY A 118 3.30 -29.79 -44.27
CA GLY A 118 3.57 -30.40 -45.56
C GLY A 118 3.61 -29.39 -46.72
N LEU A 119 2.98 -28.23 -46.54
CA LEU A 119 2.92 -27.19 -47.57
C LEU A 119 4.32 -26.63 -47.84
N THR A 120 4.52 -26.09 -49.03
CA THR A 120 5.83 -25.59 -49.47
C THR A 120 5.66 -24.35 -50.34
N SER A 121 4.84 -23.39 -49.88
CA SER A 121 4.83 -22.05 -50.46
C SER A 121 5.76 -21.14 -49.67
N PRO A 122 6.57 -20.29 -50.32
CA PRO A 122 7.36 -19.29 -49.61
C PRO A 122 6.52 -18.19 -48.95
N ARG A 123 5.20 -18.21 -49.19
CA ARG A 123 4.28 -17.25 -48.60
C ARG A 123 3.59 -17.83 -47.37
N ILE A 124 4.04 -19.00 -46.90
CA ILE A 124 3.45 -19.66 -45.75
C ILE A 124 4.58 -20.15 -44.84
N VAL A 125 4.55 -19.76 -43.56
CA VAL A 125 5.57 -20.21 -42.62
C VAL A 125 5.66 -21.73 -42.70
N PRO A 126 6.88 -22.28 -42.89
CA PRO A 126 7.09 -23.72 -42.75
C PRO A 126 6.84 -24.14 -41.30
N LEU A 127 6.09 -25.22 -41.13
CA LEU A 127 5.89 -25.86 -39.84
C LEU A 127 6.98 -26.91 -39.62
N TYR A 128 7.67 -26.82 -38.49
CA TYR A 128 8.79 -27.71 -38.19
C TYR A 128 8.37 -28.89 -37.32
N GLY A 129 7.19 -28.80 -36.69
CA GLY A 129 6.66 -29.89 -35.88
C GLY A 129 5.85 -29.37 -34.71
N ALA A 130 5.38 -30.31 -33.88
CA ALA A 130 4.65 -29.95 -32.67
C ALA A 130 4.75 -31.10 -31.67
N VAL A 131 5.02 -30.77 -30.40
CA VAL A 131 5.02 -31.74 -29.33
C VAL A 131 4.28 -31.14 -28.15
N ARG A 132 3.77 -32.01 -27.28
CA ARG A 132 2.95 -31.61 -26.15
C ARG A 132 3.54 -32.23 -24.88
N GLU A 133 3.59 -31.43 -23.82
CA GLU A 133 3.92 -31.90 -22.49
C GLU A 133 2.64 -31.77 -21.66
N GLY A 134 1.93 -32.88 -21.50
CA GLY A 134 0.62 -32.85 -20.89
C GLY A 134 -0.30 -31.87 -21.63
N PRO A 135 -0.80 -30.81 -20.98
CA PRO A 135 -1.71 -29.87 -21.64
C PRO A 135 -1.02 -28.71 -22.37
N TRP A 136 0.31 -28.70 -22.33
CA TRP A 136 1.08 -27.63 -22.96
C TRP A 136 1.47 -28.06 -24.37
N VAL A 137 0.85 -27.42 -25.38
CA VAL A 137 1.16 -27.71 -26.78
C VAL A 137 2.20 -26.71 -27.27
N ASN A 138 3.23 -27.22 -27.95
CA ASN A 138 4.29 -26.41 -28.52
C ASN A 138 4.32 -26.65 -30.02
N ILE A 139 4.24 -25.57 -30.79
CA ILE A 139 4.21 -25.64 -32.25
C ILE A 139 5.44 -24.91 -32.78
N PHE A 140 6.31 -25.67 -33.47
CA PHE A 140 7.60 -25.18 -33.91
C PHE A 140 7.54 -24.82 -35.39
N MET A 141 8.19 -23.69 -35.74
CA MET A 141 8.11 -23.13 -37.08
C MET A 141 9.28 -22.18 -37.31
N GLU A 142 9.57 -21.92 -38.60
CA GLU A 142 10.61 -20.99 -38.99
C GLU A 142 10.41 -19.69 -38.22
N LEU A 143 11.53 -19.13 -37.73
CA LEU A 143 11.53 -17.84 -37.07
C LEU A 143 11.76 -16.75 -38.11
N LEU A 144 10.88 -15.73 -38.12
CA LEU A 144 11.07 -14.57 -38.97
C LEU A 144 11.43 -13.36 -38.14
N GLU A 145 12.53 -12.71 -38.52
CA GLU A 145 13.19 -11.72 -37.68
C GLU A 145 12.65 -10.32 -37.94
N GLY A 146 11.72 -10.18 -38.88
CA GLY A 146 11.18 -8.87 -39.24
C GLY A 146 9.88 -8.52 -38.52
N GLY A 147 9.39 -9.43 -37.66
CA GLY A 147 8.16 -9.22 -36.94
C GLY A 147 6.94 -9.38 -37.85
N SER A 148 5.77 -9.01 -37.33
CA SER A 148 4.51 -9.12 -38.06
C SER A 148 4.29 -7.85 -38.88
N LEU A 149 3.50 -8.00 -39.94
CA LEU A 149 3.05 -6.86 -40.71
C LEU A 149 2.28 -5.91 -39.79
N GLY A 150 1.56 -6.48 -38.81
CA GLY A 150 0.82 -5.69 -37.84
C GLY A 150 1.72 -4.77 -37.02
N GLN A 151 2.86 -5.31 -36.58
CA GLN A 151 3.84 -4.53 -35.81
C GLN A 151 4.38 -3.39 -36.66
N LEU A 152 4.61 -3.65 -37.95
CA LEU A 152 5.13 -2.65 -38.86
C LEU A 152 4.12 -1.51 -39.01
N VAL A 153 2.85 -1.86 -39.25
CA VAL A 153 1.78 -0.87 -39.39
C VAL A 153 1.70 -0.02 -38.12
N LYS A 154 1.90 -0.63 -36.95
CA LYS A 154 1.83 0.09 -35.69
C LYS A 154 3.00 1.07 -35.60
N GLU A 155 4.22 0.60 -35.90
CA GLU A 155 5.43 1.41 -35.81
C GLU A 155 5.36 2.59 -36.78
N GLN A 156 5.07 2.28 -38.05
CA GLN A 156 5.09 3.27 -39.12
C GLN A 156 3.85 4.15 -39.06
N GLY A 157 2.83 3.72 -38.32
CA GLY A 157 1.54 4.40 -38.28
C GLY A 157 0.64 3.90 -39.40
N CYS A 158 1.04 4.20 -40.64
CA CYS A 158 0.46 3.64 -41.85
C CYS A 158 1.58 3.18 -42.77
N LEU A 159 1.21 2.39 -43.79
CA LEU A 159 2.16 2.05 -44.82
C LEU A 159 1.87 2.89 -46.06
N PRO A 160 2.93 3.27 -46.83
CA PRO A 160 2.76 3.79 -48.18
C PRO A 160 1.96 2.81 -49.04
N GLU A 161 1.28 3.36 -50.06
CA GLU A 161 0.42 2.58 -50.94
C GLU A 161 1.21 1.46 -51.61
N ASP A 162 2.52 1.68 -51.85
CA ASP A 162 3.30 0.74 -52.63
C ASP A 162 3.70 -0.46 -51.76
N ARG A 163 4.12 -0.21 -50.51
CA ARG A 163 4.40 -1.28 -49.57
C ARG A 163 3.15 -2.12 -49.33
N ALA A 164 2.01 -1.43 -49.16
CA ALA A 164 0.73 -2.08 -48.87
C ALA A 164 0.34 -3.04 -49.98
N LEU A 165 0.40 -2.53 -51.23
CA LEU A 165 0.09 -3.33 -52.40
C LEU A 165 1.01 -4.54 -52.47
N TYR A 166 2.30 -4.29 -52.19
CA TYR A 166 3.34 -5.32 -52.31
C TYR A 166 3.03 -6.49 -51.38
N TYR A 167 2.72 -6.18 -50.10
CA TYR A 167 2.51 -7.20 -49.08
C TYR A 167 1.17 -7.89 -49.31
N LEU A 168 0.12 -7.11 -49.62
CA LEU A 168 -1.17 -7.67 -49.96
C LEU A 168 -1.02 -8.70 -51.08
N GLY A 169 -0.17 -8.39 -52.07
CA GLY A 169 0.06 -9.28 -53.19
C GLY A 169 0.63 -10.63 -52.73
N GLN A 170 1.63 -10.56 -51.83
CA GLN A 170 2.30 -11.75 -51.35
C GLN A 170 1.33 -12.59 -50.51
N ALA A 171 0.51 -11.91 -49.72
CA ALA A 171 -0.53 -12.58 -48.95
C ALA A 171 -1.45 -13.36 -49.89
N LEU A 172 -1.84 -12.73 -51.00
CA LEU A 172 -2.78 -13.32 -51.94
C LEU A 172 -2.12 -14.49 -52.67
N GLU A 173 -0.80 -14.40 -52.91
CA GLU A 173 -0.07 -15.54 -53.44
C GLU A 173 -0.26 -16.73 -52.50
N GLY A 174 -0.10 -16.46 -51.19
CA GLY A 174 -0.25 -17.48 -50.16
C GLY A 174 -1.66 -18.05 -50.09
N LEU A 175 -2.66 -17.15 -50.16
CA LEU A 175 -4.05 -17.57 -50.08
C LEU A 175 -4.43 -18.44 -51.28
N GLU A 176 -3.92 -18.08 -52.47
CA GLU A 176 -4.20 -18.82 -53.69
C GLU A 176 -3.69 -20.26 -53.56
N TYR A 177 -2.49 -20.40 -52.97
CA TYR A 177 -1.87 -21.69 -52.71
C TYR A 177 -2.76 -22.50 -51.76
N LEU A 178 -3.16 -21.86 -50.66
CA LEU A 178 -4.06 -22.49 -49.70
C LEU A 178 -5.37 -22.89 -50.37
N HIS A 179 -6.01 -21.91 -51.02
CA HIS A 179 -7.36 -22.08 -51.54
C HIS A 179 -7.39 -23.21 -52.57
N SER A 180 -6.33 -23.29 -53.40
CA SER A 180 -6.26 -24.32 -54.41
C SER A 180 -6.11 -25.69 -53.77
N ARG A 181 -5.64 -25.74 -52.51
CA ARG A 181 -5.56 -26.98 -51.74
C ARG A 181 -6.76 -27.16 -50.82
N ARG A 182 -7.81 -26.38 -51.05
CA ARG A 182 -9.06 -26.50 -50.29
C ARG A 182 -8.85 -26.14 -48.83
N ILE A 183 -7.90 -25.23 -48.55
CA ILE A 183 -7.67 -24.76 -47.20
C ILE A 183 -8.09 -23.30 -47.10
N LEU A 184 -8.89 -23.00 -46.07
CA LEU A 184 -9.25 -21.64 -45.71
C LEU A 184 -8.36 -21.19 -44.55
N HIS A 185 -7.80 -19.98 -44.64
CA HIS A 185 -6.91 -19.49 -43.60
C HIS A 185 -7.72 -19.17 -42.34
N GLY A 186 -8.75 -18.34 -42.50
CA GLY A 186 -9.75 -18.19 -41.47
C GLY A 186 -9.54 -16.96 -40.59
N ASP A 187 -8.37 -16.31 -40.70
CA ASP A 187 -8.05 -15.16 -39.88
C ASP A 187 -6.95 -14.34 -40.56
N VAL A 188 -7.18 -13.99 -41.82
CA VAL A 188 -6.21 -13.18 -42.55
C VAL A 188 -6.21 -11.79 -41.92
N LYS A 189 -5.04 -11.34 -41.48
CA LYS A 189 -4.87 -9.97 -41.00
C LYS A 189 -3.38 -9.69 -40.84
N ALA A 190 -3.04 -8.41 -40.65
CA ALA A 190 -1.66 -7.96 -40.60
C ALA A 190 -0.86 -8.74 -39.55
N ASP A 191 -1.43 -8.87 -38.35
CA ASP A 191 -0.78 -9.55 -37.23
C ASP A 191 -0.40 -10.99 -37.57
N ASN A 192 -1.05 -11.57 -38.59
CA ASN A 192 -0.81 -12.95 -38.99
C ASN A 192 -0.04 -12.99 -40.32
N VAL A 193 0.71 -11.93 -40.63
CA VAL A 193 1.67 -11.96 -41.73
C VAL A 193 3.03 -11.62 -41.14
N LEU A 194 4.03 -12.46 -41.44
CA LEU A 194 5.36 -12.31 -40.87
C LEU A 194 6.32 -11.82 -41.96
N LEU A 195 7.38 -11.11 -41.54
CA LEU A 195 8.28 -10.43 -42.46
C LEU A 195 9.73 -10.85 -42.22
N SER A 196 10.54 -10.75 -43.29
CA SER A 196 11.98 -10.87 -43.24
C SER A 196 12.61 -9.72 -42.45
N SER A 197 13.91 -9.85 -42.17
CA SER A 197 14.69 -8.80 -41.54
C SER A 197 14.68 -7.54 -42.41
N ASP A 198 14.88 -7.72 -43.72
CA ASP A 198 14.92 -6.62 -44.67
C ASP A 198 13.52 -6.15 -45.06
N GLY A 199 12.49 -6.92 -44.67
CA GLY A 199 11.11 -6.55 -44.93
C GLY A 199 10.70 -6.87 -46.36
N SER A 200 11.46 -7.73 -47.04
CA SER A 200 11.25 -7.97 -48.46
C SER A 200 10.31 -9.15 -48.69
N HIS A 201 10.34 -10.16 -47.79
CA HIS A 201 9.53 -11.35 -47.95
C HIS A 201 8.47 -11.42 -46.86
N ALA A 202 7.24 -11.82 -47.26
CA ALA A 202 6.12 -11.96 -46.34
C ALA A 202 5.59 -13.38 -46.40
N ALA A 203 5.07 -13.87 -45.27
CA ALA A 203 4.51 -15.20 -45.18
C ALA A 203 3.36 -15.22 -44.18
N LEU A 204 2.31 -15.99 -44.52
CA LEU A 204 1.15 -16.15 -43.66
C LEU A 204 1.50 -17.05 -42.49
N CYS A 205 0.97 -16.70 -41.31
CA CYS A 205 1.03 -17.58 -40.14
C CYS A 205 -0.36 -17.68 -39.51
N ASP A 206 -0.43 -18.46 -38.43
CA ASP A 206 -1.58 -18.46 -37.54
C ASP A 206 -2.78 -19.12 -38.22
N PHE A 207 -2.77 -20.45 -38.24
CA PHE A 207 -3.82 -21.22 -38.86
C PHE A 207 -4.81 -21.71 -37.80
N GLY A 208 -4.92 -20.95 -36.72
CA GLY A 208 -5.74 -21.34 -35.58
C GLY A 208 -7.23 -21.36 -35.91
N HIS A 209 -7.63 -20.63 -36.96
CA HIS A 209 -9.02 -20.55 -37.36
C HIS A 209 -9.20 -21.18 -38.73
N ALA A 210 -8.20 -21.93 -39.18
CA ALA A 210 -8.26 -22.61 -40.46
C ALA A 210 -9.35 -23.68 -40.41
N VAL A 211 -9.99 -23.88 -41.55
CA VAL A 211 -10.93 -24.96 -41.76
C VAL A 211 -10.58 -25.60 -43.09
N CYS A 212 -10.71 -26.93 -43.17
CA CYS A 212 -10.44 -27.67 -44.39
C CYS A 212 -11.73 -27.80 -45.19
N LEU A 213 -11.90 -26.92 -46.19
CA LEU A 213 -13.08 -26.90 -47.05
C LEU A 213 -13.26 -28.30 -47.64
N GLN A 214 -14.42 -28.91 -47.35
CA GLN A 214 -14.70 -30.27 -47.80
C GLN A 214 -14.86 -30.22 -49.31
N PRO A 215 -14.58 -31.33 -50.04
CA PRO A 215 -14.71 -31.35 -51.51
C PRO A 215 -15.81 -30.48 -52.13
N ASP A 216 -16.95 -30.35 -51.44
CA ASP A 216 -18.00 -29.38 -51.75
C ASP A 216 -17.39 -28.02 -52.08
N GLY A 217 -16.41 -27.59 -51.25
CA GLY A 217 -15.83 -26.27 -51.31
C GLY A 217 -16.65 -25.28 -50.48
N LEU A 218 -17.23 -25.76 -49.38
CA LEU A 218 -18.18 -25.02 -48.56
C LEU A 218 -18.06 -25.47 -47.11
N GLY A 219 -18.24 -24.51 -46.18
CA GLY A 219 -18.13 -24.76 -44.75
C GLY A 219 -19.18 -23.97 -43.98
N ASP A 226 -19.04 -25.03 -39.31
CA ASP A 226 -17.76 -25.23 -38.57
C ASP A 226 -17.04 -23.91 -38.33
N TYR A 227 -17.09 -23.03 -39.33
CA TYR A 227 -16.17 -21.88 -39.41
C TYR A 227 -16.58 -20.75 -38.46
N ILE A 228 -15.77 -20.54 -37.42
CA ILE A 228 -15.81 -19.31 -36.65
C ILE A 228 -14.65 -18.42 -37.14
N PRO A 229 -14.92 -17.12 -37.42
CA PRO A 229 -13.86 -16.22 -37.87
C PRO A 229 -12.92 -15.77 -36.76
N GLY A 230 -11.71 -15.38 -37.16
CA GLY A 230 -10.64 -15.09 -36.21
C GLY A 230 -10.77 -13.71 -35.60
N THR A 231 -11.11 -12.73 -36.43
CA THR A 231 -11.08 -11.32 -36.04
C THR A 231 -12.35 -10.66 -36.51
N GLU A 232 -13.02 -9.94 -35.60
CA GLU A 232 -14.33 -9.38 -35.86
C GLU A 232 -14.27 -8.34 -36.97
N THR A 233 -13.31 -7.40 -36.89
CA THR A 233 -13.20 -6.31 -37.84
C THR A 233 -13.01 -6.83 -39.27
N HIS A 234 -12.42 -8.02 -39.40
CA HIS A 234 -12.09 -8.57 -40.71
C HIS A 234 -13.08 -9.65 -41.15
N MET A 235 -14.23 -9.81 -40.47
CA MET A 235 -15.25 -10.77 -40.87
C MET A 235 -15.97 -10.31 -42.13
N ALA A 236 -16.28 -11.28 -43.01
CA ALA A 236 -17.05 -11.03 -44.21
C ALA A 236 -18.55 -11.15 -43.93
N PRO A 237 -19.42 -10.44 -44.69
CA PRO A 237 -20.87 -10.42 -44.40
C PRO A 237 -21.54 -11.80 -44.38
N GLU A 238 -21.13 -12.70 -45.29
CA GLU A 238 -21.74 -14.00 -45.40
C GLU A 238 -21.54 -14.77 -44.09
N VAL A 239 -20.40 -14.53 -43.42
CA VAL A 239 -20.10 -15.17 -42.15
C VAL A 239 -21.14 -14.72 -41.12
N VAL A 240 -21.24 -13.41 -40.97
CA VAL A 240 -22.13 -12.77 -40.00
C VAL A 240 -23.58 -13.22 -40.24
N LEU A 241 -23.97 -13.38 -41.52
CA LEU A 241 -25.33 -13.75 -41.84
C LEU A 241 -25.56 -15.23 -41.58
N GLY A 242 -24.49 -15.97 -41.26
CA GLY A 242 -24.59 -17.38 -40.89
C GLY A 242 -24.83 -18.27 -42.11
N ARG A 243 -24.38 -17.83 -43.29
CA ARG A 243 -24.61 -18.52 -44.54
C ARG A 243 -23.45 -19.48 -44.82
N SER A 244 -23.46 -20.11 -46.01
CA SER A 244 -22.38 -20.98 -46.44
C SER A 244 -21.14 -20.14 -46.77
N CYS A 245 -19.97 -20.62 -46.35
CA CYS A 245 -18.72 -19.90 -46.50
C CYS A 245 -17.74 -20.65 -47.38
N ASP A 246 -16.95 -19.90 -48.16
CA ASP A 246 -15.94 -20.47 -49.04
C ASP A 246 -14.65 -19.66 -48.90
N ALA A 247 -13.73 -19.84 -49.85
CA ALA A 247 -12.42 -19.20 -49.78
C ALA A 247 -12.53 -17.67 -49.86
N LYS A 248 -13.65 -17.17 -50.40
CA LYS A 248 -13.83 -15.74 -50.61
C LYS A 248 -13.75 -14.96 -49.30
N VAL A 249 -14.17 -15.61 -48.21
CA VAL A 249 -14.02 -15.12 -46.86
C VAL A 249 -12.64 -14.52 -46.62
N ASP A 250 -11.59 -15.20 -47.10
CA ASP A 250 -10.22 -14.76 -46.92
C ASP A 250 -9.92 -13.49 -47.72
N VAL A 251 -10.52 -13.35 -48.91
CA VAL A 251 -10.16 -12.23 -49.77
C VAL A 251 -10.79 -10.97 -49.17
N TRP A 252 -11.97 -11.13 -48.59
CA TRP A 252 -12.59 -10.04 -47.83
C TRP A 252 -11.63 -9.59 -46.72
N SER A 253 -11.11 -10.56 -45.97
CA SER A 253 -10.21 -10.29 -44.87
C SER A 253 -8.97 -9.54 -45.36
N SER A 254 -8.42 -9.99 -46.50
CA SER A 254 -7.22 -9.40 -47.05
C SER A 254 -7.42 -7.93 -47.40
N CYS A 255 -8.64 -7.57 -47.83
CA CYS A 255 -8.96 -6.19 -48.18
C CYS A 255 -9.17 -5.34 -46.94
N CYS A 256 -9.63 -5.97 -45.84
CA CYS A 256 -9.68 -5.29 -44.55
C CYS A 256 -8.25 -4.99 -44.09
N MET A 257 -7.37 -5.98 -44.21
CA MET A 257 -5.96 -5.82 -43.90
C MET A 257 -5.36 -4.70 -44.77
N MET A 258 -5.79 -4.66 -46.03
CA MET A 258 -5.32 -3.61 -46.94
C MET A 258 -5.70 -2.25 -46.37
N LEU A 259 -6.97 -2.08 -46.00
CA LEU A 259 -7.44 -0.84 -45.39
C LEU A 259 -6.63 -0.52 -44.14
N HIS A 260 -6.34 -1.56 -43.34
CA HIS A 260 -5.58 -1.42 -42.11
C HIS A 260 -4.21 -0.80 -42.41
N MET A 261 -3.54 -1.31 -43.45
CA MET A 261 -2.21 -0.84 -43.81
C MET A 261 -2.24 0.61 -44.26
N LEU A 262 -3.25 0.98 -45.05
CA LEU A 262 -3.35 2.30 -45.63
C LEU A 262 -3.72 3.33 -44.56
N ASN A 263 -4.72 3.03 -43.72
CA ASN A 263 -5.28 4.00 -42.79
C ASN A 263 -4.63 3.91 -41.41
N GLY A 264 -3.93 2.81 -41.13
CA GLY A 264 -3.31 2.60 -39.83
C GLY A 264 -4.34 2.24 -38.76
N CYS A 265 -5.52 1.79 -39.21
CA CYS A 265 -6.58 1.35 -38.31
C CYS A 265 -7.51 0.38 -39.04
N HIS A 266 -8.12 -0.54 -38.28
CA HIS A 266 -9.00 -1.52 -38.87
C HIS A 266 -10.23 -0.81 -39.45
N PRO A 267 -10.91 -1.41 -40.45
CA PRO A 267 -12.22 -0.92 -40.87
C PRO A 267 -13.24 -0.96 -39.74
N TRP A 268 -14.31 -0.17 -39.87
CA TRP A 268 -15.42 -0.11 -38.93
C TRP A 268 -15.04 0.66 -37.65
N THR A 269 -13.89 0.32 -37.06
CA THR A 269 -13.57 0.63 -35.67
C THR A 269 -13.82 2.10 -35.34
N GLN A 270 -13.39 3.00 -36.23
CA GLN A 270 -13.37 4.41 -35.90
C GLN A 270 -14.77 5.00 -35.90
N PHE A 271 -15.74 4.25 -36.44
CA PHE A 271 -17.06 4.79 -36.76
C PHE A 271 -18.14 4.14 -35.90
N PHE A 272 -17.94 2.86 -35.52
CA PHE A 272 -18.96 2.14 -34.79
C PHE A 272 -18.37 1.55 -33.52
N ARG A 273 -19.21 1.50 -32.47
CA ARG A 273 -18.89 0.75 -31.26
C ARG A 273 -19.51 -0.64 -31.39
N GLY A 274 -18.80 -1.66 -30.90
CA GLY A 274 -19.15 -3.05 -31.15
C GLY A 274 -20.47 -3.42 -30.46
N PRO A 275 -21.04 -4.62 -30.74
CA PRO A 275 -20.48 -5.56 -31.70
C PRO A 275 -20.71 -5.10 -33.14
N LEU A 276 -19.92 -5.64 -34.06
CA LEU A 276 -19.88 -5.18 -35.43
C LEU A 276 -20.69 -6.09 -36.37
N CYS A 277 -21.07 -7.28 -35.89
CA CYS A 277 -21.87 -8.20 -36.69
C CYS A 277 -22.99 -7.46 -37.38
N LEU A 278 -23.77 -6.70 -36.60
CA LEU A 278 -24.91 -5.98 -37.13
C LEU A 278 -24.47 -5.07 -38.28
N LYS A 279 -23.43 -4.27 -38.03
CA LYS A 279 -22.96 -3.30 -39.00
C LYS A 279 -22.47 -3.97 -40.28
N ILE A 280 -21.58 -4.96 -40.14
CA ILE A 280 -20.97 -5.60 -41.29
C ILE A 280 -22.07 -6.17 -42.20
N ALA A 281 -23.15 -6.68 -41.58
CA ALA A 281 -24.29 -7.20 -42.32
C ALA A 281 -25.11 -6.07 -42.94
N SER A 282 -25.39 -5.04 -42.14
CA SER A 282 -26.32 -3.98 -42.50
C SER A 282 -25.71 -3.01 -43.51
N GLU A 283 -24.50 -2.54 -43.22
CA GLU A 283 -23.93 -1.39 -43.91
C GLU A 283 -23.39 -1.80 -45.28
N PRO A 284 -23.14 -0.83 -46.19
CA PRO A 284 -22.36 -1.10 -47.39
C PRO A 284 -20.92 -1.45 -47.01
N PRO A 285 -20.18 -2.16 -47.88
CA PRO A 285 -18.83 -2.59 -47.53
C PRO A 285 -17.99 -1.34 -47.31
N PRO A 286 -16.91 -1.40 -46.49
CA PRO A 286 -16.22 -0.17 -46.05
C PRO A 286 -15.32 0.49 -47.09
N VAL A 287 -15.81 0.55 -48.34
CA VAL A 287 -15.04 1.07 -49.46
C VAL A 287 -14.89 2.57 -49.32
N ARG A 288 -15.75 3.20 -48.51
CA ARG A 288 -15.62 4.60 -48.14
C ARG A 288 -14.33 4.85 -47.37
N GLU A 289 -13.73 3.80 -46.79
CA GLU A 289 -12.50 3.94 -46.03
C GLU A 289 -11.28 3.87 -46.94
N ILE A 290 -11.49 3.58 -48.24
CA ILE A 290 -10.41 3.66 -49.20
C ILE A 290 -9.97 5.12 -49.27
N PRO A 291 -8.68 5.43 -48.98
CA PRO A 291 -8.19 6.81 -49.05
C PRO A 291 -8.41 7.39 -50.45
N PRO A 292 -8.76 8.69 -50.57
CA PRO A 292 -9.02 9.30 -51.87
C PRO A 292 -7.76 9.44 -52.71
N SER A 293 -6.60 9.55 -52.05
CA SER A 293 -5.33 9.74 -52.70
C SER A 293 -4.85 8.46 -53.39
N CYS A 294 -5.53 7.33 -53.19
CA CYS A 294 -5.12 6.07 -53.78
C CYS A 294 -5.34 6.10 -55.29
N ALA A 295 -4.48 5.36 -56.00
CA ALA A 295 -4.54 5.25 -57.44
C ALA A 295 -5.81 4.50 -57.83
N PRO A 296 -6.41 4.80 -59.00
CA PRO A 296 -7.64 4.13 -59.44
C PRO A 296 -7.63 2.60 -59.36
N LEU A 297 -6.49 1.97 -59.67
CA LEU A 297 -6.41 0.51 -59.74
C LEU A 297 -6.35 -0.09 -58.34
N THR A 298 -5.88 0.69 -57.36
CA THR A 298 -5.88 0.24 -55.99
C THR A 298 -7.32 0.24 -55.48
N ALA A 299 -7.98 1.39 -55.56
CA ALA A 299 -9.37 1.54 -55.13
C ALA A 299 -10.25 0.46 -55.75
N GLN A 300 -9.98 0.13 -57.02
CA GLN A 300 -10.80 -0.75 -57.80
C GLN A 300 -10.61 -2.20 -57.33
N ALA A 301 -9.37 -2.55 -56.98
CA ALA A 301 -9.06 -3.89 -56.48
C ALA A 301 -9.74 -4.11 -55.13
N ILE A 302 -9.58 -3.13 -54.23
CA ILE A 302 -10.13 -3.18 -52.89
C ILE A 302 -11.65 -3.33 -52.98
N GLN A 303 -12.27 -2.63 -53.95
CA GLN A 303 -13.72 -2.64 -54.10
C GLN A 303 -14.21 -4.01 -54.54
N GLU A 304 -13.47 -4.67 -55.45
CA GLU A 304 -13.85 -5.96 -55.99
C GLU A 304 -13.61 -7.06 -54.95
N GLY A 305 -12.68 -6.80 -54.02
CA GLY A 305 -12.41 -7.72 -52.93
C GLY A 305 -13.39 -7.56 -51.76
N LEU A 306 -14.11 -6.44 -51.74
CA LEU A 306 -15.05 -6.14 -50.67
C LEU A 306 -16.48 -6.16 -51.21
N ARG A 307 -16.70 -6.88 -52.31
CA ARG A 307 -18.06 -7.16 -52.76
C ARG A 307 -18.73 -7.98 -51.65
N LYS A 308 -19.94 -7.57 -51.26
CA LYS A 308 -20.61 -8.17 -50.13
C LYS A 308 -21.08 -9.58 -50.47
N GLU A 309 -21.61 -9.78 -51.68
CA GLU A 309 -22.00 -11.11 -52.13
C GLU A 309 -20.76 -11.86 -52.59
N PRO A 310 -20.36 -12.96 -51.90
CA PRO A 310 -19.10 -13.66 -52.22
C PRO A 310 -19.00 -14.17 -53.65
N ILE A 311 -20.14 -14.54 -54.24
CA ILE A 311 -20.17 -15.01 -55.62
C ILE A 311 -19.61 -13.92 -56.55
N HIS A 312 -19.85 -12.65 -56.21
CA HIS A 312 -19.39 -11.54 -57.03
C HIS A 312 -17.99 -11.11 -56.62
N ARG A 313 -17.61 -11.36 -55.36
CA ARG A 313 -16.28 -11.07 -54.88
C ARG A 313 -15.27 -11.85 -55.71
N VAL A 314 -14.12 -11.22 -55.99
CA VAL A 314 -13.06 -11.83 -56.77
C VAL A 314 -12.35 -12.90 -55.94
N SER A 315 -11.72 -13.86 -56.63
CA SER A 315 -10.90 -14.87 -55.99
C SER A 315 -9.56 -14.27 -55.57
N ALA A 316 -8.75 -15.05 -54.86
CA ALA A 316 -7.45 -14.59 -54.40
C ALA A 316 -6.51 -14.41 -55.58
N ALA A 317 -6.59 -15.33 -56.56
CA ALA A 317 -5.78 -15.27 -57.76
C ALA A 317 -6.14 -14.04 -58.58
N GLU A 318 -7.46 -13.82 -58.77
CA GLU A 318 -7.97 -12.70 -59.54
C GLU A 318 -7.49 -11.38 -58.92
N LEU A 319 -7.60 -11.27 -57.60
CA LEU A 319 -7.23 -10.06 -56.88
C LEU A 319 -5.70 -9.88 -56.90
N GLY A 320 -4.98 -11.01 -56.86
CA GLY A 320 -3.52 -10.97 -56.95
C GLY A 320 -3.07 -10.24 -58.22
N GLY A 321 -3.74 -10.55 -59.33
CA GLY A 321 -3.48 -9.90 -60.60
C GLY A 321 -3.72 -8.40 -60.51
N LYS A 322 -4.92 -8.03 -60.04
CA LYS A 322 -5.33 -6.64 -59.98
C LYS A 322 -4.33 -5.82 -59.17
N VAL A 323 -3.90 -6.36 -58.01
CA VAL A 323 -3.04 -5.61 -57.11
C VAL A 323 -1.62 -5.55 -57.70
N ASN A 324 -1.21 -6.58 -58.45
CA ASN A 324 0.11 -6.56 -59.10
C ASN A 324 0.16 -5.41 -60.10
N ARG A 325 -0.93 -5.25 -60.88
CA ARG A 325 -1.02 -4.19 -61.87
C ARG A 325 -1.13 -2.83 -61.18
N ALA A 326 -1.85 -2.78 -60.05
CA ALA A 326 -1.99 -1.54 -59.31
C ALA A 326 -0.63 -1.08 -58.76
N LEU A 327 0.23 -2.04 -58.40
CA LEU A 327 1.57 -1.72 -57.90
C LEU A 327 2.40 -1.16 -59.05
N GLN A 328 2.26 -1.72 -60.26
CA GLN A 328 2.93 -1.20 -61.45
C GLN A 328 2.47 0.22 -61.71
N GLN A 329 1.17 0.49 -61.53
CA GLN A 329 0.59 1.80 -61.77
C GLN A 329 1.20 2.86 -60.84
N VAL A 330 1.52 2.49 -59.59
CA VAL A 330 2.12 3.43 -58.65
C VAL A 330 3.64 3.42 -58.81
N GLY A 331 4.15 2.59 -59.73
CA GLY A 331 5.55 2.57 -60.09
C GLY A 331 6.38 1.65 -59.20
N GLY A 332 5.84 0.47 -58.88
CA GLY A 332 6.58 -0.58 -58.20
C GLY A 332 6.94 -0.21 -56.75
N LEU A 333 7.62 -1.13 -56.07
CA LEU A 333 8.02 -0.95 -54.68
C LEU A 333 9.23 -0.03 -54.64
N LYS A 334 9.01 1.24 -54.28
CA LYS A 334 10.06 2.23 -54.18
C LYS A 334 10.30 2.61 -52.72
N SER A 335 9.23 2.68 -51.92
CA SER A 335 9.31 3.18 -50.56
C SER A 335 10.35 2.38 -49.76
N PRO A 336 11.02 3.02 -48.76
CA PRO A 336 12.01 2.33 -47.95
C PRO A 336 11.36 1.41 -46.94
N TRP A 337 12.17 0.48 -46.40
CA TRP A 337 11.77 -0.40 -45.33
C TRP A 337 12.03 0.29 -43.99
N ARG A 338 10.98 0.45 -43.18
CA ARG A 338 11.05 1.16 -41.91
C ARG A 338 11.30 2.65 -42.17
N GLY A 339 10.45 3.26 -43.00
CA GLY A 339 10.61 4.65 -43.39
C GLY A 339 10.09 5.62 -42.31
N GLU A 340 9.64 6.80 -42.76
CA GLU A 340 9.17 7.84 -41.87
C GLU A 340 7.75 7.50 -41.40
N TYR A 341 7.41 8.00 -40.21
CA TYR A 341 6.10 7.77 -39.63
C TYR A 341 5.05 8.48 -40.47
N LYS A 342 3.85 7.89 -40.56
CA LYS A 342 2.69 8.47 -41.23
C LYS A 342 1.49 8.46 -40.29
N GLU A 343 0.89 9.63 -40.07
CA GLU A 343 -0.19 9.76 -39.11
C GLU A 343 -1.38 8.92 -39.59
N PRO A 344 -1.89 7.97 -38.77
CA PRO A 344 -3.09 7.20 -39.13
C PRO A 344 -4.32 8.10 -39.22
N ARG A 345 -5.35 7.67 -39.94
CA ARG A 345 -6.63 8.36 -39.92
C ARG A 345 -7.11 8.43 -38.47
N HIS A 346 -7.62 9.60 -38.05
CA HIS A 346 -8.22 9.77 -36.73
C HIS A 346 -9.75 9.77 -36.86
N PRO A 347 -10.50 9.47 -35.78
CA PRO A 347 -11.97 9.41 -35.84
C PRO A 347 -12.60 10.80 -36.01
N GLU B 6 -24.63 -7.90 -5.40
CA GLU B 6 -23.39 -8.41 -6.06
C GLU B 6 -23.47 -8.15 -7.56
N GLU B 7 -24.64 -8.42 -8.17
CA GLU B 7 -24.82 -8.24 -9.60
C GLU B 7 -24.53 -6.81 -10.03
N TYR B 8 -24.93 -5.85 -9.19
CA TYR B 8 -24.70 -4.42 -9.46
C TYR B 8 -23.22 -4.10 -9.34
N LEU B 9 -22.60 -4.62 -8.26
CA LEU B 9 -21.18 -4.44 -8.00
C LEU B 9 -20.37 -4.91 -9.21
N VAL B 10 -20.62 -6.16 -9.64
CA VAL B 10 -19.91 -6.77 -10.74
C VAL B 10 -19.98 -5.89 -11.98
N HIS B 11 -21.19 -5.41 -12.31
CA HIS B 11 -21.38 -4.60 -13.50
C HIS B 11 -20.44 -3.39 -13.47
N ALA B 12 -20.25 -2.81 -12.28
CA ALA B 12 -19.38 -1.64 -12.11
C ALA B 12 -17.92 -2.01 -12.34
N LEU B 13 -17.52 -3.19 -11.86
CA LEU B 13 -16.13 -3.62 -11.90
C LEU B 13 -15.73 -3.97 -13.34
N GLN B 14 -16.69 -4.49 -14.10
CA GLN B 14 -16.42 -5.04 -15.42
C GLN B 14 -15.94 -3.95 -16.37
N GLY B 15 -14.93 -4.29 -17.17
CA GLY B 15 -14.36 -3.38 -18.14
C GLY B 15 -13.22 -2.54 -17.57
N SER B 16 -13.00 -2.63 -16.25
CA SER B 16 -12.07 -1.74 -15.57
C SER B 16 -11.11 -2.54 -14.70
N VAL B 17 -9.92 -1.94 -14.44
CA VAL B 17 -9.00 -2.43 -13.44
C VAL B 17 -9.02 -1.43 -12.28
N SER B 18 -9.53 -1.88 -11.13
CA SER B 18 -9.77 -1.01 -10.00
C SER B 18 -8.91 -1.45 -8.82
N SER B 19 -8.49 -0.49 -8.00
CA SER B 19 -8.01 -0.80 -6.65
C SER B 19 -9.23 -1.07 -5.78
N GLY B 20 -9.20 -2.14 -5.00
CA GLY B 20 -10.35 -2.54 -4.19
C GLY B 20 -10.01 -3.68 -3.23
N GLN B 21 -11.05 -4.43 -2.82
CA GLN B 21 -10.91 -5.42 -1.77
C GLN B 21 -11.32 -6.79 -2.30
N ALA B 22 -11.00 -7.83 -1.50
CA ALA B 22 -11.10 -9.22 -1.90
C ALA B 22 -12.45 -9.53 -2.53
N HIS B 23 -13.56 -9.16 -1.87
CA HIS B 23 -14.89 -9.53 -2.32
C HIS B 23 -15.12 -9.05 -3.76
N SER B 24 -14.60 -7.87 -4.09
CA SER B 24 -14.73 -7.31 -5.44
C SER B 24 -14.02 -8.23 -6.44
N LEU B 25 -12.76 -8.56 -6.14
CA LEU B 25 -11.97 -9.47 -6.97
C LEU B 25 -12.70 -10.80 -7.11
N THR B 26 -13.12 -11.35 -5.97
CA THR B 26 -13.81 -12.62 -5.90
C THR B 26 -15.06 -12.60 -6.78
N SER B 27 -15.86 -11.52 -6.67
CA SER B 27 -17.12 -11.44 -7.38
C SER B 27 -16.89 -11.39 -8.88
N LEU B 28 -15.88 -10.63 -9.29
CA LEU B 28 -15.52 -10.49 -10.70
C LEU B 28 -14.99 -11.83 -11.24
N ALA B 29 -14.25 -12.55 -10.38
CA ALA B 29 -13.62 -13.81 -10.76
C ALA B 29 -14.68 -14.85 -11.14
N LYS B 30 -15.84 -14.77 -10.50
CA LYS B 30 -16.95 -15.66 -10.81
C LYS B 30 -17.36 -15.49 -12.27
N THR B 31 -17.36 -14.24 -12.75
CA THR B 31 -17.76 -13.97 -14.13
C THR B 31 -16.74 -14.57 -15.09
N TRP B 32 -15.45 -14.55 -14.72
CA TRP B 32 -14.37 -15.07 -15.54
C TRP B 32 -14.52 -16.57 -15.80
N ALA B 33 -14.89 -17.32 -14.75
CA ALA B 33 -15.05 -18.75 -14.86
C ALA B 33 -16.17 -19.09 -15.85
N ALA B 34 -17.22 -18.27 -15.85
CA ALA B 34 -18.37 -18.46 -16.72
C ALA B 34 -18.00 -18.21 -18.18
N ARG B 35 -17.16 -17.19 -18.41
CA ARG B 35 -16.77 -16.77 -19.74
C ARG B 35 -15.79 -17.78 -20.35
N GLY B 36 -14.99 -18.42 -19.49
CA GLY B 36 -14.03 -19.43 -19.92
C GLY B 36 -14.72 -20.68 -20.49
N SER B 37 -15.96 -20.91 -20.06
CA SER B 37 -16.76 -22.04 -20.52
C SER B 37 -17.39 -21.76 -21.87
N ARG B 38 -17.42 -20.48 -22.29
CA ARG B 38 -18.12 -20.04 -23.49
C ARG B 38 -17.45 -20.60 -24.75
N SER B 39 -18.20 -20.62 -25.85
CA SER B 39 -17.70 -21.08 -27.13
C SER B 39 -16.59 -20.15 -27.64
N ARG B 40 -15.76 -20.69 -28.55
CA ARG B 40 -14.77 -19.87 -29.24
C ARG B 40 -15.48 -18.74 -29.96
N GLU B 41 -14.95 -17.52 -29.84
CA GLU B 41 -15.51 -16.34 -30.48
C GLU B 41 -14.40 -15.65 -31.29
N PRO B 42 -14.74 -14.70 -32.18
CA PRO B 42 -13.74 -13.87 -32.85
C PRO B 42 -13.16 -12.85 -31.88
N SER B 43 -11.85 -12.59 -31.98
CA SER B 43 -11.21 -11.58 -31.15
C SER B 43 -11.70 -10.20 -31.60
N PRO B 44 -12.19 -9.35 -30.66
CA PRO B 44 -12.55 -7.97 -31.01
C PRO B 44 -11.29 -7.12 -31.26
N LYS B 45 -11.49 -5.82 -31.53
CA LYS B 45 -10.35 -4.91 -31.67
C LYS B 45 -9.92 -4.51 -30.26
N THR B 46 -10.91 -4.19 -29.40
CA THR B 46 -10.68 -3.88 -27.99
C THR B 46 -10.70 -5.17 -27.16
N GLU B 47 -9.51 -5.60 -26.72
CA GLU B 47 -9.36 -6.73 -25.83
C GLU B 47 -9.72 -6.27 -24.42
N ASP B 48 -10.75 -6.88 -23.83
CA ASP B 48 -11.24 -6.48 -22.50
C ASP B 48 -10.11 -6.55 -21.48
N ASN B 49 -9.96 -5.49 -20.68
CA ASN B 49 -8.93 -5.44 -19.66
C ASN B 49 -9.61 -5.06 -18.34
N GLU B 50 -9.74 -6.04 -17.45
CA GLU B 50 -10.47 -5.84 -16.20
C GLU B 50 -9.81 -6.67 -15.09
N GLY B 51 -10.14 -6.32 -13.84
CA GLY B 51 -9.59 -6.96 -12.67
C GLY B 51 -9.68 -6.04 -11.44
N VAL B 52 -9.11 -6.49 -10.32
CA VAL B 52 -8.93 -5.61 -9.17
C VAL B 52 -7.62 -6.00 -8.49
N LEU B 53 -6.93 -4.96 -7.98
CA LEU B 53 -5.66 -5.09 -7.28
C LEU B 53 -5.88 -4.72 -5.82
N LEU B 54 -5.19 -5.46 -4.92
CA LEU B 54 -5.49 -5.43 -3.49
C LEU B 54 -4.38 -4.72 -2.72
N THR B 55 -3.44 -4.10 -3.43
CA THR B 55 -2.34 -3.38 -2.81
C THR B 55 -2.03 -2.18 -3.69
N GLU B 56 -1.58 -1.09 -3.06
CA GLU B 56 -1.25 0.13 -3.79
C GLU B 56 0.10 -0.01 -4.48
N LYS B 57 0.81 -1.12 -4.22
CA LYS B 57 2.11 -1.38 -4.82
C LYS B 57 1.95 -1.81 -6.27
N LEU B 58 0.72 -2.22 -6.63
CA LEU B 58 0.31 -2.45 -8.01
C LEU B 58 -0.74 -1.39 -8.36
N LYS B 59 -0.38 -0.43 -9.22
CA LYS B 59 -1.24 0.70 -9.51
C LYS B 59 -1.81 0.61 -10.93
N PRO B 60 -3.15 0.58 -11.08
CA PRO B 60 -3.77 0.80 -12.38
C PRO B 60 -3.50 2.22 -12.87
N VAL B 61 -3.62 2.42 -14.18
CA VAL B 61 -3.56 3.74 -14.79
C VAL B 61 -4.81 3.93 -15.64
N ASP B 62 -5.72 4.80 -15.18
CA ASP B 62 -6.95 5.08 -15.89
C ASP B 62 -7.72 3.78 -16.10
N TYR B 63 -7.81 2.97 -15.04
CA TYR B 63 -8.58 1.73 -15.04
C TYR B 63 -8.03 0.72 -16.04
N GLU B 64 -6.70 0.75 -16.24
CA GLU B 64 -6.04 -0.20 -17.12
C GLU B 64 -4.78 -0.75 -16.45
N TYR B 65 -4.47 -2.01 -16.75
CA TYR B 65 -3.27 -2.67 -16.25
C TYR B 65 -2.89 -3.75 -17.26
N ARG B 66 -2.04 -3.36 -18.22
CA ARG B 66 -1.69 -4.20 -19.34
C ARG B 66 -0.21 -4.56 -19.29
N GLU B 67 0.07 -5.85 -19.52
CA GLU B 67 1.44 -6.33 -19.58
C GLU B 67 2.19 -5.62 -20.70
N GLU B 68 3.48 -5.36 -20.43
CA GLU B 68 4.40 -4.65 -21.31
C GLU B 68 4.03 -3.18 -21.47
N VAL B 69 2.98 -2.72 -20.77
CA VAL B 69 2.63 -1.31 -20.75
C VAL B 69 2.83 -0.78 -19.33
N HIS B 70 2.06 -1.33 -18.38
CA HIS B 70 2.08 -0.87 -17.00
C HIS B 70 2.92 -1.81 -16.13
N TRP B 71 3.25 -3.00 -16.66
CA TRP B 71 4.05 -3.98 -15.94
C TRP B 71 4.68 -4.94 -16.93
N ALA B 72 5.65 -5.73 -16.46
CA ALA B 72 6.35 -6.67 -17.31
C ALA B 72 6.92 -7.80 -16.46
N THR B 73 7.20 -8.93 -17.12
CA THR B 73 7.92 -10.03 -16.49
C THR B 73 9.41 -9.79 -16.70
N HIS B 74 10.24 -10.33 -15.80
CA HIS B 74 11.68 -10.35 -16.05
C HIS B 74 12.24 -11.73 -15.73
N GLN B 75 13.44 -11.98 -16.27
CA GLN B 75 14.22 -13.16 -15.95
C GLN B 75 13.48 -14.41 -16.44
N LEU B 76 14.03 -15.58 -16.14
CA LEU B 76 13.41 -16.83 -16.52
C LEU B 76 12.26 -17.16 -15.58
N ARG B 77 11.44 -18.12 -16.01
CA ARG B 77 10.25 -18.55 -15.31
C ARG B 77 10.63 -19.12 -13.94
N LEU B 78 9.80 -18.82 -12.93
CA LEU B 78 9.97 -19.37 -11.59
C LEU B 78 9.55 -20.84 -11.55
N GLY B 79 8.46 -21.17 -12.24
CA GLY B 79 7.97 -22.53 -12.28
C GLY B 79 6.68 -22.63 -13.10
N ARG B 80 6.25 -23.87 -13.35
CA ARG B 80 5.07 -24.13 -14.15
C ARG B 80 4.44 -25.43 -13.68
N GLY B 81 3.15 -25.41 -13.36
CA GLY B 81 2.44 -26.62 -13.00
C GLY B 81 1.61 -27.15 -14.16
N SER B 82 0.44 -27.71 -13.85
CA SER B 82 -0.47 -28.22 -14.86
C SER B 82 -1.34 -27.12 -15.47
N PHE B 83 -1.37 -25.93 -14.86
CA PHE B 83 -2.35 -24.93 -15.26
C PHE B 83 -1.77 -23.53 -15.48
N GLY B 84 -0.66 -23.19 -14.83
CA GLY B 84 -0.13 -21.83 -14.91
C GLY B 84 1.40 -21.82 -14.98
N GLU B 85 1.95 -20.85 -15.74
CA GLU B 85 3.35 -20.48 -15.68
C GLU B 85 3.49 -19.31 -14.72
N VAL B 86 4.54 -19.31 -13.90
CA VAL B 86 4.78 -18.26 -12.93
C VAL B 86 6.10 -17.56 -13.22
N HIS B 87 6.10 -16.22 -13.17
CA HIS B 87 7.28 -15.42 -13.43
C HIS B 87 7.46 -14.35 -12.35
N ARG B 88 8.66 -13.79 -12.28
CA ARG B 88 8.89 -12.53 -11.60
C ARG B 88 8.30 -11.40 -12.44
N MET B 89 7.81 -10.36 -11.78
CA MET B 89 7.26 -9.21 -12.48
C MET B 89 7.66 -7.91 -11.78
N GLU B 90 7.53 -6.81 -12.50
CA GLU B 90 7.81 -5.48 -11.96
C GLU B 90 6.72 -4.52 -12.43
N ASP B 91 6.16 -3.75 -11.50
CA ASP B 91 5.23 -2.68 -11.85
C ASP B 91 6.06 -1.47 -12.28
N LYS B 92 5.76 -0.94 -13.47
CA LYS B 92 6.60 0.07 -14.08
C LYS B 92 6.50 1.40 -13.34
N GLN B 93 5.38 1.63 -12.63
CA GLN B 93 5.18 2.89 -11.92
C GLN B 93 5.77 2.82 -10.51
N THR B 94 5.45 1.76 -9.76
CA THR B 94 5.82 1.67 -8.34
C THR B 94 7.19 1.01 -8.19
N GLY B 95 7.60 0.22 -9.18
CA GLY B 95 8.87 -0.50 -9.11
C GLY B 95 8.75 -1.79 -8.28
N PHE B 96 7.55 -2.05 -7.74
CA PHE B 96 7.32 -3.21 -6.89
C PHE B 96 7.52 -4.48 -7.70
N GLN B 97 8.10 -5.51 -7.06
CA GLN B 97 8.28 -6.81 -7.68
C GLN B 97 7.41 -7.84 -6.97
N CYS B 98 6.86 -8.77 -7.75
CA CYS B 98 6.05 -9.86 -7.21
C CYS B 98 6.00 -10.99 -8.23
N ALA B 99 5.15 -11.99 -7.98
CA ALA B 99 5.00 -13.10 -8.90
C ALA B 99 3.68 -12.98 -9.66
N VAL B 100 3.71 -13.40 -10.94
CA VAL B 100 2.50 -13.54 -11.74
C VAL B 100 2.30 -15.02 -12.04
N LYS B 101 1.07 -15.49 -11.82
CA LYS B 101 0.65 -16.78 -12.35
C LYS B 101 -0.28 -16.51 -13.53
N LYS B 102 0.13 -16.98 -14.73
CA LYS B 102 -0.62 -16.79 -15.95
C LYS B 102 -1.45 -18.04 -16.21
N VAL B 103 -2.77 -17.85 -16.35
CA VAL B 103 -3.69 -18.94 -16.59
C VAL B 103 -4.62 -18.54 -17.73
N ARG B 104 -4.88 -19.50 -18.63
CA ARG B 104 -5.87 -19.28 -19.68
C ARG B 104 -7.25 -19.22 -19.03
N LEU B 105 -8.09 -18.33 -19.55
CA LEU B 105 -9.45 -18.14 -19.04
C LEU B 105 -10.20 -19.46 -19.08
N GLU B 106 -9.95 -20.27 -20.12
CA GLU B 106 -10.70 -21.48 -20.34
C GLU B 106 -10.46 -22.54 -19.25
N VAL B 107 -9.38 -22.40 -18.47
CA VAL B 107 -9.09 -23.37 -17.42
C VAL B 107 -9.16 -22.71 -16.04
N PHE B 108 -9.59 -21.44 -16.00
CA PHE B 108 -9.55 -20.68 -14.76
C PHE B 108 -10.73 -21.07 -13.87
N ARG B 109 -10.49 -21.03 -12.55
CA ARG B 109 -11.54 -21.28 -11.56
C ARG B 109 -11.54 -20.15 -10.53
N ALA B 110 -12.71 -19.55 -10.31
CA ALA B 110 -12.85 -18.46 -9.36
C ALA B 110 -12.40 -18.89 -7.96
N GLU B 111 -12.58 -20.18 -7.63
CA GLU B 111 -12.22 -20.72 -6.33
C GLU B 111 -10.74 -20.51 -6.02
N GLU B 112 -9.89 -20.42 -7.06
CA GLU B 112 -8.47 -20.22 -6.85
C GLU B 112 -8.22 -18.89 -6.14
N LEU B 113 -9.08 -17.89 -6.39
CA LEU B 113 -8.97 -16.60 -5.74
C LEU B 113 -9.82 -16.58 -4.48
N MET B 114 -11.05 -17.10 -4.59
CA MET B 114 -11.97 -17.17 -3.46
C MET B 114 -11.26 -17.78 -2.25
N ALA B 115 -10.44 -18.80 -2.50
CA ALA B 115 -9.84 -19.60 -1.45
C ALA B 115 -8.69 -18.89 -0.75
N CYS B 116 -8.21 -17.74 -1.25
CA CYS B 116 -7.07 -17.10 -0.60
C CYS B 116 -7.10 -15.57 -0.65
N ALA B 117 -8.03 -14.95 -1.39
CA ALA B 117 -8.18 -13.51 -1.34
C ALA B 117 -8.72 -13.11 0.03
N GLY B 118 -7.97 -12.23 0.73
CA GLY B 118 -8.43 -11.62 1.97
C GLY B 118 -7.97 -12.36 3.23
N LEU B 119 -7.50 -13.61 3.06
CA LEU B 119 -6.96 -14.39 4.17
C LEU B 119 -5.70 -13.71 4.70
N THR B 120 -5.36 -14.00 5.96
CA THR B 120 -4.21 -13.39 6.62
C THR B 120 -3.53 -14.41 7.53
N SER B 121 -3.29 -15.62 7.00
CA SER B 121 -2.38 -16.56 7.63
C SER B 121 -1.01 -16.40 6.98
N PRO B 122 0.08 -16.40 7.78
CA PRO B 122 1.43 -16.39 7.20
C PRO B 122 1.80 -17.71 6.51
N ARG B 123 0.90 -18.70 6.58
CA ARG B 123 1.10 -20.00 5.96
C ARG B 123 0.41 -20.08 4.59
N ILE B 124 -0.11 -18.94 4.12
CA ILE B 124 -0.79 -18.87 2.83
C ILE B 124 -0.28 -17.65 2.07
N VAL B 125 0.19 -17.86 0.83
CA VAL B 125 0.70 -16.77 0.03
C VAL B 125 -0.34 -15.67 0.01
N PRO B 126 0.07 -14.42 0.33
CA PRO B 126 -0.77 -13.25 0.10
C PRO B 126 -1.06 -13.09 -1.39
N LEU B 127 -2.33 -12.88 -1.71
CA LEU B 127 -2.77 -12.55 -3.06
C LEU B 127 -2.79 -11.03 -3.20
N TYR B 128 -2.13 -10.51 -4.25
CA TYR B 128 -2.01 -9.08 -4.46
C TYR B 128 -3.06 -8.56 -5.45
N GLY B 129 -3.69 -9.47 -6.21
CA GLY B 129 -4.73 -9.08 -7.15
C GLY B 129 -4.75 -10.00 -8.36
N ALA B 130 -5.65 -9.70 -9.30
CA ALA B 130 -5.72 -10.42 -10.56
C ALA B 130 -6.39 -9.55 -11.61
N VAL B 131 -5.81 -9.50 -12.81
CA VAL B 131 -6.41 -8.82 -13.94
C VAL B 131 -6.29 -9.71 -15.17
N ARG B 132 -7.19 -9.49 -16.13
CA ARG B 132 -7.19 -10.28 -17.35
C ARG B 132 -7.13 -9.34 -18.55
N GLU B 133 -6.35 -9.75 -19.55
CA GLU B 133 -6.36 -9.14 -20.86
C GLU B 133 -6.98 -10.14 -21.82
N GLY B 134 -8.25 -9.93 -22.15
CA GLY B 134 -9.01 -10.91 -22.89
C GLY B 134 -9.00 -12.27 -22.19
N PRO B 135 -8.46 -13.32 -22.85
CA PRO B 135 -8.44 -14.66 -22.26
C PRO B 135 -7.22 -14.96 -21.39
N TRP B 136 -6.32 -13.97 -21.26
CA TRP B 136 -5.10 -14.13 -20.49
C TRP B 136 -5.32 -13.64 -19.06
N VAL B 137 -5.39 -14.57 -18.11
CA VAL B 137 -5.58 -14.21 -16.70
C VAL B 137 -4.22 -14.15 -16.02
N ASN B 138 -4.01 -13.07 -15.25
CA ASN B 138 -2.79 -12.84 -14.52
C ASN B 138 -3.13 -12.73 -13.04
N ILE B 139 -2.49 -13.55 -12.21
CA ILE B 139 -2.76 -13.59 -10.78
C ILE B 139 -1.47 -13.18 -10.06
N PHE B 140 -1.56 -12.06 -9.32
CA PHE B 140 -0.38 -11.45 -8.70
C PHE B 140 -0.36 -11.80 -7.22
N MET B 141 0.85 -12.10 -6.72
CA MET B 141 1.04 -12.60 -5.37
C MET B 141 2.48 -12.38 -4.94
N GLU B 142 2.69 -12.40 -3.62
CA GLU B 142 4.03 -12.28 -3.05
C GLU B 142 4.96 -13.24 -3.76
N LEU B 143 6.16 -12.76 -4.06
CA LEU B 143 7.22 -13.59 -4.62
C LEU B 143 8.03 -14.17 -3.47
N LEU B 144 8.21 -15.49 -3.47
CA LEU B 144 9.04 -16.15 -2.47
C LEU B 144 10.34 -16.64 -3.12
N GLU B 145 11.46 -16.26 -2.48
CA GLU B 145 12.78 -16.36 -3.09
C GLU B 145 13.41 -17.72 -2.82
N GLY B 146 12.74 -18.56 -2.02
CA GLY B 146 13.29 -19.84 -1.60
C GLY B 146 12.81 -21.00 -2.49
N GLY B 147 11.97 -20.70 -3.48
CA GLY B 147 11.41 -21.71 -4.36
C GLY B 147 10.35 -22.55 -3.67
N SER B 148 9.94 -23.63 -4.35
CA SER B 148 8.95 -24.54 -3.81
C SER B 148 9.64 -25.59 -2.93
N LEU B 149 8.88 -26.14 -1.99
CA LEU B 149 9.33 -27.28 -1.21
C LEU B 149 9.69 -28.43 -2.15
N GLY B 150 8.94 -28.55 -3.25
CA GLY B 150 9.20 -29.58 -4.26
C GLY B 150 10.60 -29.45 -4.87
N GLN B 151 10.99 -28.21 -5.20
CA GLN B 151 12.31 -27.93 -5.77
C GLN B 151 13.40 -28.32 -4.76
N LEU B 152 13.15 -28.03 -3.48
CA LEU B 152 14.11 -28.32 -2.43
C LEU B 152 14.31 -29.83 -2.32
N VAL B 153 13.21 -30.58 -2.28
CA VAL B 153 13.25 -32.03 -2.20
C VAL B 153 14.03 -32.60 -3.38
N LYS B 154 13.85 -32.00 -4.56
CA LYS B 154 14.55 -32.47 -5.75
C LYS B 154 16.05 -32.22 -5.62
N GLU B 155 16.43 -31.00 -5.21
CA GLU B 155 17.82 -30.61 -5.06
C GLU B 155 18.53 -31.46 -4.01
N GLN B 156 17.92 -31.52 -2.82
CA GLN B 156 18.53 -32.18 -1.67
C GLN B 156 18.40 -33.68 -1.80
N GLY B 157 17.55 -34.16 -2.72
CA GLY B 157 17.26 -35.58 -2.85
C GLY B 157 16.13 -35.98 -1.90
N CYS B 158 16.39 -35.89 -0.60
CA CYS B 158 15.30 -35.89 0.36
C CYS B 158 15.66 -34.98 1.51
N LEU B 159 14.69 -34.82 2.41
CA LEU B 159 14.86 -33.91 3.54
C LEU B 159 15.10 -34.74 4.80
N PRO B 160 15.94 -34.24 5.73
CA PRO B 160 16.00 -34.78 7.09
C PRO B 160 14.62 -34.80 7.75
N GLU B 161 14.43 -35.72 8.70
CA GLU B 161 13.16 -35.89 9.39
C GLU B 161 12.72 -34.59 10.08
N ASP B 162 13.70 -33.77 10.50
CA ASP B 162 13.36 -32.59 11.29
C ASP B 162 12.85 -31.47 10.38
N ARG B 163 13.51 -31.25 9.23
CA ARG B 163 13.03 -30.31 8.23
C ARG B 163 11.63 -30.71 7.77
N ALA B 164 11.44 -32.01 7.50
CA ALA B 164 10.19 -32.55 6.99
C ALA B 164 9.05 -32.27 7.96
N LEU B 165 9.27 -32.61 9.23
CA LEU B 165 8.28 -32.37 10.28
C LEU B 165 7.97 -30.88 10.38
N TYR B 166 9.02 -30.06 10.29
CA TYR B 166 8.90 -28.62 10.44
C TYR B 166 7.96 -28.05 9.38
N TYR B 167 8.19 -28.42 8.12
CA TYR B 167 7.43 -27.88 6.99
C TYR B 167 6.02 -28.47 6.99
N LEU B 168 5.90 -29.78 7.24
CA LEU B 168 4.60 -30.43 7.36
C LEU B 168 3.75 -29.69 8.40
N GLY B 169 4.39 -29.29 9.51
CA GLY B 169 3.70 -28.58 10.58
C GLY B 169 3.13 -27.25 10.09
N GLN B 170 3.94 -26.50 9.32
CA GLN B 170 3.55 -25.20 8.82
C GLN B 170 2.42 -25.36 7.81
N ALA B 171 2.52 -26.38 6.96
CA ALA B 171 1.47 -26.72 6.03
C ALA B 171 0.15 -26.94 6.78
N LEU B 172 0.22 -27.69 7.88
CA LEU B 172 -0.98 -28.05 8.64
C LEU B 172 -1.52 -26.83 9.36
N GLU B 173 -0.65 -25.90 9.78
CA GLU B 173 -1.10 -24.63 10.30
C GLU B 173 -1.98 -23.94 9.25
N GLY B 174 -1.49 -23.93 8.00
CA GLY B 174 -2.20 -23.34 6.88
C GLY B 174 -3.52 -24.04 6.58
N LEU B 175 -3.50 -25.37 6.59
CA LEU B 175 -4.69 -26.16 6.28
C LEU B 175 -5.77 -25.93 7.35
N GLU B 176 -5.35 -25.85 8.62
CA GLU B 176 -6.26 -25.64 9.73
C GLU B 176 -6.99 -24.31 9.56
N TYR B 177 -6.23 -23.29 9.13
CA TYR B 177 -6.78 -21.96 8.88
C TYR B 177 -7.81 -22.04 7.75
N LEU B 178 -7.43 -22.69 6.65
CA LEU B 178 -8.33 -22.91 5.53
C LEU B 178 -9.57 -23.68 5.99
N HIS B 179 -9.35 -24.84 6.62
CA HIS B 179 -10.42 -25.77 6.91
C HIS B 179 -11.43 -25.12 7.86
N SER B 180 -10.93 -24.33 8.81
CA SER B 180 -11.82 -23.64 9.75
C SER B 180 -12.66 -22.60 9.02
N ARG B 181 -12.21 -22.14 7.84
CA ARG B 181 -12.96 -21.22 7.01
C ARG B 181 -13.73 -21.96 5.90
N ARG B 182 -13.85 -23.29 6.04
CA ARG B 182 -14.62 -24.11 5.12
C ARG B 182 -13.99 -24.10 3.73
N ILE B 183 -12.66 -23.96 3.66
CA ILE B 183 -11.94 -24.03 2.40
C ILE B 183 -11.10 -25.30 2.37
N LEU B 184 -11.23 -26.06 1.28
CA LEU B 184 -10.38 -27.19 0.97
C LEU B 184 -9.29 -26.74 -0.02
N HIS B 185 -8.05 -27.13 0.24
CA HIS B 185 -6.95 -26.73 -0.63
C HIS B 185 -7.04 -27.47 -1.96
N GLY B 186 -7.10 -28.80 -1.89
CA GLY B 186 -7.49 -29.60 -3.05
C GLY B 186 -6.30 -30.21 -3.78
N ASP B 187 -5.08 -29.74 -3.49
CA ASP B 187 -3.89 -30.21 -4.16
C ASP B 187 -2.67 -29.95 -3.28
N VAL B 188 -2.73 -30.43 -2.04
CA VAL B 188 -1.61 -30.28 -1.13
C VAL B 188 -0.48 -31.16 -1.65
N LYS B 189 0.68 -30.53 -1.91
CA LYS B 189 1.89 -31.26 -2.25
C LYS B 189 3.08 -30.31 -2.18
N ALA B 190 4.28 -30.86 -2.23
CA ALA B 190 5.51 -30.11 -2.05
C ALA B 190 5.59 -28.94 -3.04
N ASP B 191 5.30 -29.22 -4.33
CA ASP B 191 5.38 -28.23 -5.39
C ASP B 191 4.47 -27.03 -5.12
N ASN B 192 3.46 -27.21 -4.25
CA ASN B 192 2.53 -26.13 -3.92
C ASN B 192 2.80 -25.60 -2.51
N VAL B 193 4.03 -25.73 -2.02
CA VAL B 193 4.46 -25.06 -0.80
C VAL B 193 5.67 -24.19 -1.17
N LEU B 194 5.64 -22.91 -0.79
CA LEU B 194 6.69 -21.98 -1.16
C LEU B 194 7.50 -21.63 0.09
N LEU B 195 8.78 -21.27 -0.11
CA LEU B 195 9.72 -21.09 0.98
C LEU B 195 10.38 -19.72 0.93
N SER B 196 10.80 -19.23 2.11
CA SER B 196 11.63 -18.03 2.26
C SER B 196 13.02 -18.27 1.66
N SER B 197 13.80 -17.19 1.54
CA SER B 197 15.18 -17.25 1.12
C SER B 197 15.99 -18.10 2.10
N ASP B 198 15.77 -17.88 3.40
CA ASP B 198 16.48 -18.61 4.46
C ASP B 198 15.88 -20.00 4.69
N GLY B 199 14.71 -20.26 4.10
CA GLY B 199 14.05 -21.56 4.19
C GLY B 199 13.33 -21.74 5.52
N SER B 200 13.06 -20.63 6.22
CA SER B 200 12.52 -20.69 7.57
C SER B 200 11.00 -20.64 7.55
N HIS B 201 10.40 -19.95 6.58
CA HIS B 201 8.95 -19.79 6.52
C HIS B 201 8.42 -20.51 5.28
N ALA B 202 7.29 -21.20 5.46
CA ALA B 202 6.61 -21.92 4.39
C ALA B 202 5.18 -21.41 4.27
N ALA B 203 4.66 -21.42 3.04
CA ALA B 203 3.31 -20.98 2.77
C ALA B 203 2.71 -21.79 1.63
N LEU B 204 1.41 -22.10 1.75
CA LEU B 204 0.67 -22.82 0.73
C LEU B 204 0.42 -21.90 -0.46
N CYS B 205 0.52 -22.45 -1.66
CA CYS B 205 0.07 -21.78 -2.87
C CYS B 205 -0.81 -22.73 -3.69
N ASP B 206 -1.28 -22.21 -4.83
CA ASP B 206 -1.90 -23.03 -5.85
C ASP B 206 -3.26 -23.54 -5.39
N PHE B 207 -4.26 -22.66 -5.43
CA PHE B 207 -5.61 -22.99 -5.00
C PHE B 207 -6.46 -23.33 -6.22
N GLY B 208 -5.81 -23.85 -7.27
CA GLY B 208 -6.49 -24.13 -8.51
C GLY B 208 -7.46 -25.30 -8.40
N HIS B 209 -7.31 -26.13 -7.35
CA HIS B 209 -8.20 -27.25 -7.13
C HIS B 209 -9.00 -27.05 -5.85
N ALA B 210 -8.98 -25.83 -5.33
CA ALA B 210 -9.73 -25.52 -4.12
C ALA B 210 -11.22 -25.64 -4.39
N VAL B 211 -11.94 -26.09 -3.37
CA VAL B 211 -13.39 -26.10 -3.38
C VAL B 211 -13.86 -25.50 -2.06
N CYS B 212 -14.94 -24.71 -2.13
CA CYS B 212 -15.53 -24.09 -0.96
C CYS B 212 -16.59 -25.01 -0.37
N LEU B 213 -16.21 -25.72 0.69
CA LEU B 213 -17.10 -26.62 1.41
C LEU B 213 -18.32 -25.86 1.87
N GLN B 214 -19.51 -26.40 1.54
CA GLN B 214 -20.79 -25.84 1.93
C GLN B 214 -20.89 -25.85 3.46
N PRO B 215 -21.64 -24.91 4.10
CA PRO B 215 -21.71 -24.82 5.55
C PRO B 215 -21.59 -26.13 6.35
N ASP B 216 -22.18 -27.21 5.83
CA ASP B 216 -22.04 -28.53 6.44
C ASP B 216 -20.59 -28.99 6.35
N GLY B 217 -20.03 -28.93 5.13
CA GLY B 217 -18.68 -29.42 4.88
C GLY B 217 -18.70 -30.80 4.22
N LEU B 218 -19.33 -30.87 3.03
CA LEU B 218 -19.24 -32.03 2.15
C LEU B 218 -19.22 -31.54 0.70
N GLY B 219 -18.28 -32.04 -0.11
CA GLY B 219 -18.01 -31.50 -1.43
C GLY B 219 -19.25 -31.48 -2.32
N TYR B 227 -15.50 -31.76 -6.62
CA TYR B 227 -14.07 -31.85 -6.24
C TYR B 227 -13.35 -32.86 -7.15
N ILE B 228 -12.49 -32.34 -8.04
CA ILE B 228 -11.48 -33.14 -8.71
C ILE B 228 -10.16 -32.90 -7.99
N PRO B 229 -9.39 -33.97 -7.67
CA PRO B 229 -8.10 -33.80 -7.01
C PRO B 229 -6.99 -33.33 -7.94
N GLY B 230 -5.97 -32.69 -7.37
CA GLY B 230 -4.94 -32.03 -8.13
C GLY B 230 -3.90 -33.02 -8.67
N THR B 231 -3.49 -33.97 -7.83
CA THR B 231 -2.36 -34.83 -8.12
C THR B 231 -2.72 -36.26 -7.76
N GLU B 232 -2.47 -37.19 -8.70
CA GLU B 232 -2.89 -38.58 -8.58
C GLU B 232 -2.23 -39.25 -7.38
N THR B 233 -0.90 -39.11 -7.26
CA THR B 233 -0.14 -39.79 -6.21
C THR B 233 -0.64 -39.39 -4.82
N HIS B 234 -1.18 -38.16 -4.70
CA HIS B 234 -1.58 -37.64 -3.41
C HIS B 234 -3.09 -37.71 -3.19
N MET B 235 -3.83 -38.45 -4.03
CA MET B 235 -5.27 -38.61 -3.84
C MET B 235 -5.57 -39.52 -2.66
N ALA B 236 -6.63 -39.16 -1.92
CA ALA B 236 -7.12 -39.97 -0.81
C ALA B 236 -8.12 -41.01 -1.31
N PRO B 237 -8.26 -42.18 -0.62
CA PRO B 237 -9.12 -43.26 -1.11
C PRO B 237 -10.58 -42.89 -1.33
N GLU B 238 -11.14 -42.04 -0.44
CA GLU B 238 -12.53 -41.66 -0.54
C GLU B 238 -12.79 -40.94 -1.85
N VAL B 239 -11.79 -40.21 -2.34
CA VAL B 239 -11.90 -39.49 -3.60
C VAL B 239 -12.03 -40.51 -4.73
N VAL B 240 -11.08 -41.45 -4.79
CA VAL B 240 -11.02 -42.49 -5.80
C VAL B 240 -12.31 -43.30 -5.80
N LEU B 241 -12.88 -43.55 -4.62
CA LEU B 241 -14.08 -44.37 -4.51
C LEU B 241 -15.32 -43.57 -4.93
N GLY B 242 -15.14 -42.26 -5.16
CA GLY B 242 -16.20 -41.39 -5.64
C GLY B 242 -17.22 -41.05 -4.55
N ARG B 243 -16.77 -41.06 -3.29
CA ARG B 243 -17.65 -40.84 -2.15
C ARG B 243 -17.68 -39.37 -1.77
N SER B 244 -18.36 -39.05 -0.67
CA SER B 244 -18.41 -37.68 -0.17
C SER B 244 -17.05 -37.30 0.43
N CYS B 245 -16.61 -36.06 0.16
CA CYS B 245 -15.29 -35.60 0.54
C CYS B 245 -15.37 -34.41 1.48
N ASP B 246 -14.42 -34.32 2.42
CA ASP B 246 -14.33 -33.20 3.36
C ASP B 246 -12.87 -32.77 3.46
N ALA B 247 -12.54 -31.99 4.51
CA ALA B 247 -11.22 -31.43 4.67
C ALA B 247 -10.15 -32.52 4.86
N LYS B 248 -10.57 -33.72 5.26
CA LYS B 248 -9.65 -34.80 5.58
C LYS B 248 -8.80 -35.18 4.36
N VAL B 249 -9.40 -35.00 3.18
CA VAL B 249 -8.73 -35.15 1.90
C VAL B 249 -7.35 -34.47 1.91
N ASP B 250 -7.28 -33.27 2.47
CA ASP B 250 -6.04 -32.51 2.51
C ASP B 250 -5.01 -33.15 3.45
N VAL B 251 -5.46 -33.77 4.55
CA VAL B 251 -4.51 -34.26 5.54
C VAL B 251 -3.86 -35.52 4.95
N TRP B 252 -4.66 -36.29 4.20
CA TRP B 252 -4.11 -37.41 3.45
C TRP B 252 -3.00 -36.92 2.54
N SER B 253 -3.29 -35.86 1.77
CA SER B 253 -2.34 -35.29 0.84
C SER B 253 -1.07 -34.84 1.56
N SER B 254 -1.22 -34.21 2.72
CA SER B 254 -0.10 -33.70 3.48
C SER B 254 0.84 -34.83 3.92
N CYS B 255 0.26 -36.01 4.21
CA CYS B 255 1.05 -37.16 4.62
C CYS B 255 1.75 -37.81 3.42
N CYS B 256 1.15 -37.69 2.23
CA CYS B 256 1.83 -38.10 1.00
C CYS B 256 3.03 -37.20 0.75
N MET B 257 2.82 -35.88 0.93
CA MET B 257 3.89 -34.91 0.82
C MET B 257 4.97 -35.22 1.86
N MET B 258 4.55 -35.64 3.06
CA MET B 258 5.49 -36.00 4.10
C MET B 258 6.38 -37.14 3.62
N LEU B 259 5.76 -38.19 3.09
CA LEU B 259 6.50 -39.33 2.54
C LEU B 259 7.44 -38.85 1.43
N HIS B 260 6.95 -37.93 0.59
CA HIS B 260 7.74 -37.38 -0.50
C HIS B 260 9.02 -36.76 0.03
N MET B 261 8.91 -35.98 1.11
CA MET B 261 10.05 -35.28 1.68
C MET B 261 11.05 -36.27 2.27
N LEU B 262 10.55 -37.31 2.94
CA LEU B 262 11.41 -38.27 3.62
C LEU B 262 12.12 -39.16 2.61
N ASN B 263 11.39 -39.68 1.62
CA ASN B 263 11.92 -40.69 0.70
C ASN B 263 12.48 -40.09 -0.58
N GLY B 264 12.14 -38.82 -0.87
CA GLY B 264 12.57 -38.16 -2.09
C GLY B 264 11.82 -38.67 -3.32
N CYS B 265 10.65 -39.29 -3.09
CA CYS B 265 9.79 -39.76 -4.15
C CYS B 265 8.36 -39.87 -3.64
N HIS B 266 7.38 -39.70 -4.54
CA HIS B 266 5.98 -39.76 -4.18
C HIS B 266 5.65 -41.17 -3.70
N PRO B 267 4.60 -41.34 -2.87
CA PRO B 267 4.10 -42.68 -2.56
C PRO B 267 3.60 -43.38 -3.82
N TRP B 268 3.50 -44.71 -3.74
CA TRP B 268 2.99 -45.57 -4.81
C TRP B 268 4.00 -45.73 -5.95
N THR B 269 4.59 -44.61 -6.41
CA THR B 269 5.27 -44.53 -7.69
C THR B 269 6.28 -45.66 -7.87
N GLN B 270 7.07 -45.94 -6.81
CA GLN B 270 8.20 -46.82 -6.96
C GLN B 270 7.76 -48.28 -7.06
N PHE B 271 6.48 -48.55 -6.77
CA PHE B 271 5.99 -49.92 -6.63
C PHE B 271 4.99 -50.27 -7.72
N PHE B 272 4.23 -49.28 -8.22
CA PHE B 272 3.18 -49.56 -9.19
C PHE B 272 3.34 -48.67 -10.42
N ARG B 273 2.94 -49.20 -11.58
CA ARG B 273 2.71 -48.40 -12.76
C ARG B 273 1.23 -48.00 -12.81
N GLY B 274 0.96 -46.81 -13.34
CA GLY B 274 -0.36 -46.21 -13.28
C GLY B 274 -1.38 -46.99 -14.10
N PRO B 275 -2.69 -46.69 -14.01
CA PRO B 275 -3.20 -45.65 -13.10
C PRO B 275 -3.19 -46.16 -11.66
N LEU B 276 -3.24 -45.21 -10.71
CA LEU B 276 -3.09 -45.52 -9.30
C LEU B 276 -4.44 -45.59 -8.59
N CYS B 277 -5.51 -45.09 -9.22
CA CYS B 277 -6.84 -45.11 -8.63
C CYS B 277 -7.11 -46.48 -8.01
N LEU B 278 -6.92 -47.53 -8.82
CA LEU B 278 -7.19 -48.89 -8.40
C LEU B 278 -6.39 -49.22 -7.14
N LYS B 279 -5.08 -48.93 -7.18
CA LYS B 279 -4.18 -49.26 -6.08
C LYS B 279 -4.57 -48.51 -4.80
N ILE B 280 -4.73 -47.18 -4.90
CA ILE B 280 -5.03 -46.36 -3.73
C ILE B 280 -6.28 -46.88 -3.04
N ALA B 281 -7.25 -47.35 -3.83
CA ALA B 281 -8.49 -47.90 -3.31
C ALA B 281 -8.25 -49.30 -2.72
N SER B 282 -7.51 -50.14 -3.46
CA SER B 282 -7.36 -51.55 -3.14
C SER B 282 -6.40 -51.76 -1.97
N GLU B 283 -5.22 -51.13 -2.04
CA GLU B 283 -4.10 -51.46 -1.18
C GLU B 283 -4.28 -50.84 0.20
N PRO B 284 -3.53 -51.33 1.21
CA PRO B 284 -3.42 -50.62 2.48
C PRO B 284 -2.72 -49.28 2.26
N PRO B 285 -2.92 -48.29 3.15
CA PRO B 285 -2.34 -46.96 2.96
C PRO B 285 -0.82 -47.12 2.98
N PRO B 286 -0.06 -46.23 2.32
CA PRO B 286 1.36 -46.47 2.08
C PRO B 286 2.28 -46.29 3.29
N VAL B 287 1.84 -46.77 4.45
CA VAL B 287 2.54 -46.57 5.71
C VAL B 287 3.81 -47.41 5.73
N ARG B 288 3.87 -48.43 4.86
CA ARG B 288 5.08 -49.21 4.66
C ARG B 288 6.20 -48.34 4.08
N GLU B 289 5.85 -47.18 3.49
CA GLU B 289 6.84 -46.28 2.93
C GLU B 289 7.41 -45.36 3.99
N ILE B 290 6.86 -45.40 5.21
CA ILE B 290 7.46 -44.67 6.32
C ILE B 290 8.84 -45.26 6.57
N PRO B 291 9.94 -44.46 6.48
CA PRO B 291 11.28 -44.96 6.76
C PRO B 291 11.36 -45.58 8.15
N PRO B 292 12.13 -46.67 8.34
CA PRO B 292 12.21 -47.35 9.63
C PRO B 292 12.96 -46.51 10.67
N SER B 293 13.88 -45.67 10.19
CA SER B 293 14.73 -44.86 11.05
C SER B 293 13.94 -43.71 11.69
N CYS B 294 12.70 -43.49 11.27
CA CYS B 294 11.88 -42.41 11.81
C CYS B 294 11.53 -42.67 13.27
N ALA B 295 11.39 -41.58 14.02
CA ALA B 295 11.04 -41.64 15.42
C ALA B 295 9.62 -42.15 15.58
N PRO B 296 9.29 -42.87 16.68
CA PRO B 296 7.94 -43.39 16.89
C PRO B 296 6.79 -42.41 16.67
N LEU B 297 6.98 -41.15 17.07
CA LEU B 297 5.92 -40.16 17.02
C LEU B 297 5.71 -39.64 15.60
N THR B 298 6.76 -39.75 14.76
CA THR B 298 6.63 -39.39 13.36
C THR B 298 5.80 -40.46 12.67
N ALA B 299 6.25 -41.72 12.75
CA ALA B 299 5.55 -42.83 12.14
C ALA B 299 4.08 -42.84 12.53
N GLN B 300 3.81 -42.49 13.79
CA GLN B 300 2.48 -42.59 14.37
C GLN B 300 1.58 -41.48 13.82
N ALA B 301 2.15 -40.29 13.61
CA ALA B 301 1.42 -39.17 13.04
C ALA B 301 1.03 -39.48 11.59
N ILE B 302 2.02 -39.94 10.82
CA ILE B 302 1.84 -40.25 9.42
C ILE B 302 0.77 -41.33 9.26
N GLN B 303 0.75 -42.30 10.19
CA GLN B 303 -0.20 -43.40 10.14
C GLN B 303 -1.62 -42.92 10.38
N GLU B 304 -1.79 -41.98 11.32
CA GLU B 304 -3.11 -41.47 11.67
C GLU B 304 -3.61 -40.52 10.59
N GLY B 305 -2.68 -39.94 9.82
CA GLY B 305 -3.03 -39.06 8.70
C GLY B 305 -3.33 -39.85 7.43
N LEU B 306 -2.94 -41.13 7.41
CA LEU B 306 -3.15 -41.98 6.24
C LEU B 306 -4.15 -43.08 6.58
N ARG B 307 -5.01 -42.83 7.57
CA ARG B 307 -6.15 -43.71 7.78
C ARG B 307 -7.03 -43.62 6.54
N LYS B 308 -7.45 -44.78 6.02
CA LYS B 308 -8.13 -44.84 4.74
C LYS B 308 -9.55 -44.29 4.88
N GLU B 309 -10.24 -44.63 5.97
CA GLU B 309 -11.57 -44.11 6.22
C GLU B 309 -11.43 -42.71 6.81
N PRO B 310 -11.89 -41.65 6.09
CA PRO B 310 -11.68 -40.26 6.54
C PRO B 310 -12.22 -39.94 7.93
N ILE B 311 -13.31 -40.60 8.31
CA ILE B 311 -13.90 -40.40 9.63
C ILE B 311 -12.87 -40.74 10.71
N HIS B 312 -12.01 -41.74 10.45
CA HIS B 312 -11.01 -42.16 11.40
C HIS B 312 -9.72 -41.34 11.24
N ARG B 313 -9.49 -40.81 10.04
CA ARG B 313 -8.33 -39.97 9.78
C ARG B 313 -8.42 -38.74 10.69
N VAL B 314 -7.26 -38.28 11.16
CA VAL B 314 -7.18 -37.12 12.04
C VAL B 314 -7.40 -35.85 11.23
N SER B 315 -7.83 -34.78 11.91
CA SER B 315 -7.98 -33.47 11.31
C SER B 315 -6.61 -32.81 11.15
N ALA B 316 -6.58 -31.64 10.50
CA ALA B 316 -5.34 -30.92 10.28
C ALA B 316 -4.79 -30.39 11.61
N ALA B 317 -5.71 -29.93 12.47
CA ALA B 317 -5.35 -29.43 13.79
C ALA B 317 -4.78 -30.56 14.65
N GLU B 318 -5.47 -31.71 14.66
CA GLU B 318 -5.07 -32.87 15.43
C GLU B 318 -3.67 -33.32 15.00
N LEU B 319 -3.44 -33.39 13.69
CA LEU B 319 -2.17 -33.84 13.14
C LEU B 319 -1.08 -32.80 13.40
N GLY B 320 -1.47 -31.51 13.39
CA GLY B 320 -0.55 -30.44 13.70
C GLY B 320 0.09 -30.64 15.08
N GLY B 321 -0.75 -31.02 16.05
CA GLY B 321 -0.30 -31.33 17.40
C GLY B 321 0.71 -32.47 17.38
N LYS B 322 0.32 -33.60 16.78
CA LYS B 322 1.13 -34.80 16.77
C LYS B 322 2.51 -34.51 16.17
N VAL B 323 2.56 -33.76 15.06
CA VAL B 323 3.81 -33.51 14.35
C VAL B 323 4.65 -32.51 15.15
N ASN B 324 4.01 -31.58 15.88
CA ASN B 324 4.73 -30.64 16.72
C ASN B 324 5.48 -31.40 17.80
N ARG B 325 4.81 -32.37 18.42
CA ARG B 325 5.39 -33.19 19.47
C ARG B 325 6.49 -34.08 18.88
N ALA B 326 6.27 -34.60 17.67
CA ALA B 326 7.24 -35.45 17.01
C ALA B 326 8.52 -34.67 16.70
N LEU B 327 8.38 -33.38 16.40
CA LEU B 327 9.54 -32.53 16.11
C LEU B 327 10.32 -32.31 17.40
N GLN B 328 9.62 -32.14 18.52
CA GLN B 328 10.24 -32.02 19.84
C GLN B 328 11.02 -33.30 20.16
N GLN B 329 10.42 -34.45 19.82
CA GLN B 329 11.01 -35.75 20.09
C GLN B 329 12.34 -35.92 19.35
N VAL B 330 12.46 -35.38 18.13
CA VAL B 330 13.69 -35.49 17.36
C VAL B 330 14.63 -34.34 17.73
N GLY B 331 14.18 -33.45 18.63
CA GLY B 331 15.01 -32.38 19.16
C GLY B 331 14.98 -31.13 18.29
N GLY B 332 13.80 -30.77 17.78
CA GLY B 332 13.60 -29.50 17.10
C GLY B 332 14.34 -29.41 15.77
N LEU B 333 14.18 -28.26 15.10
CA LEU B 333 14.80 -28.02 13.80
C LEU B 333 16.28 -27.68 14.01
N LYS B 334 17.14 -28.66 13.74
CA LYS B 334 18.58 -28.52 13.87
C LYS B 334 19.25 -28.52 12.49
N SER B 335 18.75 -29.36 11.57
CA SER B 335 19.37 -29.55 10.27
C SER B 335 19.57 -28.23 9.54
N PRO B 336 20.61 -28.10 8.70
CA PRO B 336 20.87 -26.86 7.97
C PRO B 336 19.90 -26.69 6.80
N TRP B 337 19.81 -25.44 6.33
CA TRP B 337 19.04 -25.10 5.15
C TRP B 337 19.94 -25.26 3.92
N ARG B 338 19.51 -26.11 2.97
CA ARG B 338 20.26 -26.44 1.77
C ARG B 338 21.53 -27.19 2.17
N GLY B 339 21.34 -28.30 2.91
CA GLY B 339 22.44 -29.08 3.41
C GLY B 339 23.05 -29.97 2.33
N GLU B 340 23.69 -31.07 2.78
CA GLU B 340 24.28 -32.05 1.88
C GLU B 340 23.18 -32.91 1.28
N TYR B 341 23.46 -33.45 0.10
CA TYR B 341 22.52 -34.29 -0.62
C TYR B 341 22.28 -35.56 0.18
N LYS B 342 21.03 -36.08 0.09
CA LYS B 342 20.65 -37.34 0.71
C LYS B 342 19.99 -38.24 -0.33
N GLU B 343 20.52 -39.46 -0.45
CA GLU B 343 20.07 -40.39 -1.48
C GLU B 343 18.59 -40.71 -1.24
N PRO B 344 17.71 -40.51 -2.26
CA PRO B 344 16.32 -40.93 -2.15
C PRO B 344 16.22 -42.46 -2.11
N ARG B 345 15.11 -43.00 -1.62
CA ARG B 345 14.83 -44.42 -1.77
C ARG B 345 14.81 -44.73 -3.26
N HIS B 346 15.45 -45.85 -3.66
CA HIS B 346 15.42 -46.35 -5.03
C HIS B 346 14.46 -47.53 -5.11
N PRO B 347 13.92 -47.88 -6.31
CA PRO B 347 12.99 -49.02 -6.43
C PRO B 347 13.71 -50.36 -6.27
N GLU C 6 8.71 34.85 48.26
CA GLU C 6 8.20 34.19 47.02
C GLU C 6 8.77 32.79 46.90
N GLU C 7 10.07 32.66 47.16
CA GLU C 7 10.79 31.39 47.04
C GLU C 7 10.14 30.31 47.91
N TYR C 8 9.71 30.71 49.12
CA TYR C 8 9.09 29.79 50.06
C TYR C 8 7.69 29.42 49.56
N LEU C 9 6.94 30.45 49.10
CA LEU C 9 5.60 30.27 48.55
C LEU C 9 5.63 29.24 47.42
N VAL C 10 6.53 29.46 46.45
CA VAL C 10 6.65 28.59 45.28
C VAL C 10 6.86 27.15 45.71
N HIS C 11 7.79 26.93 46.65
CA HIS C 11 8.11 25.59 47.11
C HIS C 11 6.84 24.88 47.60
N ALA C 12 5.95 25.64 48.27
CA ALA C 12 4.71 25.08 48.80
C ALA C 12 3.75 24.70 47.67
N LEU C 13 3.70 25.53 46.63
CA LEU C 13 2.77 25.33 45.52
C LEU C 13 3.18 24.14 44.68
N GLN C 14 4.50 23.92 44.56
CA GLN C 14 5.05 22.94 43.65
C GLN C 14 4.62 21.53 44.04
N GLY C 15 4.27 20.73 43.03
CA GLY C 15 3.86 19.36 43.22
C GLY C 15 2.36 19.23 43.43
N SER C 16 1.65 20.35 43.59
CA SER C 16 0.25 20.34 43.99
C SER C 16 -0.58 21.22 43.06
N VAL C 17 -1.89 20.90 42.98
CA VAL C 17 -2.86 21.76 42.35
C VAL C 17 -3.73 22.35 43.46
N SER C 18 -3.62 23.66 43.66
CA SER C 18 -4.25 24.33 44.79
C SER C 18 -5.27 25.33 44.29
N SER C 19 -6.35 25.53 45.05
CA SER C 19 -7.19 26.71 44.89
C SER C 19 -6.46 27.88 45.56
N GLY C 20 -6.40 29.01 44.88
CA GLY C 20 -5.64 30.15 45.36
C GLY C 20 -5.85 31.39 44.50
N GLN C 21 -4.87 32.29 44.54
CA GLN C 21 -5.02 33.62 43.97
C GLN C 21 -3.92 33.86 42.95
N ALA C 22 -4.11 34.91 42.16
CA ALA C 22 -3.30 35.21 40.98
C ALA C 22 -1.80 35.10 41.27
N HIS C 23 -1.33 35.77 42.34
CA HIS C 23 0.09 35.84 42.64
C HIS C 23 0.69 34.44 42.77
N SER C 24 -0.07 33.50 43.34
CA SER C 24 0.39 32.13 43.49
C SER C 24 0.60 31.51 42.12
N LEU C 25 -0.42 31.62 41.26
CA LEU C 25 -0.35 31.11 39.89
C LEU C 25 0.83 31.74 39.17
N THR C 26 0.91 33.07 39.25
CA THR C 26 1.96 33.84 38.61
C THR C 26 3.34 33.36 39.06
N SER C 27 3.51 33.18 40.38
CA SER C 27 4.82 32.84 40.92
C SER C 27 5.24 31.45 40.45
N LEU C 28 4.29 30.51 40.42
CA LEU C 28 4.53 29.16 39.97
C LEU C 28 4.86 29.14 38.49
N ALA C 29 4.18 30.01 37.72
CA ALA C 29 4.30 30.08 36.28
C ALA C 29 5.74 30.46 35.89
N LYS C 30 6.40 31.26 36.74
CA LYS C 30 7.78 31.64 36.52
C LYS C 30 8.67 30.40 36.50
N THR C 31 8.38 29.44 37.37
CA THR C 31 9.18 28.22 37.45
C THR C 31 8.98 27.40 36.17
N TRP C 32 7.76 27.41 35.61
CA TRP C 32 7.45 26.65 34.41
C TRP C 32 8.27 27.12 33.22
N ALA C 33 8.40 28.45 33.06
CA ALA C 33 9.16 29.02 31.96
C ALA C 33 10.62 28.59 32.02
N ALA C 34 11.16 28.47 33.24
CA ALA C 34 12.55 28.09 33.47
C ALA C 34 12.77 26.62 33.09
N ARG C 35 11.78 25.78 33.40
CA ARG C 35 11.87 24.34 33.18
C ARG C 35 11.72 24.03 31.69
N GLY C 36 10.97 24.88 30.97
CA GLY C 36 10.78 24.72 29.54
C GLY C 36 12.06 24.94 28.76
N SER C 37 12.99 25.71 29.34
CA SER C 37 14.29 25.99 28.73
C SER C 37 15.26 24.84 28.94
N ARG C 38 14.95 23.94 29.88
CA ARG C 38 15.89 22.93 30.37
C ARG C 38 16.19 21.90 29.27
N SER C 39 17.31 21.18 29.44
CA SER C 39 17.70 20.12 28.51
C SER C 39 16.69 18.97 28.56
N ARG C 40 16.70 18.17 27.49
CA ARG C 40 15.94 16.94 27.42
C ARG C 40 16.30 16.05 28.61
N GLU C 41 15.29 15.51 29.29
CA GLU C 41 15.49 14.60 30.42
C GLU C 41 14.72 13.32 30.17
N PRO C 42 15.01 12.23 30.92
CA PRO C 42 14.18 11.01 30.87
C PRO C 42 12.86 11.24 31.60
N SER C 43 11.78 10.64 31.08
CA SER C 43 10.49 10.69 31.73
C SER C 43 10.54 9.93 33.06
N PRO C 44 10.13 10.56 34.19
CA PRO C 44 10.05 9.84 35.46
C PRO C 44 8.85 8.89 35.48
N LYS C 45 8.61 8.22 36.62
CA LYS C 45 7.42 7.41 36.77
C LYS C 45 6.25 8.34 37.13
N THR C 46 6.51 9.27 38.05
CA THR C 46 5.56 10.29 38.47
C THR C 46 5.67 11.52 37.57
N GLU C 47 4.66 11.72 36.71
CA GLU C 47 4.53 12.96 35.93
C GLU C 47 4.00 14.05 36.86
N ASP C 48 4.79 15.13 37.07
CA ASP C 48 4.41 16.20 37.97
C ASP C 48 3.07 16.78 37.57
N ASN C 49 2.18 16.97 38.55
CA ASN C 49 0.89 17.61 38.31
C ASN C 49 0.75 18.76 39.30
N GLU C 50 0.86 19.99 38.79
CA GLU C 50 0.86 21.17 39.65
C GLU C 50 0.18 22.33 38.92
N GLY C 51 -0.22 23.34 39.70
CA GLY C 51 -0.90 24.51 39.19
C GLY C 51 -1.70 25.20 40.29
N VAL C 52 -2.47 26.23 39.92
CA VAL C 52 -3.44 26.82 40.82
C VAL C 52 -4.66 27.25 40.00
N LEU C 53 -5.84 27.09 40.60
CA LEU C 53 -7.12 27.46 40.01
C LEU C 53 -7.70 28.62 40.80
N LEU C 54 -8.34 29.56 40.08
CA LEU C 54 -8.70 30.87 40.61
C LEU C 54 -10.22 30.99 40.78
N THR C 55 -10.93 29.89 40.62
CA THR C 55 -12.37 29.87 40.78
C THR C 55 -12.75 28.52 41.39
N GLU C 56 -13.81 28.52 42.20
CA GLU C 56 -14.27 27.30 42.84
C GLU C 56 -15.03 26.42 41.84
N LYS C 57 -15.28 26.95 40.63
CA LYS C 57 -15.98 26.23 39.59
C LYS C 57 -15.07 25.18 38.96
N LEU C 58 -13.76 25.35 39.18
CA LEU C 58 -12.75 24.34 38.86
C LEU C 58 -12.16 23.84 40.17
N LYS C 59 -12.47 22.59 40.54
CA LYS C 59 -12.08 22.05 41.84
C LYS C 59 -10.99 20.98 41.68
N PRO C 60 -9.82 21.18 42.32
CA PRO C 60 -8.86 20.09 42.48
C PRO C 60 -9.44 18.99 43.37
N VAL C 61 -8.88 17.79 43.26
CA VAL C 61 -9.23 16.68 44.14
C VAL C 61 -7.93 16.15 44.75
N ASP C 62 -7.75 16.40 46.05
CA ASP C 62 -6.57 15.96 46.76
C ASP C 62 -5.32 16.50 46.06
N TYR C 63 -5.36 17.79 45.69
CA TYR C 63 -4.22 18.50 45.11
C TYR C 63 -3.84 17.90 43.75
N GLU C 64 -4.85 17.41 43.02
CA GLU C 64 -4.63 16.89 41.67
C GLU C 64 -5.72 17.40 40.74
N TYR C 65 -5.33 17.61 39.48
CA TYR C 65 -6.24 18.04 38.43
C TYR C 65 -5.71 17.54 37.10
N ARG C 66 -6.15 16.32 36.73
CA ARG C 66 -5.63 15.62 35.58
C ARG C 66 -6.72 15.49 34.53
N GLU C 67 -6.33 15.76 33.28
CA GLU C 67 -7.22 15.59 32.14
C GLU C 67 -7.66 14.13 32.04
N GLU C 68 -8.92 13.95 31.63
CA GLU C 68 -9.58 12.65 31.48
C GLU C 68 -9.83 12.00 32.85
N VAL C 69 -9.46 12.66 33.95
CA VAL C 69 -9.75 12.15 35.28
C VAL C 69 -10.71 13.13 35.96
N HIS C 70 -10.25 14.36 36.17
CA HIS C 70 -11.02 15.38 36.88
C HIS C 70 -11.67 16.35 35.91
N TRP C 71 -11.26 16.31 34.64
CA TRP C 71 -11.83 17.15 33.60
C TRP C 71 -11.54 16.55 32.23
N ALA C 72 -12.22 17.06 31.20
CA ALA C 72 -12.07 16.54 29.86
C ALA C 72 -12.46 17.61 28.85
N THR C 73 -11.95 17.46 27.62
CA THR C 73 -12.35 18.30 26.51
C THR C 73 -13.56 17.64 25.85
N HIS C 74 -14.40 18.44 25.20
CA HIS C 74 -15.47 17.87 24.37
C HIS C 74 -15.52 18.61 23.04
N GLN C 75 -16.17 17.95 22.06
CA GLN C 75 -16.49 18.55 20.78
C GLN C 75 -15.20 18.89 20.04
N LEU C 76 -15.35 19.60 18.91
CA LEU C 76 -14.25 20.01 18.04
C LEU C 76 -13.44 21.10 18.71
N ARG C 77 -12.22 21.31 18.20
CA ARG C 77 -11.35 22.39 18.67
C ARG C 77 -12.00 23.74 18.37
N LEU C 78 -11.88 24.70 19.31
CA LEU C 78 -12.37 26.05 19.11
C LEU C 78 -11.47 26.82 18.15
N GLY C 79 -10.15 26.62 18.28
CA GLY C 79 -9.19 27.28 17.41
C GLY C 79 -7.76 26.95 17.83
N ARG C 80 -6.81 27.40 17.01
CA ARG C 80 -5.41 27.10 17.20
C ARG C 80 -4.60 28.23 16.59
N GLY C 81 -3.68 28.82 17.37
CA GLY C 81 -2.78 29.83 16.85
C GLY C 81 -1.40 29.25 16.58
N SER C 82 -0.37 30.04 16.86
CA SER C 82 1.01 29.60 16.65
C SER C 82 1.53 28.78 17.83
N PHE C 83 0.83 28.81 18.98
CA PHE C 83 1.41 28.26 20.20
C PHE C 83 0.48 27.35 20.98
N GLY C 84 -0.85 27.52 20.86
CA GLY C 84 -1.77 26.70 21.61
C GLY C 84 -3.00 26.29 20.81
N GLU C 85 -3.49 25.07 21.09
CA GLU C 85 -4.80 24.61 20.67
C GLU C 85 -5.79 24.89 21.78
N VAL C 86 -7.01 25.32 21.42
CA VAL C 86 -8.02 25.68 22.39
C VAL C 86 -9.25 24.80 22.20
N HIS C 87 -9.80 24.28 23.31
CA HIS C 87 -10.96 23.40 23.28
C HIS C 87 -12.00 23.83 24.31
N ARG C 88 -13.23 23.35 24.13
CA ARG C 88 -14.23 23.36 25.21
C ARG C 88 -13.83 22.29 26.23
N MET C 89 -14.15 22.54 27.50
CA MET C 89 -13.85 21.58 28.55
C MET C 89 -14.97 21.56 29.57
N GLU C 90 -15.00 20.50 30.38
CA GLU C 90 -15.97 20.35 31.45
C GLU C 90 -15.27 19.78 32.67
N ASP C 91 -15.50 20.42 33.84
CA ASP C 91 -15.02 19.90 35.11
C ASP C 91 -15.98 18.80 35.55
N LYS C 92 -15.44 17.61 35.85
CA LYS C 92 -16.27 16.44 36.08
C LYS C 92 -17.00 16.54 37.42
N GLN C 93 -16.47 17.33 38.36
CA GLN C 93 -17.10 17.47 39.66
C GLN C 93 -18.17 18.57 39.66
N THR C 94 -17.82 19.76 39.16
CA THR C 94 -18.70 20.92 39.25
C THR C 94 -19.62 21.00 38.03
N GLY C 95 -19.23 20.38 36.92
CA GLY C 95 -20.01 20.44 35.70
C GLY C 95 -19.78 21.73 34.91
N PHE C 96 -18.94 22.62 35.46
CA PHE C 96 -18.65 23.90 34.85
C PHE C 96 -17.95 23.69 33.50
N GLN C 97 -18.29 24.54 32.52
CA GLN C 97 -17.67 24.50 31.21
C GLN C 97 -16.88 25.78 30.98
N CYS C 98 -15.74 25.63 30.29
CA CYS C 98 -14.88 26.76 29.96
C CYS C 98 -13.95 26.35 28.81
N ALA C 99 -12.95 27.19 28.52
CA ALA C 99 -12.00 26.90 27.47
C ALA C 99 -10.65 26.51 28.07
N VAL C 100 -9.94 25.60 27.40
CA VAL C 100 -8.56 25.26 27.71
C VAL C 100 -7.68 25.70 26.55
N LYS C 101 -6.57 26.38 26.87
CA LYS C 101 -5.49 26.56 25.91
C LYS C 101 -4.35 25.65 26.32
N LYS C 102 -3.99 24.71 25.43
CA LYS C 102 -2.93 23.74 25.68
C LYS C 102 -1.64 24.22 25.04
N VAL C 103 -0.59 24.33 25.85
CA VAL C 103 0.69 24.84 25.40
C VAL C 103 1.77 23.91 25.92
N ARG C 104 2.74 23.58 25.06
CA ARG C 104 3.91 22.84 25.48
C ARG C 104 4.74 23.72 26.41
N LEU C 105 5.29 23.09 27.45
CA LEU C 105 6.10 23.78 28.44
C LEU C 105 7.27 24.51 27.76
N GLU C 106 7.82 23.90 26.70
CA GLU C 106 9.02 24.43 26.06
C GLU C 106 8.78 25.77 25.38
N VAL C 107 7.51 26.12 25.10
CA VAL C 107 7.20 27.38 24.43
C VAL C 107 6.39 28.30 25.35
N PHE C 108 6.22 27.89 26.61
CA PHE C 108 5.36 28.62 27.53
C PHE C 108 6.11 29.82 28.09
N ARG C 109 5.35 30.89 28.35
CA ARG C 109 5.86 32.11 28.95
C ARG C 109 4.97 32.50 30.12
N ALA C 110 5.60 32.71 31.28
CA ALA C 110 4.89 33.09 32.50
C ALA C 110 4.07 34.36 32.27
N GLU C 111 4.57 35.25 31.40
CA GLU C 111 3.93 36.53 31.13
C GLU C 111 2.51 36.34 30.59
N GLU C 112 2.23 35.20 29.95
CA GLU C 112 0.89 34.94 29.42
C GLU C 112 -0.13 34.90 30.55
N LEU C 113 0.29 34.47 31.74
CA LEU C 113 -0.58 34.42 32.90
C LEU C 113 -0.43 35.70 33.71
N MET C 114 0.83 36.15 33.89
CA MET C 114 1.11 37.38 34.61
C MET C 114 0.22 38.51 34.07
N ALA C 115 0.05 38.53 32.74
CA ALA C 115 -0.60 39.62 32.04
C ALA C 115 -2.12 39.62 32.20
N CYS C 116 -2.73 38.56 32.75
CA CYS C 116 -4.18 38.56 32.84
C CYS C 116 -4.73 37.84 34.07
N ALA C 117 -3.89 37.19 34.86
CA ALA C 117 -4.34 36.65 36.14
C ALA C 117 -4.66 37.79 37.09
N GLY C 118 -5.91 37.82 37.59
CA GLY C 118 -6.30 38.75 38.64
C GLY C 118 -7.01 40.00 38.11
N LEU C 119 -6.84 40.28 36.81
CA LEU C 119 -7.47 41.42 36.17
C LEU C 119 -8.98 41.23 36.15
N THR C 120 -9.72 42.35 36.09
CA THR C 120 -11.17 42.35 36.12
C THR C 120 -11.70 43.45 35.21
N SER C 121 -11.19 43.53 33.99
CA SER C 121 -11.82 44.29 32.93
C SER C 121 -12.70 43.35 32.11
N PRO C 122 -13.92 43.78 31.74
CA PRO C 122 -14.77 42.97 30.86
C PRO C 122 -14.24 42.87 29.44
N ARG C 123 -13.14 43.58 29.15
CA ARG C 123 -12.53 43.57 27.82
C ARG C 123 -11.34 42.62 27.76
N ILE C 124 -11.15 41.83 28.82
CA ILE C 124 -10.06 40.88 28.89
C ILE C 124 -10.62 39.55 29.39
N VAL C 125 -10.38 38.45 28.65
CA VAL C 125 -10.88 37.15 29.05
C VAL C 125 -10.45 36.93 30.50
N PRO C 126 -11.40 36.58 31.40
CA PRO C 126 -11.05 36.13 32.73
C PRO C 126 -10.25 34.83 32.64
N LEU C 127 -9.15 34.78 33.40
CA LEU C 127 -8.35 33.58 33.54
C LEU C 127 -8.85 32.80 34.74
N TYR C 128 -9.16 31.52 34.54
CA TYR C 128 -9.73 30.69 35.59
C TYR C 128 -8.65 29.87 36.29
N GLY C 129 -7.47 29.73 35.68
CA GLY C 129 -6.34 29.07 36.31
C GLY C 129 -5.46 28.40 35.27
N ALA C 130 -4.44 27.67 35.74
CA ALA C 130 -3.58 26.90 34.87
C ALA C 130 -2.93 25.76 35.67
N VAL C 131 -2.90 24.56 35.09
CA VAL C 131 -2.21 23.44 35.69
C VAL C 131 -1.43 22.73 34.59
N ARG C 132 -0.38 22.00 34.98
CA ARG C 132 0.44 21.27 34.04
C ARG C 132 0.52 19.81 34.46
N GLU C 133 0.50 18.93 33.46
CA GLU C 133 0.82 17.52 33.63
C GLU C 133 2.14 17.29 32.91
N GLY C 134 3.23 17.25 33.68
CA GLY C 134 4.56 17.22 33.11
C GLY C 134 4.78 18.39 32.17
N PRO C 135 5.06 18.16 30.87
CA PRO C 135 5.30 19.24 29.92
C PRO C 135 4.04 19.82 29.26
N TRP C 136 2.87 19.27 29.61
CA TRP C 136 1.61 19.69 29.02
C TRP C 136 0.97 20.76 29.89
N VAL C 137 0.97 22.02 29.42
CA VAL C 137 0.40 23.12 30.18
C VAL C 137 -1.02 23.38 29.69
N ASN C 138 -1.94 23.54 30.64
CA ASN C 138 -3.33 23.81 30.36
C ASN C 138 -3.72 25.12 31.02
N ILE C 139 -4.27 26.05 30.22
CA ILE C 139 -4.65 27.37 30.69
C ILE C 139 -6.16 27.52 30.53
N PHE C 140 -6.85 27.71 31.66
CA PHE C 140 -8.31 27.68 31.70
C PHE C 140 -8.85 29.11 31.77
N MET C 141 -9.93 29.37 31.03
CA MET C 141 -10.46 30.71 30.85
C MET C 141 -11.92 30.64 30.36
N GLU C 142 -12.66 31.74 30.57
CA GLU C 142 -14.03 31.84 30.11
C GLU C 142 -14.09 31.46 28.64
N LEU C 143 -15.13 30.69 28.29
CA LEU C 143 -15.40 30.33 26.91
C LEU C 143 -16.32 31.38 26.28
N LEU C 144 -15.93 31.92 25.11
CA LEU C 144 -16.79 32.85 24.38
C LEU C 144 -17.32 32.18 23.11
N GLU C 145 -18.65 32.28 22.95
CA GLU C 145 -19.39 31.45 22.02
C GLU C 145 -19.47 32.09 20.63
N GLY C 146 -18.94 33.31 20.48
CA GLY C 146 -19.09 34.07 19.24
C GLY C 146 -17.88 33.97 18.33
N GLY C 147 -16.86 33.21 18.73
CA GLY C 147 -15.65 33.11 17.93
C GLY C 147 -14.79 34.38 17.99
N SER C 148 -13.77 34.43 17.14
CA SER C 148 -12.81 35.53 17.13
C SER C 148 -13.31 36.62 16.21
N LEU C 149 -12.85 37.84 16.46
CA LEU C 149 -13.07 38.96 15.56
C LEU C 149 -12.49 38.61 14.19
N GLY C 150 -11.38 37.88 14.18
CA GLY C 150 -10.73 37.44 12.95
C GLY C 150 -11.65 36.56 12.09
N GLN C 151 -12.36 35.62 12.74
CA GLN C 151 -13.29 34.75 12.05
C GLN C 151 -14.42 35.57 11.42
N LEU C 152 -14.88 36.58 12.15
CA LEU C 152 -15.96 37.43 11.69
C LEU C 152 -15.53 38.19 10.44
N VAL C 153 -14.35 38.81 10.49
CA VAL C 153 -13.80 39.55 9.36
C VAL C 153 -13.69 38.64 8.14
N LYS C 154 -13.31 37.38 8.37
CA LYS C 154 -13.14 36.42 7.27
C LYS C 154 -14.50 36.11 6.66
N GLU C 155 -15.49 35.80 7.51
CA GLU C 155 -16.83 35.46 7.06
C GLU C 155 -17.48 36.61 6.29
N GLN C 156 -17.47 37.80 6.91
CA GLN C 156 -18.15 38.97 6.38
C GLN C 156 -17.37 39.58 5.22
N GLY C 157 -16.09 39.19 5.09
CA GLY C 157 -15.18 39.80 4.14
C GLY C 157 -14.56 41.05 4.73
N CYS C 158 -15.39 42.09 4.95
CA CYS C 158 -15.01 43.27 5.71
C CYS C 158 -16.10 43.59 6.73
N LEU C 159 -15.78 44.46 7.68
CA LEU C 159 -16.77 44.98 8.60
C LEU C 159 -17.14 46.39 8.18
N PRO C 160 -18.41 46.80 8.35
CA PRO C 160 -18.79 48.21 8.27
C PRO C 160 -17.96 49.06 9.24
N GLU C 161 -17.82 50.35 8.90
CA GLU C 161 -17.06 51.29 9.70
C GLU C 161 -17.57 51.34 11.14
N ASP C 162 -18.86 51.11 11.36
CA ASP C 162 -19.44 51.30 12.69
C ASP C 162 -19.11 50.09 13.57
N ARG C 163 -19.23 48.87 13.03
CA ARG C 163 -18.82 47.66 13.74
C ARG C 163 -17.32 47.74 14.09
N ALA C 164 -16.51 48.17 13.10
CA ALA C 164 -15.07 48.25 13.25
C ALA C 164 -14.70 49.20 14.40
N LEU C 165 -15.28 50.40 14.37
CA LEU C 165 -15.05 51.39 15.42
C LEU C 165 -15.47 50.83 16.77
N TYR C 166 -16.61 50.13 16.80
CA TYR C 166 -17.19 49.61 18.02
C TYR C 166 -16.22 48.64 18.70
N TYR C 167 -15.69 47.68 17.90
CA TYR C 167 -14.82 46.63 18.43
C TYR C 167 -13.43 47.21 18.77
N LEU C 168 -12.91 48.05 17.89
CA LEU C 168 -11.65 48.74 18.14
C LEU C 168 -11.73 49.48 19.47
N GLY C 169 -12.89 50.10 19.75
CA GLY C 169 -13.09 50.84 20.98
C GLY C 169 -12.97 49.93 22.21
N GLN C 170 -13.60 48.75 22.11
CA GLN C 170 -13.60 47.81 23.21
C GLN C 170 -12.18 47.28 23.46
N ALA C 171 -11.49 47.00 22.36
CA ALA C 171 -10.10 46.58 22.42
C ALA C 171 -9.28 47.62 23.19
N LEU C 172 -9.49 48.90 22.86
CA LEU C 172 -8.72 49.99 23.43
C LEU C 172 -9.08 50.17 24.91
N GLU C 173 -10.34 49.91 25.26
CA GLU C 173 -10.72 49.89 26.66
C GLU C 173 -9.83 48.88 27.41
N GLY C 174 -9.69 47.69 26.80
CA GLY C 174 -8.89 46.62 27.35
C GLY C 174 -7.40 46.99 27.44
N LEU C 175 -6.87 47.59 26.37
CA LEU C 175 -5.46 47.94 26.32
C LEU C 175 -5.13 49.02 27.37
N GLU C 176 -6.06 49.97 27.55
CA GLU C 176 -5.88 51.06 28.52
C GLU C 176 -5.73 50.47 29.92
N TYR C 177 -6.57 49.47 30.21
CA TYR C 177 -6.56 48.79 31.48
C TYR C 177 -5.23 48.09 31.67
N LEU C 178 -4.80 47.34 30.64
CA LEU C 178 -3.50 46.67 30.65
C LEU C 178 -2.38 47.70 30.85
N HIS C 179 -2.36 48.70 29.98
CA HIS C 179 -1.24 49.63 29.91
C HIS C 179 -1.08 50.37 31.22
N SER C 180 -2.21 50.72 31.86
CA SER C 180 -2.16 51.42 33.14
C SER C 180 -1.59 50.51 34.22
N ARG C 181 -1.65 49.19 34.01
CA ARG C 181 -1.06 48.22 34.93
C ARG C 181 0.33 47.78 34.46
N ARG C 182 0.91 48.52 33.51
CA ARG C 182 2.27 48.27 33.03
C ARG C 182 2.35 46.92 32.30
N ILE C 183 1.25 46.53 31.66
CA ILE C 183 1.21 45.31 30.87
C ILE C 183 1.07 45.66 29.40
N LEU C 184 1.94 45.07 28.57
CA LEU C 184 1.83 45.11 27.12
C LEU C 184 1.20 43.81 26.63
N HIS C 185 0.24 43.91 25.72
CA HIS C 185 -0.42 42.73 25.18
C HIS C 185 0.52 41.95 24.27
N GLY C 186 1.08 42.63 23.27
CA GLY C 186 2.21 42.12 22.51
C GLY C 186 1.80 41.46 21.19
N ASP C 187 0.50 41.24 20.98
CA ASP C 187 0.02 40.61 19.75
C ASP C 187 -1.44 40.98 19.54
N VAL C 188 -1.73 42.27 19.55
CA VAL C 188 -3.09 42.73 19.30
C VAL C 188 -3.40 42.45 17.84
N LYS C 189 -4.47 41.69 17.62
CA LYS C 189 -4.98 41.45 16.28
C LYS C 189 -6.37 40.82 16.39
N ALA C 190 -7.08 40.79 15.26
CA ALA C 190 -8.46 40.33 15.23
C ALA C 190 -8.59 38.93 15.82
N ASP C 191 -7.72 38.01 15.40
CA ASP C 191 -7.74 36.62 15.84
C ASP C 191 -7.62 36.50 17.35
N ASN C 192 -7.11 37.53 18.03
CA ASN C 192 -6.95 37.52 19.47
C ASN C 192 -7.97 38.45 20.14
N VAL C 193 -9.11 38.67 19.48
CA VAL C 193 -10.25 39.30 20.12
C VAL C 193 -11.43 38.33 20.02
N LEU C 194 -12.07 38.06 21.16
CA LEU C 194 -13.14 37.09 21.21
C LEU C 194 -14.47 37.81 21.36
N LEU C 195 -15.56 37.18 20.87
CA LEU C 195 -16.86 37.81 20.79
C LEU C 195 -17.92 36.97 21.50
N SER C 196 -19.00 37.65 21.94
CA SER C 196 -20.22 37.03 22.43
C SER C 196 -20.96 36.32 21.31
N SER C 197 -22.00 35.55 21.68
CA SER C 197 -22.89 34.92 20.72
C SER C 197 -23.58 35.98 19.86
N ASP C 198 -24.06 37.05 20.51
CA ASP C 198 -24.77 38.13 19.85
C ASP C 198 -23.80 39.10 19.18
N GLY C 199 -22.51 38.97 19.46
CA GLY C 199 -21.48 39.79 18.85
C GLY C 199 -21.39 41.17 19.51
N SER C 200 -21.96 41.31 20.71
CA SER C 200 -22.09 42.61 21.35
C SER C 200 -20.90 42.92 22.23
N HIS C 201 -20.29 41.90 22.84
CA HIS C 201 -19.18 42.09 23.76
C HIS C 201 -17.91 41.50 23.17
N ALA C 202 -16.80 42.24 23.31
CA ALA C 202 -15.51 41.81 22.85
C ALA C 202 -14.53 41.77 24.03
N ALA C 203 -13.57 40.84 23.96
CA ALA C 203 -12.53 40.75 24.98
C ALA C 203 -11.22 40.27 24.35
N LEU C 204 -10.11 40.84 24.84
CA LEU C 204 -8.78 40.47 24.39
C LEU C 204 -8.43 39.10 24.95
N CYS C 205 -7.74 38.28 24.13
CA CYS C 205 -7.15 37.04 24.59
C CYS C 205 -5.71 36.95 24.10
N ASP C 206 -5.05 35.85 24.47
CA ASP C 206 -3.78 35.46 23.88
C ASP C 206 -2.66 36.41 24.33
N PHE C 207 -2.19 36.21 25.56
CA PHE C 207 -1.15 37.05 26.14
C PHE C 207 0.21 36.37 26.00
N GLY C 208 0.35 35.54 24.96
CA GLY C 208 1.55 34.74 24.77
C GLY C 208 2.79 35.59 24.46
N HIS C 209 2.56 36.82 23.98
CA HIS C 209 3.63 37.71 23.61
C HIS C 209 3.65 38.92 24.54
N ALA C 210 2.93 38.81 25.66
CA ALA C 210 2.88 39.87 26.64
C ALA C 210 4.26 40.11 27.25
N VAL C 211 4.53 41.36 27.58
CA VAL C 211 5.71 41.75 28.34
C VAL C 211 5.28 42.60 29.52
N CYS C 212 5.87 42.36 30.70
CA CYS C 212 5.58 43.14 31.88
C CYS C 212 6.56 44.30 31.99
N LEU C 213 6.13 45.48 31.54
CA LEU C 213 6.96 46.67 31.59
C LEU C 213 7.36 46.95 33.04
N GLN C 214 8.67 47.08 33.27
CA GLN C 214 9.20 47.40 34.60
C GLN C 214 8.79 48.83 34.96
N PRO C 215 8.74 49.20 36.26
CA PRO C 215 8.42 50.57 36.67
C PRO C 215 8.81 51.71 35.72
N ASP C 216 9.97 51.59 35.05
CA ASP C 216 10.37 52.56 34.05
C ASP C 216 9.39 52.54 32.88
N GLY C 217 9.14 51.34 32.34
CA GLY C 217 8.18 51.16 31.26
C GLY C 217 8.87 51.12 29.89
N LEU C 218 9.96 50.34 29.78
CA LEU C 218 10.67 50.15 28.53
C LEU C 218 11.19 48.72 28.44
N GLY C 219 10.96 48.06 27.29
CA GLY C 219 11.22 46.63 27.17
C GLY C 219 11.56 46.26 25.74
N TYR C 227 11.16 41.87 24.10
CA TYR C 227 9.86 41.87 23.36
C TYR C 227 10.06 41.38 21.92
N ILE C 228 9.55 40.18 21.64
CA ILE C 228 9.33 39.72 20.28
C ILE C 228 7.85 39.92 19.96
N PRO C 229 7.51 40.50 18.79
CA PRO C 229 6.11 40.71 18.41
C PRO C 229 5.42 39.45 17.93
N GLY C 230 4.09 39.44 18.04
CA GLY C 230 3.31 38.24 17.79
C GLY C 230 3.09 38.00 16.30
N THR C 231 2.79 39.08 15.56
CA THR C 231 2.34 38.97 14.18
C THR C 231 3.07 40.00 13.34
N GLU C 232 3.64 39.56 12.21
CA GLU C 232 4.50 40.39 11.38
C GLU C 232 3.74 41.61 10.84
N THR C 233 2.56 41.38 10.25
CA THR C 233 1.82 42.44 9.59
C THR C 233 1.47 43.55 10.56
N HIS C 234 1.33 43.21 11.85
CA HIS C 234 0.89 44.17 12.86
C HIS C 234 2.05 44.72 13.70
N MET C 235 3.30 44.48 13.29
CA MET C 235 4.46 45.01 14.02
C MET C 235 4.57 46.52 13.81
N ALA C 236 4.97 47.22 14.89
CA ALA C 236 5.23 48.65 14.85
C ALA C 236 6.68 48.91 14.43
N PRO C 237 6.98 50.08 13.80
CA PRO C 237 8.32 50.35 13.28
C PRO C 237 9.44 50.29 14.30
N GLU C 238 9.18 50.77 15.53
CA GLU C 238 10.20 50.81 16.56
C GLU C 238 10.66 49.39 16.89
N VAL C 239 9.75 48.42 16.77
CA VAL C 239 10.08 47.01 17.02
C VAL C 239 11.09 46.55 15.98
N VAL C 240 10.72 46.73 14.70
CA VAL C 240 11.52 46.33 13.56
C VAL C 240 12.90 46.99 13.62
N LEU C 241 12.96 48.25 14.07
CA LEU C 241 14.21 48.98 14.12
C LEU C 241 15.06 48.52 15.30
N GLY C 242 14.49 47.67 16.17
CA GLY C 242 15.20 47.10 17.30
C GLY C 242 15.42 48.10 18.44
N ARG C 243 14.53 49.10 18.55
CA ARG C 243 14.64 50.18 19.51
C ARG C 243 13.92 49.79 20.79
N SER C 244 13.86 50.74 21.75
CA SER C 244 13.13 50.54 23.00
C SER C 244 11.63 50.56 22.73
N CYS C 245 10.90 49.65 23.39
CA CYS C 245 9.47 49.48 23.15
C CYS C 245 8.67 49.76 24.42
N ASP C 246 7.46 50.32 24.22
CA ASP C 246 6.52 50.60 25.30
C ASP C 246 5.13 50.16 24.85
N ALA C 247 4.11 50.63 25.58
CA ALA C 247 2.73 50.25 25.34
C ALA C 247 2.26 50.69 23.96
N LYS C 248 2.91 51.68 23.37
CA LYS C 248 2.47 52.28 22.11
C LYS C 248 2.45 51.24 20.99
N VAL C 249 3.36 50.26 21.10
CA VAL C 249 3.41 49.10 20.24
C VAL C 249 2.02 48.50 20.02
N ASP C 250 1.22 48.40 21.09
CA ASP C 250 -0.12 47.83 21.01
C ASP C 250 -1.07 48.72 20.22
N VAL C 251 -0.92 50.05 20.31
CA VAL C 251 -1.90 50.93 19.70
C VAL C 251 -1.65 50.89 18.19
N TRP C 252 -0.39 50.75 17.80
CA TRP C 252 -0.05 50.51 16.40
C TRP C 252 -0.76 49.26 15.90
N SER C 253 -0.65 48.19 16.67
CA SER C 253 -1.25 46.91 16.34
C SER C 253 -2.77 47.05 16.19
N SER C 254 -3.39 47.79 17.11
CA SER C 254 -4.83 47.96 17.10
C SER C 254 -5.29 48.67 15.83
N CYS C 255 -4.48 49.59 15.31
CA CYS C 255 -4.80 50.31 14.10
C CYS C 255 -4.58 49.44 12.87
N CYS C 256 -3.64 48.48 12.93
CA CYS C 256 -3.50 47.48 11.88
C CYS C 256 -4.74 46.60 11.86
N MET C 257 -5.19 46.18 13.05
CA MET C 257 -6.42 45.41 13.18
C MET C 257 -7.60 46.21 12.64
N MET C 258 -7.59 47.53 12.89
CA MET C 258 -8.63 48.40 12.39
C MET C 258 -8.66 48.33 10.87
N LEU C 259 -7.49 48.50 10.24
CA LEU C 259 -7.39 48.40 8.79
C LEU C 259 -7.87 47.04 8.32
N HIS C 260 -7.51 45.99 9.07
CA HIS C 260 -7.90 44.62 8.74
C HIS C 260 -9.42 44.52 8.66
N MET C 261 -10.11 45.11 9.64
CA MET C 261 -11.56 45.03 9.72
C MET C 261 -12.21 45.77 8.54
N LEU C 262 -11.65 46.94 8.21
CA LEU C 262 -12.24 47.80 7.18
C LEU C 262 -12.01 47.20 5.79
N ASN C 263 -10.78 46.75 5.50
CA ASN C 263 -10.38 46.34 4.16
C ASN C 263 -10.51 44.83 3.97
N GLY C 264 -10.64 44.08 5.06
CA GLY C 264 -10.76 42.63 4.99
C GLY C 264 -9.44 41.94 4.65
N CYS C 265 -8.35 42.66 4.89
CA CYS C 265 -7.01 42.15 4.67
C CYS C 265 -6.06 42.96 5.55
N HIS C 266 -4.97 42.30 5.96
CA HIS C 266 -3.97 42.93 6.80
C HIS C 266 -3.35 44.08 6.04
N PRO C 267 -2.77 45.10 6.72
CA PRO C 267 -1.97 46.12 6.02
C PRO C 267 -0.77 45.45 5.34
N TRP C 268 -0.18 46.19 4.39
CA TRP C 268 1.03 45.78 3.68
C TRP C 268 0.71 44.72 2.63
N THR C 269 -0.04 43.67 3.01
CA THR C 269 -0.19 42.47 2.21
C THR C 269 -0.55 42.77 0.75
N GLN C 270 -1.45 43.73 0.54
CA GLN C 270 -1.99 43.97 -0.79
C GLN C 270 -0.96 44.66 -1.70
N PHE C 271 0.14 45.16 -1.12
CA PHE C 271 1.14 45.89 -1.87
C PHE C 271 2.46 45.13 -1.98
N PHE C 272 2.84 44.36 -0.96
CA PHE C 272 4.19 43.83 -0.85
C PHE C 272 4.15 42.33 -0.62
N ARG C 273 5.18 41.64 -1.11
CA ARG C 273 5.52 40.30 -0.69
C ARG C 273 6.54 40.41 0.45
N GLY C 274 6.48 39.46 1.39
CA GLY C 274 7.32 39.50 2.58
C GLY C 274 8.80 39.30 2.24
N PRO C 275 9.72 39.44 3.23
CA PRO C 275 9.37 39.82 4.60
C PRO C 275 9.07 41.31 4.67
N LEU C 276 8.35 41.71 5.73
CA LEU C 276 7.76 43.04 5.82
C LEU C 276 8.57 43.96 6.73
N CYS C 277 9.49 43.40 7.52
CA CYS C 277 10.33 44.21 8.39
C CYS C 277 10.86 45.42 7.64
N LEU C 278 11.46 45.16 6.47
CA LEU C 278 12.05 46.20 5.63
C LEU C 278 11.01 47.29 5.34
N LYS C 279 9.83 46.87 4.86
CA LYS C 279 8.79 47.78 4.43
C LYS C 279 8.29 48.61 5.62
N ILE C 280 7.93 47.95 6.72
CA ILE C 280 7.36 48.64 7.87
C ILE C 280 8.32 49.73 8.34
N ALA C 281 9.62 49.46 8.27
CA ALA C 281 10.65 50.42 8.66
C ALA C 281 10.78 51.51 7.60
N SER C 282 10.83 51.11 6.32
CA SER C 282 11.15 52.00 5.22
C SER C 282 9.98 52.93 4.88
N GLU C 283 8.80 52.34 4.70
CA GLU C 283 7.68 53.01 4.08
C GLU C 283 7.00 53.98 5.06
N PRO C 284 6.18 54.92 4.56
CA PRO C 284 5.28 55.67 5.42
C PRO C 284 4.24 54.73 6.01
N PRO C 285 3.63 55.09 7.17
CA PRO C 285 2.70 54.18 7.83
C PRO C 285 1.52 53.97 6.87
N PRO C 286 0.82 52.82 6.96
CA PRO C 286 -0.15 52.45 5.92
C PRO C 286 -1.48 53.21 5.95
N VAL C 287 -1.41 54.53 6.18
CA VAL C 287 -2.59 55.38 6.31
C VAL C 287 -3.27 55.54 4.95
N ARG C 288 -2.53 55.28 3.87
CA ARG C 288 -3.10 55.23 2.54
C ARG C 288 -4.11 54.07 2.40
N GLU C 289 -4.05 53.10 3.32
CA GLU C 289 -4.98 51.99 3.30
C GLU C 289 -6.29 52.35 4.03
N ILE C 290 -6.34 53.53 4.66
CA ILE C 290 -7.59 54.01 5.23
C ILE C 290 -8.56 54.22 4.07
N PRO C 291 -9.73 53.55 4.05
CA PRO C 291 -10.72 53.75 2.98
C PRO C 291 -11.12 55.22 2.90
N PRO C 292 -11.34 55.77 1.67
CA PRO C 292 -11.61 57.21 1.53
C PRO C 292 -13.01 57.57 2.03
N SER C 293 -13.93 56.60 2.01
CA SER C 293 -15.30 56.81 2.41
C SER C 293 -15.45 56.92 3.92
N CYS C 294 -14.36 56.67 4.67
CA CYS C 294 -14.39 56.77 6.12
C CYS C 294 -14.61 58.21 6.57
N ALA C 295 -15.29 58.35 7.71
CA ALA C 295 -15.60 59.65 8.29
C ALA C 295 -14.30 60.32 8.75
N PRO C 296 -14.21 61.67 8.72
CA PRO C 296 -12.99 62.37 9.13
C PRO C 296 -12.39 61.92 10.45
N LEU C 297 -13.23 61.64 11.46
CA LEU C 297 -12.76 61.33 12.79
C LEU C 297 -12.20 59.91 12.86
N THR C 298 -12.65 59.03 11.96
CA THR C 298 -12.10 57.68 11.87
C THR C 298 -10.69 57.78 11.30
N ALA C 299 -10.58 58.36 10.11
CA ALA C 299 -9.29 58.52 9.43
C ALA C 299 -8.26 59.16 10.36
N GLN C 300 -8.72 60.13 11.15
CA GLN C 300 -7.85 60.94 11.97
C GLN C 300 -7.34 60.13 13.17
N ALA C 301 -8.20 59.27 13.72
CA ALA C 301 -7.82 58.41 14.82
C ALA C 301 -6.77 57.41 14.37
N ILE C 302 -7.06 56.75 13.25
CA ILE C 302 -6.19 55.73 12.67
C ILE C 302 -4.82 56.34 12.38
N GLN C 303 -4.80 57.60 11.92
CA GLN C 303 -3.57 58.27 11.56
C GLN C 303 -2.70 58.55 12.78
N GLU C 304 -3.34 58.95 13.88
CA GLU C 304 -2.64 59.28 15.11
C GLU C 304 -2.15 58.00 15.80
N GLY C 305 -2.82 56.88 15.52
CA GLY C 305 -2.45 55.58 16.07
C GLY C 305 -1.34 54.93 15.26
N LEU C 306 -1.12 55.41 14.03
CA LEU C 306 -0.11 54.85 13.14
C LEU C 306 1.03 55.86 12.93
N ARG C 307 1.21 56.78 13.88
CA ARG C 307 2.40 57.61 13.91
C ARG C 307 3.60 56.67 14.09
N LYS C 308 4.63 56.85 13.26
CA LYS C 308 5.76 55.94 13.24
C LYS C 308 6.61 56.12 14.49
N GLU C 309 6.81 57.37 14.93
CA GLU C 309 7.54 57.63 16.16
C GLU C 309 6.60 57.40 17.36
N PRO C 310 6.84 56.38 18.21
CA PRO C 310 5.92 56.05 19.31
C PRO C 310 5.64 57.19 20.28
N ILE C 311 6.63 58.06 20.50
CA ILE C 311 6.44 59.19 21.40
C ILE C 311 5.31 60.08 20.90
N HIS C 312 5.15 60.16 19.57
CA HIS C 312 4.12 60.99 18.96
C HIS C 312 2.82 60.21 18.80
N ARG C 313 2.91 58.88 18.71
CA ARG C 313 1.74 58.03 18.63
C ARG C 313 0.91 58.23 19.90
N VAL C 314 -0.43 58.21 19.73
CA VAL C 314 -1.34 58.42 20.85
C VAL C 314 -1.35 57.17 21.72
N SER C 315 -1.75 57.35 22.99
CA SER C 315 -1.94 56.25 23.92
C SER C 315 -3.24 55.52 23.61
N ALA C 316 -3.47 54.40 24.29
CA ALA C 316 -4.67 53.62 24.07
C ALA C 316 -5.89 54.37 24.60
N ALA C 317 -5.71 55.08 25.73
CA ALA C 317 -6.77 55.88 26.31
C ALA C 317 -7.14 57.03 25.38
N GLU C 318 -6.12 57.74 24.86
CA GLU C 318 -6.32 58.86 23.96
C GLU C 318 -7.09 58.41 22.72
N LEU C 319 -6.67 57.28 22.14
CA LEU C 319 -7.26 56.76 20.93
C LEU C 319 -8.67 56.23 21.20
N GLY C 320 -8.87 55.67 22.40
CA GLY C 320 -10.17 55.18 22.82
C GLY C 320 -11.21 56.29 22.75
N GLY C 321 -10.82 57.48 23.23
CA GLY C 321 -11.69 58.64 23.17
C GLY C 321 -12.03 58.99 21.73
N LYS C 322 -11.00 59.14 20.89
CA LYS C 322 -11.17 59.56 19.52
C LYS C 322 -12.13 58.61 18.79
N VAL C 323 -11.97 57.30 18.99
CA VAL C 323 -12.76 56.32 18.25
C VAL C 323 -14.18 56.29 18.81
N ASN C 324 -14.36 56.57 20.11
CA ASN C 324 -15.69 56.64 20.70
C ASN C 324 -16.48 57.76 20.02
N ARG C 325 -15.82 58.91 19.85
CA ARG C 325 -16.43 60.08 19.23
C ARG C 325 -16.66 59.81 17.75
N ALA C 326 -15.73 59.11 17.10
CA ALA C 326 -15.85 58.79 15.68
C ALA C 326 -17.06 57.87 15.44
N LEU C 327 -17.36 57.00 16.40
CA LEU C 327 -18.51 56.11 16.30
C LEU C 327 -19.79 56.94 16.41
N GLN C 328 -19.79 57.93 17.31
CA GLN C 328 -20.92 58.85 17.44
C GLN C 328 -21.12 59.62 16.15
N GLN C 329 -20.02 60.03 15.52
CA GLN C 329 -20.04 60.79 14.27
C GLN C 329 -20.72 60.00 13.15
N VAL C 330 -20.52 58.68 13.11
CA VAL C 330 -21.14 57.85 12.08
C VAL C 330 -22.53 57.42 12.53
N GLY C 331 -22.93 57.82 13.75
CA GLY C 331 -24.26 57.59 14.26
C GLY C 331 -24.40 56.23 14.96
N GLY C 332 -23.38 55.87 15.74
CA GLY C 332 -23.46 54.73 16.64
C GLY C 332 -23.50 53.39 15.90
N LEU C 333 -23.59 52.31 16.68
CA LEU C 333 -23.61 50.97 16.14
C LEU C 333 -25.01 50.66 15.61
N LYS C 334 -25.16 50.71 14.28
CA LYS C 334 -26.42 50.41 13.61
C LYS C 334 -26.34 49.09 12.86
N SER C 335 -25.18 48.81 12.24
CA SER C 335 -25.02 47.67 11.35
C SER C 335 -25.38 46.38 12.08
N PRO C 336 -25.90 45.36 11.34
CA PRO C 336 -26.32 44.10 11.96
C PRO C 336 -25.12 43.24 12.34
N TRP C 337 -25.38 42.28 13.23
CA TRP C 337 -24.41 41.25 13.58
C TRP C 337 -24.53 40.10 12.58
N ARG C 338 -23.43 39.79 11.89
CA ARG C 338 -23.39 38.80 10.84
C ARG C 338 -24.22 39.29 9.65
N GLY C 339 -23.91 40.48 9.16
CA GLY C 339 -24.64 41.13 8.08
C GLY C 339 -24.19 40.66 6.70
N GLU C 340 -24.20 41.56 5.71
CA GLU C 340 -24.01 41.17 4.33
C GLU C 340 -22.51 41.06 4.04
N TYR C 341 -22.14 40.20 3.08
CA TYR C 341 -20.76 40.06 2.68
C TYR C 341 -20.30 41.35 2.00
N LYS C 342 -19.03 41.73 2.23
CA LYS C 342 -18.40 42.87 1.57
C LYS C 342 -17.06 42.43 1.00
N GLU C 343 -16.83 42.69 -0.30
CA GLU C 343 -15.63 42.21 -0.97
C GLU C 343 -14.42 42.93 -0.36
N PRO C 344 -13.40 42.20 0.16
CA PRO C 344 -12.17 42.81 0.63
C PRO C 344 -11.40 43.50 -0.49
N ARG C 345 -10.55 44.48 -0.11
CA ARG C 345 -9.67 45.20 -1.03
C ARG C 345 -8.28 44.55 -1.02
N HIS C 346 -8.22 43.31 -1.52
CA HIS C 346 -7.10 42.39 -1.39
C HIS C 346 -6.35 42.28 -2.72
N PRO C 347 -5.09 41.78 -2.75
CA PRO C 347 -4.28 41.81 -3.97
C PRO C 347 -4.76 40.91 -5.10
N GLU D 6 21.71 15.91 -1.62
CA GLU D 6 20.64 16.02 -0.60
C GLU D 6 20.16 17.47 -0.51
N GLU D 7 21.10 18.41 -0.49
CA GLU D 7 20.80 19.83 -0.29
C GLU D 7 19.86 20.33 -1.38
N TYR D 8 20.06 19.85 -2.62
CA TYR D 8 19.23 20.24 -3.75
C TYR D 8 17.84 19.61 -3.61
N LEU D 9 17.81 18.33 -3.25
CA LEU D 9 16.58 17.58 -3.03
C LEU D 9 15.71 18.31 -2.01
N VAL D 10 16.29 18.62 -0.84
CA VAL D 10 15.58 19.27 0.25
C VAL D 10 14.94 20.57 -0.23
N HIS D 11 15.71 21.38 -0.97
CA HIS D 11 15.20 22.66 -1.44
C HIS D 11 13.93 22.47 -2.24
N ALA D 12 13.88 21.39 -3.04
CA ALA D 12 12.71 21.08 -3.86
C ALA D 12 11.52 20.69 -3.01
N LEU D 13 11.77 19.92 -1.94
CA LEU D 13 10.72 19.40 -1.08
C LEU D 13 10.08 20.52 -0.27
N GLN D 14 10.90 21.51 0.11
CA GLN D 14 10.50 22.54 1.06
C GLN D 14 9.38 23.40 0.47
N GLY D 15 8.40 23.70 1.33
CA GLY D 15 7.27 24.53 0.93
C GLY D 15 6.11 23.69 0.41
N SER D 16 6.32 22.39 0.21
CA SER D 16 5.35 21.55 -0.48
C SER D 16 5.07 20.28 0.32
N VAL D 17 3.88 19.70 0.11
CA VAL D 17 3.55 18.37 0.58
C VAL D 17 3.50 17.45 -0.64
N SER D 18 4.45 16.52 -0.71
CA SER D 18 4.63 15.68 -1.87
C SER D 18 4.39 14.22 -1.49
N SER D 19 3.85 13.43 -2.43
CA SER D 19 3.94 11.98 -2.34
C SER D 19 5.36 11.57 -2.73
N GLY D 20 5.99 10.72 -1.94
CA GLY D 20 7.38 10.36 -2.14
C GLY D 20 7.81 9.18 -1.29
N GLN D 21 9.13 9.07 -1.08
CA GLN D 21 9.71 7.92 -0.41
C GLN D 21 10.47 8.37 0.83
N ALA D 22 10.82 7.37 1.67
CA ALA D 22 11.37 7.59 3.00
C ALA D 22 12.48 8.63 2.99
N HIS D 23 13.48 8.48 2.11
CA HIS D 23 14.66 9.33 2.13
C HIS D 23 14.26 10.80 2.01
N SER D 24 13.22 11.09 1.20
CA SER D 24 12.74 12.45 1.03
C SER D 24 12.21 12.98 2.36
N LEU D 25 11.33 12.20 3.00
CA LEU D 25 10.78 12.55 4.29
C LEU D 25 11.90 12.76 5.31
N THR D 26 12.81 11.78 5.36
CA THR D 26 13.94 11.79 6.27
C THR D 26 14.78 13.06 6.07
N SER D 27 15.07 13.40 4.81
CA SER D 27 15.94 14.52 4.52
C SER D 27 15.29 15.83 4.96
N LEU D 28 13.99 15.95 4.70
CA LEU D 28 13.23 17.12 5.06
C LEU D 28 13.14 17.24 6.59
N ALA D 29 13.03 16.10 7.26
CA ALA D 29 12.88 16.03 8.71
C ALA D 29 14.09 16.62 9.40
N LYS D 30 15.27 16.48 8.78
CA LYS D 30 16.49 17.04 9.31
C LYS D 30 16.37 18.56 9.41
N THR D 31 15.73 19.19 8.41
CA THR D 31 15.57 20.63 8.40
C THR D 31 14.64 21.06 9.53
N TRP D 32 13.62 20.24 9.83
CA TRP D 32 12.64 20.53 10.87
C TRP D 32 13.30 20.61 12.24
N ALA D 33 14.22 19.68 12.53
CA ALA D 33 14.90 19.65 13.82
C ALA D 33 15.73 20.92 14.02
N ALA D 34 16.32 21.43 12.93
CA ALA D 34 17.15 22.63 12.99
C ALA D 34 16.29 23.87 13.27
N ARG D 35 15.10 23.91 12.69
CA ARG D 35 14.19 25.05 12.79
C ARG D 35 13.56 25.09 14.18
N GLY D 36 13.37 23.90 14.79
CA GLY D 36 12.80 23.79 16.13
C GLY D 36 13.73 24.40 17.20
N SER D 37 15.03 24.43 16.89
CA SER D 37 16.03 25.00 17.78
C SER D 37 16.06 26.52 17.70
N ARG D 38 15.46 27.09 16.64
CA ARG D 38 15.54 28.52 16.35
C ARG D 38 14.84 29.35 17.42
N SER D 39 15.22 30.63 17.50
CA SER D 39 14.66 31.56 18.46
C SER D 39 13.18 31.80 18.15
N ARG D 40 12.44 32.28 19.16
CA ARG D 40 11.07 32.72 18.97
C ARG D 40 11.05 33.82 17.91
N GLU D 41 10.11 33.70 16.95
CA GLU D 41 9.95 34.68 15.88
C GLU D 41 8.50 35.16 15.87
N PRO D 42 8.18 36.23 15.11
CA PRO D 42 6.80 36.64 14.89
C PRO D 42 6.10 35.67 13.94
N SER D 43 4.80 35.46 14.18
CA SER D 43 3.94 34.70 13.30
C SER D 43 3.87 35.34 11.90
N PRO D 44 4.23 34.58 10.83
CA PRO D 44 4.39 35.15 9.49
C PRO D 44 3.03 35.44 8.86
N LYS D 45 3.05 35.82 7.57
CA LYS D 45 1.83 36.04 6.81
C LYS D 45 1.26 34.68 6.40
N THR D 46 2.15 33.78 5.92
CA THR D 46 1.78 32.46 5.46
C THR D 46 2.39 31.42 6.40
N GLU D 47 1.57 30.51 6.96
CA GLU D 47 2.07 29.38 7.71
C GLU D 47 2.60 28.32 6.74
N ASP D 48 3.90 28.01 6.81
CA ASP D 48 4.51 27.00 5.95
C ASP D 48 3.79 25.65 6.10
N ASN D 49 3.47 25.01 4.98
CA ASN D 49 2.89 23.68 4.98
C ASN D 49 3.73 22.77 4.08
N GLU D 50 4.49 21.86 4.69
CA GLU D 50 5.40 20.99 3.94
C GLU D 50 5.46 19.62 4.61
N GLY D 51 5.97 18.64 3.85
CA GLY D 51 6.10 17.25 4.30
C GLY D 51 6.14 16.29 3.11
N VAL D 52 6.14 14.98 3.41
CA VAL D 52 5.95 13.98 2.38
C VAL D 52 5.15 12.82 2.96
N LEU D 53 4.29 12.24 2.13
CA LEU D 53 3.45 11.11 2.48
C LEU D 53 3.89 9.89 1.69
N LEU D 54 3.85 8.72 2.35
CA LEU D 54 4.49 7.50 1.86
C LEU D 54 3.45 6.48 1.39
N THR D 55 2.18 6.89 1.31
CA THR D 55 1.11 6.03 0.86
C THR D 55 0.11 6.89 0.09
N GLU D 56 -0.51 6.31 -0.93
CA GLU D 56 -1.48 7.03 -1.74
C GLU D 56 -2.82 7.15 -0.99
N LYS D 57 -2.93 6.49 0.17
CA LYS D 57 -4.14 6.53 0.97
C LYS D 57 -4.24 7.86 1.71
N LEU D 58 -3.10 8.57 1.78
CA LEU D 58 -3.05 9.96 2.22
C LEU D 58 -2.64 10.82 1.02
N LYS D 59 -3.58 11.62 0.51
CA LYS D 59 -3.35 12.35 -0.74
C LYS D 59 -3.22 13.84 -0.46
N PRO D 60 -2.09 14.47 -0.84
CA PRO D 60 -2.00 15.93 -0.90
C PRO D 60 -2.95 16.47 -1.95
N VAL D 61 -3.31 17.75 -1.82
CA VAL D 61 -4.06 18.45 -2.84
C VAL D 61 -3.28 19.70 -3.22
N ASP D 62 -2.69 19.69 -4.43
CA ASP D 62 -1.93 20.82 -4.93
C ASP D 62 -0.82 21.16 -3.94
N TYR D 63 -0.10 20.12 -3.51
CA TYR D 63 1.07 20.25 -2.64
C TYR D 63 0.69 20.84 -1.28
N GLU D 64 -0.54 20.54 -0.81
CA GLU D 64 -0.99 20.99 0.50
C GLU D 64 -1.67 19.84 1.23
N TYR D 65 -1.51 19.83 2.56
CA TYR D 65 -2.15 18.85 3.42
C TYR D 65 -2.35 19.49 4.79
N ARG D 66 -3.51 20.12 4.97
CA ARG D 66 -3.81 20.90 6.15
C ARG D 66 -4.93 20.25 6.94
N GLU D 67 -4.75 20.19 8.26
CA GLU D 67 -5.77 19.68 9.17
C GLU D 67 -7.02 20.55 9.06
N GLU D 68 -8.18 19.88 9.18
CA GLU D 68 -9.49 20.49 9.08
C GLU D 68 -9.80 20.94 7.65
N VAL D 69 -8.87 20.72 6.71
CA VAL D 69 -9.11 21.04 5.31
C VAL D 69 -9.09 19.73 4.52
N HIS D 70 -7.94 19.06 4.51
CA HIS D 70 -7.75 17.84 3.74
C HIS D 70 -7.86 16.61 4.64
N TRP D 71 -7.83 16.81 5.96
CA TRP D 71 -7.94 15.73 6.91
C TRP D 71 -8.39 16.27 8.27
N ALA D 72 -8.79 15.37 9.16
CA ALA D 72 -9.30 15.76 10.47
C ALA D 72 -9.10 14.61 11.46
N THR D 73 -9.10 14.95 12.75
CA THR D 73 -9.10 13.96 13.81
C THR D 73 -10.55 13.62 14.13
N HIS D 74 -10.78 12.40 14.61
CA HIS D 74 -11.97 12.03 15.35
C HIS D 74 -11.53 12.04 16.81
N GLN D 75 -12.14 12.91 17.61
CA GLN D 75 -11.64 13.19 18.95
C GLN D 75 -11.83 11.94 19.80
N LEU D 76 -11.41 12.06 21.06
CA LEU D 76 -11.15 10.92 21.92
C LEU D 76 -9.75 10.44 21.55
N ARG D 77 -8.78 11.04 22.22
CA ARG D 77 -7.37 10.78 22.01
C ARG D 77 -7.06 9.31 22.30
N LEU D 78 -6.18 8.73 21.49
CA LEU D 78 -5.74 7.36 21.65
C LEU D 78 -4.75 7.26 22.82
N GLY D 79 -3.86 8.26 22.94
CA GLY D 79 -2.89 8.28 24.02
C GLY D 79 -1.97 9.49 23.91
N ARG D 80 -1.17 9.71 24.95
CA ARG D 80 -0.27 10.85 25.03
C ARG D 80 0.92 10.47 25.89
N GLY D 81 2.14 10.66 25.36
CA GLY D 81 3.34 10.41 26.14
C GLY D 81 3.93 11.72 26.65
N SER D 82 5.27 11.78 26.69
CA SER D 82 5.97 12.98 27.11
C SER D 82 6.09 14.00 25.98
N PHE D 83 5.83 13.60 24.72
CA PHE D 83 6.18 14.46 23.60
C PHE D 83 5.05 14.63 22.58
N GLY D 84 4.13 13.66 22.45
CA GLY D 84 3.10 13.76 21.43
C GLY D 84 1.74 13.25 21.94
N GLU D 85 0.67 13.91 21.47
CA GLU D 85 -0.70 13.40 21.58
C GLU D 85 -1.03 12.63 20.30
N VAL D 86 -1.72 11.50 20.44
CA VAL D 86 -2.04 10.65 19.30
C VAL D 86 -3.56 10.53 19.18
N HIS D 87 -4.06 10.68 17.94
CA HIS D 87 -5.49 10.62 17.66
C HIS D 87 -5.77 9.71 16.48
N ARG D 88 -7.04 9.30 16.34
CA ARG D 88 -7.58 8.77 15.11
C ARG D 88 -7.70 9.92 14.11
N MET D 89 -7.51 9.62 12.83
CA MET D 89 -7.67 10.62 11.79
C MET D 89 -8.34 10.02 10.56
N GLU D 90 -8.87 10.88 9.70
CA GLU D 90 -9.49 10.48 8.46
C GLU D 90 -9.04 11.44 7.35
N ASP D 91 -8.60 10.89 6.21
CA ASP D 91 -8.33 11.69 5.03
C ASP D 91 -9.65 11.97 4.34
N LYS D 92 -9.93 13.24 4.07
CA LYS D 92 -11.24 13.65 3.58
C LYS D 92 -11.47 13.20 2.14
N GLN D 93 -10.38 12.98 1.39
CA GLN D 93 -10.50 12.56 -0.01
C GLN D 93 -10.60 11.04 -0.12
N THR D 94 -9.69 10.30 0.54
CA THR D 94 -9.61 8.87 0.36
C THR D 94 -10.49 8.13 1.37
N GLY D 95 -10.82 8.79 2.49
CA GLY D 95 -11.62 8.17 3.53
C GLY D 95 -10.77 7.26 4.44
N PHE D 96 -9.47 7.16 4.15
CA PHE D 96 -8.56 6.30 4.90
C PHE D 96 -8.47 6.79 6.33
N GLN D 97 -8.38 5.84 7.28
CA GLN D 97 -8.17 6.16 8.68
C GLN D 97 -6.81 5.67 9.14
N CYS D 98 -6.17 6.47 10.00
CA CYS D 98 -4.89 6.12 10.57
C CYS D 98 -4.68 6.92 11.86
N ALA D 99 -3.47 6.86 12.41
CA ALA D 99 -3.15 7.60 13.62
C ALA D 99 -2.27 8.79 13.29
N VAL D 100 -2.48 9.90 14.02
CA VAL D 100 -1.59 11.06 13.98
C VAL D 100 -0.90 11.17 15.33
N LYS D 101 0.42 11.37 15.29
CA LYS D 101 1.14 11.83 16.46
C LYS D 101 1.51 13.29 16.22
N LYS D 102 0.99 14.18 17.10
CA LYS D 102 1.21 15.61 16.99
C LYS D 102 2.33 16.00 17.93
N VAL D 103 3.36 16.64 17.37
CA VAL D 103 4.53 17.04 18.13
C VAL D 103 4.84 18.48 17.77
N ARG D 104 5.19 19.27 18.80
CA ARG D 104 5.68 20.62 18.57
C ARG D 104 7.05 20.55 17.90
N LEU D 105 7.28 21.45 16.95
CA LEU D 105 8.53 21.51 16.22
C LEU D 105 9.71 21.65 17.18
N GLU D 106 9.50 22.39 18.27
CA GLU D 106 10.57 22.70 19.20
C GLU D 106 11.10 21.45 19.93
N VAL D 107 10.32 20.35 19.95
CA VAL D 107 10.76 19.15 20.64
C VAL D 107 10.96 18.00 19.65
N PHE D 108 10.85 18.29 18.35
CA PHE D 108 10.88 17.25 17.33
C PHE D 108 12.31 16.79 17.07
N ARG D 109 12.47 15.49 16.75
CA ARG D 109 13.75 14.92 16.38
C ARG D 109 13.62 14.15 15.07
N ALA D 110 14.48 14.48 14.09
CA ALA D 110 14.44 13.81 12.79
C ALA D 110 14.62 12.30 12.95
N GLU D 111 15.37 11.87 13.97
CA GLU D 111 15.65 10.47 14.22
C GLU D 111 14.37 9.67 14.43
N GLU D 112 13.31 10.32 14.92
CA GLU D 112 12.04 9.64 15.14
C GLU D 112 11.48 9.11 13.82
N LEU D 113 11.78 9.79 12.71
CA LEU D 113 11.34 9.34 11.39
C LEU D 113 12.44 8.49 10.76
N MET D 114 13.69 8.95 10.86
CA MET D 114 14.83 8.23 10.32
C MET D 114 14.79 6.78 10.78
N ALA D 115 14.39 6.55 12.05
CA ALA D 115 14.49 5.24 12.67
C ALA D 115 13.37 4.30 12.21
N CYS D 116 12.36 4.77 11.47
CA CYS D 116 11.28 3.86 11.08
C CYS D 116 10.67 4.15 9.71
N ALA D 117 11.08 5.23 9.04
CA ALA D 117 10.67 5.44 7.67
C ALA D 117 11.33 4.40 6.77
N GLY D 118 10.52 3.63 6.03
CA GLY D 118 11.03 2.71 5.02
C GLY D 118 11.15 1.28 5.53
N LEU D 119 11.18 1.09 6.86
CA LEU D 119 11.30 -0.23 7.45
C LEU D 119 10.06 -1.06 7.14
N THR D 120 10.22 -2.40 7.17
CA THR D 120 9.15 -3.32 6.81
C THR D 120 9.23 -4.57 7.68
N SER D 121 9.36 -4.37 8.99
CA SER D 121 9.13 -5.43 9.96
C SER D 121 7.70 -5.32 10.46
N PRO D 122 6.95 -6.44 10.59
CA PRO D 122 5.62 -6.39 11.20
C PRO D 122 5.64 -6.08 12.70
N ARG D 123 6.85 -5.98 13.27
CA ARG D 123 7.01 -5.65 14.68
C ARG D 123 7.31 -4.17 14.88
N ILE D 124 7.17 -3.37 13.82
CA ILE D 124 7.42 -1.94 13.88
C ILE D 124 6.29 -1.23 13.15
N VAL D 125 5.62 -0.28 13.82
CA VAL D 125 4.52 0.45 13.21
C VAL D 125 5.01 1.00 11.87
N PRO D 126 4.28 0.74 10.77
CA PRO D 126 4.54 1.42 9.51
C PRO D 126 4.28 2.92 9.67
N LEU D 127 5.22 3.72 9.18
CA LEU D 127 5.07 5.15 9.07
C LEU D 127 4.45 5.48 7.72
N TYR D 128 3.38 6.28 7.74
CA TYR D 128 2.64 6.63 6.53
C TYR D 128 3.06 8.00 5.99
N GLY D 129 3.77 8.80 6.80
CA GLY D 129 4.27 10.09 6.35
C GLY D 129 4.28 11.11 7.49
N ALA D 130 4.69 12.34 7.18
CA ALA D 130 4.67 13.43 8.14
C ALA D 130 4.62 14.76 7.40
N VAL D 131 3.75 15.66 7.87
CA VAL D 131 3.70 17.01 7.35
C VAL D 131 3.60 17.97 8.53
N ARG D 132 4.01 19.21 8.31
CA ARG D 132 3.95 20.23 9.34
C ARG D 132 3.19 21.45 8.82
N GLU D 133 2.39 22.03 9.72
CA GLU D 133 1.78 23.31 9.51
C GLU D 133 2.45 24.28 10.48
N GLY D 134 3.38 25.07 9.96
CA GLY D 134 4.24 25.90 10.79
C GLY D 134 4.94 25.06 11.86
N PRO D 135 4.71 25.32 13.16
CA PRO D 135 5.38 24.58 14.22
C PRO D 135 4.67 23.30 14.66
N TRP D 136 3.53 22.99 14.01
CA TRP D 136 2.76 21.82 14.35
C TRP D 136 3.17 20.66 13.45
N VAL D 137 3.86 19.67 14.02
CA VAL D 137 4.29 18.50 13.27
C VAL D 137 3.28 17.37 13.45
N ASN D 138 2.89 16.75 12.35
CA ASN D 138 1.94 15.65 12.34
C ASN D 138 2.62 14.44 11.73
N ILE D 139 2.62 13.32 12.47
CA ILE D 139 3.28 12.09 12.03
C ILE D 139 2.21 11.01 11.89
N PHE D 140 2.04 10.52 10.67
CA PHE D 140 0.97 9.60 10.33
C PHE D 140 1.50 8.18 10.26
N MET D 141 0.70 7.24 10.79
CA MET D 141 1.11 5.86 10.95
C MET D 141 -0.12 4.98 11.10
N GLU D 142 0.07 3.68 10.84
CA GLU D 142 -0.98 2.69 11.01
C GLU D 142 -1.61 2.86 12.39
N LEU D 143 -2.94 2.77 12.42
CA LEU D 143 -3.70 2.80 13.66
C LEU D 143 -3.84 1.38 14.18
N LEU D 144 -3.48 1.16 15.45
CA LEU D 144 -3.68 -0.13 16.08
C LEU D 144 -4.79 -0.03 17.12
N GLU D 145 -5.77 -0.93 17.01
CA GLU D 145 -7.04 -0.82 17.71
C GLU D 145 -6.97 -1.47 19.09
N GLY D 146 -5.82 -2.11 19.42
CA GLY D 146 -5.69 -2.86 20.65
C GLY D 146 -5.05 -2.05 21.79
N GLY D 147 -4.69 -0.79 21.50
CA GLY D 147 -4.04 0.07 22.48
C GLY D 147 -2.58 -0.33 22.69
N SER D 148 -1.97 0.27 23.72
CA SER D 148 -0.59 -0.01 24.06
C SER D 148 -0.52 -1.22 25.00
N LEU D 149 0.62 -1.89 24.99
CA LEU D 149 0.90 -2.94 25.94
C LEU D 149 0.81 -2.37 27.35
N GLY D 150 1.21 -1.10 27.52
CA GLY D 150 1.13 -0.42 28.79
C GLY D 150 -0.30 -0.32 29.32
N GLN D 151 -1.25 0.02 28.43
CA GLN D 151 -2.66 0.10 28.78
C GLN D 151 -3.17 -1.26 29.23
N LEU D 152 -2.74 -2.33 28.54
CA LEU D 152 -3.15 -3.68 28.85
C LEU D 152 -2.66 -4.07 30.24
N VAL D 153 -1.37 -3.81 30.53
CA VAL D 153 -0.79 -4.10 31.84
C VAL D 153 -1.57 -3.36 32.93
N LYS D 154 -2.00 -2.13 32.64
CA LYS D 154 -2.73 -1.34 33.61
C LYS D 154 -4.10 -1.97 33.87
N GLU D 155 -4.82 -2.31 32.78
CA GLU D 155 -6.16 -2.89 32.86
C GLU D 155 -6.13 -4.22 33.59
N GLN D 156 -5.25 -5.12 33.14
CA GLN D 156 -5.20 -6.48 33.64
C GLN D 156 -4.51 -6.52 35.00
N GLY D 157 -3.81 -5.45 35.37
CA GLY D 157 -3.00 -5.41 36.57
C GLY D 157 -1.59 -5.95 36.32
N CYS D 158 -1.54 -7.25 36.02
CA CYS D 158 -0.35 -7.93 35.52
C CYS D 158 -0.74 -8.79 34.32
N LEU D 159 0.27 -9.23 33.59
CA LEU D 159 0.05 -10.20 32.53
C LEU D 159 0.50 -11.56 33.02
N PRO D 160 -0.21 -12.65 32.60
CA PRO D 160 0.30 -14.01 32.77
C PRO D 160 1.69 -14.15 32.13
N GLU D 161 2.47 -15.12 32.64
CA GLU D 161 3.83 -15.31 32.18
C GLU D 161 3.86 -15.61 30.68
N ASP D 162 2.80 -16.23 30.15
CA ASP D 162 2.80 -16.67 28.77
C ASP D 162 2.56 -15.49 27.82
N ARG D 163 1.61 -14.62 28.17
CA ARG D 163 1.37 -13.39 27.40
C ARG D 163 2.64 -12.54 27.42
N ALA D 164 3.26 -12.41 28.60
CA ALA D 164 4.43 -11.57 28.79
C ALA D 164 5.58 -12.03 27.90
N LEU D 165 5.85 -13.35 27.94
CA LEU D 165 6.90 -13.95 27.12
C LEU D 165 6.61 -13.71 25.66
N TYR D 166 5.33 -13.88 25.27
CA TYR D 166 4.91 -13.77 23.90
C TYR D 166 5.20 -12.38 23.35
N TYR D 167 4.80 -11.34 24.10
CA TYR D 167 4.95 -9.95 23.67
C TYR D 167 6.42 -9.52 23.71
N LEU D 168 7.13 -9.90 24.78
CA LEU D 168 8.55 -9.65 24.89
C LEU D 168 9.26 -10.21 23.66
N GLY D 169 8.85 -11.41 23.22
CA GLY D 169 9.45 -12.05 22.06
C GLY D 169 9.29 -11.21 20.80
N GLN D 170 8.07 -10.69 20.61
CA GLN D 170 7.75 -9.90 19.42
C GLN D 170 8.53 -8.59 19.45
N ALA D 171 8.63 -7.98 20.63
CA ALA D 171 9.44 -6.80 20.82
C ALA D 171 10.87 -7.07 20.38
N LEU D 172 11.42 -8.22 20.79
CA LEU D 172 12.80 -8.54 20.51
C LEU D 172 12.99 -8.84 19.02
N GLU D 173 11.96 -9.40 18.38
CA GLU D 173 11.98 -9.55 16.93
C GLU D 173 12.20 -8.17 16.29
N GLY D 174 11.44 -7.19 16.79
CA GLY D 174 11.50 -5.81 16.32
C GLY D 174 12.86 -5.18 16.59
N LEU D 175 13.39 -5.37 17.80
CA LEU D 175 14.67 -4.79 18.19
C LEU D 175 15.80 -5.36 17.34
N GLU D 176 15.74 -6.66 17.06
CA GLU D 176 16.76 -7.34 16.26
C GLU D 176 16.81 -6.73 14.87
N TYR D 177 15.63 -6.45 14.30
CA TYR D 177 15.50 -5.83 13.00
C TYR D 177 16.13 -4.43 13.03
N LEU D 178 15.76 -3.64 14.05
CA LEU D 178 16.34 -2.32 14.26
C LEU D 178 17.85 -2.41 14.40
N HIS D 179 18.30 -3.25 15.35
CA HIS D 179 19.69 -3.30 15.75
C HIS D 179 20.57 -3.69 14.56
N SER D 180 20.06 -4.64 13.74
CA SER D 180 20.80 -5.08 12.58
C SER D 180 20.92 -3.95 11.55
N ARG D 181 20.02 -2.96 11.62
CA ARG D 181 20.08 -1.79 10.76
C ARG D 181 20.75 -0.61 11.46
N ARG D 182 21.45 -0.88 12.57
CA ARG D 182 22.21 0.12 13.30
C ARG D 182 21.28 1.19 13.89
N ILE D 183 20.04 0.80 14.23
CA ILE D 183 19.11 1.70 14.88
C ILE D 183 18.89 1.25 16.33
N LEU D 184 19.01 2.21 17.25
CA LEU D 184 18.65 2.02 18.64
C LEU D 184 17.26 2.62 18.87
N HIS D 185 16.39 1.89 19.56
CA HIS D 185 15.03 2.37 19.80
C HIS D 185 15.06 3.51 20.82
N GLY D 186 15.68 3.27 21.97
CA GLY D 186 16.02 4.35 22.87
C GLY D 186 15.03 4.53 24.02
N ASP D 187 13.86 3.88 23.94
CA ASP D 187 12.84 4.01 24.96
C ASP D 187 11.90 2.81 24.89
N VAL D 188 12.49 1.61 24.95
CA VAL D 188 11.68 0.40 24.94
C VAL D 188 10.92 0.35 26.25
N LYS D 189 9.59 0.28 26.15
CA LYS D 189 8.75 0.05 27.31
C LYS D 189 7.33 -0.28 26.84
N ALA D 190 6.49 -0.75 27.77
CA ALA D 190 5.15 -1.23 27.45
C ALA D 190 4.36 -0.17 26.68
N ASP D 191 4.37 1.07 27.17
CA ASP D 191 3.62 2.17 26.59
C ASP D 191 4.00 2.41 25.13
N ASN D 192 5.18 1.92 24.71
CA ASN D 192 5.65 2.11 23.34
C ASN D 192 5.59 0.78 22.58
N VAL D 193 4.69 -0.12 22.98
CA VAL D 193 4.36 -1.30 22.19
C VAL D 193 2.86 -1.26 21.92
N LEU D 194 2.46 -1.40 20.65
CA LEU D 194 1.07 -1.31 20.26
C LEU D 194 0.55 -2.69 19.90
N LEU D 195 -0.77 -2.90 20.06
CA LEU D 195 -1.38 -4.22 19.92
C LEU D 195 -2.53 -4.20 18.91
N SER D 196 -2.79 -5.36 18.31
CA SER D 196 -3.95 -5.61 17.47
C SER D 196 -5.22 -5.59 18.31
N SER D 197 -6.38 -5.58 17.63
CA SER D 197 -7.67 -5.69 18.27
C SER D 197 -7.78 -7.00 19.05
N ASP D 198 -7.33 -8.09 18.43
CA ASP D 198 -7.39 -9.41 19.04
C ASP D 198 -6.23 -9.62 20.03
N GLY D 199 -5.25 -8.72 20.03
CA GLY D 199 -4.14 -8.77 20.96
C GLY D 199 -3.08 -9.79 20.52
N SER D 200 -3.11 -10.16 19.24
CA SER D 200 -2.25 -11.24 18.73
C SER D 200 -0.95 -10.68 18.19
N HIS D 201 -0.97 -9.46 17.63
CA HIS D 201 0.22 -8.88 17.02
C HIS D 201 0.66 -7.66 17.82
N ALA D 202 1.98 -7.53 18.02
CA ALA D 202 2.58 -6.40 18.72
C ALA D 202 3.59 -5.72 17.79
N ALA D 203 3.73 -4.40 17.96
CA ALA D 203 4.66 -3.61 17.17
C ALA D 203 5.20 -2.45 18.00
N LEU D 204 6.49 -2.16 17.80
CA LEU D 204 7.17 -1.07 18.48
C LEU D 204 6.72 0.26 17.87
N CYS D 205 6.54 1.26 18.74
CA CYS D 205 6.32 2.63 18.30
C CYS D 205 7.23 3.57 19.08
N ASP D 206 7.13 4.86 18.77
CA ASP D 206 7.70 5.91 19.57
C ASP D 206 9.23 5.91 19.45
N PHE D 207 9.72 6.46 18.32
CA PHE D 207 11.14 6.49 18.05
C PHE D 207 11.70 7.86 18.43
N GLY D 208 11.06 8.50 19.40
CA GLY D 208 11.41 9.86 19.79
C GLY D 208 12.77 9.92 20.47
N HIS D 209 13.26 8.79 20.99
CA HIS D 209 14.56 8.74 21.64
C HIS D 209 15.53 7.88 20.84
N ALA D 210 15.15 7.57 19.60
CA ALA D 210 16.00 6.76 18.75
C ALA D 210 17.28 7.54 18.41
N VAL D 211 18.37 6.77 18.30
CA VAL D 211 19.64 7.29 17.80
C VAL D 211 20.14 6.32 16.74
N CYS D 212 20.71 6.88 15.67
CA CYS D 212 21.23 6.10 14.56
C CYS D 212 22.71 5.82 14.80
N LEU D 213 22.99 4.60 15.29
CA LEU D 213 24.32 4.16 15.70
C LEU D 213 25.30 4.31 14.51
N TYR D 227 22.84 10.23 22.99
CA TYR D 227 21.75 9.35 23.51
C TYR D 227 21.31 9.79 24.90
N ILE D 228 20.11 10.38 24.98
CA ILE D 228 19.39 10.52 26.24
C ILE D 228 18.34 9.40 26.29
N PRO D 229 18.21 8.67 27.42
CA PRO D 229 17.21 7.61 27.53
C PRO D 229 15.80 8.14 27.74
N GLY D 230 14.80 7.34 27.36
CA GLY D 230 13.42 7.78 27.32
C GLY D 230 12.78 7.74 28.70
N THR D 231 13.05 6.68 29.47
CA THR D 231 12.35 6.42 30.72
C THR D 231 13.35 6.01 31.79
N GLU D 232 13.27 6.65 32.96
CA GLU D 232 14.26 6.49 34.02
C GLU D 232 14.29 5.04 34.52
N THR D 233 13.12 4.48 34.83
CA THR D 233 13.02 3.15 35.41
C THR D 233 13.64 2.10 34.49
N HIS D 234 13.64 2.36 33.18
CA HIS D 234 14.11 1.38 32.21
C HIS D 234 15.52 1.70 31.70
N MET D 235 16.26 2.63 32.34
CA MET D 235 17.62 2.94 31.94
C MET D 235 18.57 1.81 32.35
N ALA D 236 19.54 1.54 31.47
CA ALA D 236 20.59 0.57 31.71
C ALA D 236 21.77 1.22 32.45
N PRO D 237 22.55 0.47 33.24
CA PRO D 237 23.63 1.04 34.05
C PRO D 237 24.69 1.82 33.26
N GLU D 238 25.06 1.33 32.08
CA GLU D 238 26.08 1.97 31.28
C GLU D 238 25.64 3.39 30.89
N VAL D 239 24.34 3.59 30.72
CA VAL D 239 23.79 4.89 30.39
C VAL D 239 24.04 5.84 31.56
N VAL D 240 23.58 5.41 32.73
CA VAL D 240 23.69 6.18 33.97
C VAL D 240 25.14 6.53 34.25
N LEU D 241 26.06 5.60 33.96
CA LEU D 241 27.47 5.80 34.26
C LEU D 241 28.10 6.74 33.22
N GLY D 242 27.34 7.08 32.17
CA GLY D 242 27.79 8.02 31.15
C GLY D 242 28.84 7.42 30.22
N ARG D 243 28.79 6.09 30.05
CA ARG D 243 29.78 5.36 29.25
C ARG D 243 29.28 5.24 27.81
N SER D 244 30.02 4.47 26.99
CA SER D 244 29.63 4.21 25.62
C SER D 244 28.42 3.28 25.58
N CYS D 245 27.47 3.58 24.68
CA CYS D 245 26.21 2.85 24.61
C CYS D 245 26.06 2.20 23.24
N ASP D 246 25.46 1.00 23.24
CA ASP D 246 25.16 0.27 22.02
C ASP D 246 23.73 -0.28 22.11
N ALA D 247 23.41 -1.24 21.25
CA ALA D 247 22.07 -1.77 21.14
C ALA D 247 21.63 -2.47 22.43
N LYS D 248 22.60 -2.90 23.26
CA LYS D 248 22.31 -3.67 24.45
C LYS D 248 21.42 -2.89 25.42
N VAL D 249 21.56 -1.56 25.39
CA VAL D 249 20.69 -0.63 26.10
C VAL D 249 19.22 -1.01 25.96
N ASP D 250 18.81 -1.38 24.74
CA ASP D 250 17.42 -1.75 24.46
C ASP D 250 17.04 -3.06 25.13
N VAL D 251 17.97 -4.03 25.23
CA VAL D 251 17.62 -5.34 25.72
C VAL D 251 17.41 -5.22 27.23
N TRP D 252 18.22 -4.36 27.86
CA TRP D 252 18.01 -4.04 29.27
C TRP D 252 16.60 -3.51 29.47
N SER D 253 16.23 -2.54 28.62
CA SER D 253 14.91 -1.91 28.68
C SER D 253 13.81 -2.96 28.52
N SER D 254 13.99 -3.89 27.58
CA SER D 254 12.99 -4.91 27.29
C SER D 254 12.76 -5.81 28.50
N CYS D 255 13.82 -6.05 29.29
CA CYS D 255 13.71 -6.88 30.48
C CYS D 255 13.06 -6.11 31.63
N CYS D 256 13.22 -4.79 31.65
CA CYS D 256 12.48 -3.95 32.59
C CYS D 256 10.99 -4.00 32.25
N MET D 257 10.68 -3.89 30.94
CA MET D 257 9.32 -4.02 30.47
C MET D 257 8.77 -5.39 30.82
N MET D 258 9.62 -6.42 30.73
CA MET D 258 9.22 -7.77 31.09
C MET D 258 8.79 -7.79 32.55
N LEU D 259 9.63 -7.24 33.43
CA LEU D 259 9.31 -7.15 34.85
C LEU D 259 8.00 -6.39 35.05
N HIS D 260 7.83 -5.31 34.28
CA HIS D 260 6.63 -4.48 34.37
C HIS D 260 5.38 -5.32 34.09
N MET D 261 5.45 -6.17 33.05
CA MET D 261 4.32 -6.99 32.66
C MET D 261 3.99 -8.02 33.75
N LEU D 262 5.04 -8.63 34.33
CA LEU D 262 4.86 -9.69 35.31
C LEU D 262 4.34 -9.14 36.63
N ASN D 263 4.94 -8.05 37.11
CA ASN D 263 4.66 -7.53 38.45
C ASN D 263 3.58 -6.45 38.44
N GLY D 264 3.31 -5.88 37.26
CA GLY D 264 2.33 -4.80 37.15
C GLY D 264 2.88 -3.48 37.68
N CYS D 265 4.22 -3.38 37.78
CA CYS D 265 4.89 -2.17 38.23
C CYS D 265 6.32 -2.17 37.68
N HIS D 266 6.85 -0.96 37.47
CA HIS D 266 8.20 -0.81 36.94
C HIS D 266 9.19 -1.35 37.96
N PRO D 267 10.40 -1.80 37.52
CA PRO D 267 11.48 -2.11 38.46
C PRO D 267 11.88 -0.87 39.26
N TRP D 268 12.55 -1.09 40.40
CA TRP D 268 13.08 -0.06 41.28
C TRP D 268 11.97 0.60 42.08
N THR D 269 10.87 1.01 41.42
CA THR D 269 9.91 1.95 41.96
C THR D 269 9.46 1.56 43.37
N GLN D 270 9.18 0.27 43.58
CA GLN D 270 8.53 -0.14 44.82
C GLN D 270 9.50 -0.14 45.99
N PHE D 271 10.80 -0.01 45.70
CA PHE D 271 11.84 -0.18 46.71
C PHE D 271 12.56 1.14 47.00
N PHE D 272 12.67 2.02 45.99
CA PHE D 272 13.44 3.25 46.15
C PHE D 272 12.60 4.46 45.79
N ARG D 273 12.90 5.59 46.46
CA ARG D 273 12.45 6.90 46.01
C ARG D 273 13.52 7.48 45.11
N GLY D 274 13.09 8.21 44.07
CA GLY D 274 13.98 8.71 43.04
C GLY D 274 14.92 9.78 43.60
N PRO D 275 15.93 10.26 42.84
CA PRO D 275 16.23 9.74 41.50
C PRO D 275 16.90 8.37 41.57
N LEU D 276 16.84 7.64 40.46
CA LEU D 276 17.21 6.23 40.42
C LEU D 276 18.61 6.03 39.83
N CYS D 277 19.17 7.06 39.19
CA CYS D 277 20.49 6.95 38.58
C CYS D 277 21.45 6.28 39.55
N LEU D 278 21.51 6.81 40.78
CA LEU D 278 22.41 6.29 41.80
C LEU D 278 22.17 4.79 42.00
N LYS D 279 20.91 4.41 42.20
CA LYS D 279 20.55 3.04 42.50
C LYS D 279 20.91 2.11 41.33
N ILE D 280 20.47 2.46 40.11
CA ILE D 280 20.68 1.61 38.95
C ILE D 280 22.18 1.33 38.79
N ALA D 281 23.01 2.33 39.09
CA ALA D 281 24.46 2.19 39.03
C ALA D 281 24.98 1.35 40.20
N SER D 282 24.50 1.65 41.41
CA SER D 282 25.03 1.09 42.64
C SER D 282 24.60 -0.36 42.83
N GLU D 283 23.29 -0.60 42.71
CA GLU D 283 22.68 -1.85 43.14
C GLU D 283 22.95 -2.97 42.15
N PRO D 284 22.75 -4.25 42.55
CA PRO D 284 22.68 -5.34 41.60
C PRO D 284 21.45 -5.18 40.71
N PRO D 285 21.45 -5.78 39.51
CA PRO D 285 20.33 -5.61 38.59
C PRO D 285 19.08 -6.18 39.25
N PRO D 286 17.87 -5.70 38.90
CA PRO D 286 16.67 -6.00 39.68
C PRO D 286 16.11 -7.41 39.47
N VAL D 287 17.00 -8.41 39.45
CA VAL D 287 16.63 -9.79 39.19
C VAL D 287 15.85 -10.36 40.37
N ARG D 288 15.99 -9.73 41.53
CA ARG D 288 15.19 -10.07 42.69
C ARG D 288 13.72 -9.77 42.45
N GLU D 289 13.40 -8.94 41.44
CA GLU D 289 12.02 -8.63 41.12
C GLU D 289 11.40 -9.67 40.20
N ILE D 290 12.23 -10.62 39.72
CA ILE D 290 11.69 -11.75 38.98
C ILE D 290 10.81 -12.55 39.91
N PRO D 291 9.50 -12.73 39.61
CA PRO D 291 8.62 -13.52 40.48
C PRO D 291 9.18 -14.93 40.67
N PRO D 292 9.04 -15.53 41.88
CA PRO D 292 9.57 -16.86 42.14
C PRO D 292 8.78 -17.95 41.39
N SER D 293 7.51 -17.67 41.09
CA SER D 293 6.64 -18.60 40.41
C SER D 293 7.00 -18.76 38.93
N CYS D 294 7.90 -17.93 38.42
CA CYS D 294 8.30 -18.01 37.02
C CYS D 294 9.07 -19.28 36.74
N ALA D 295 8.93 -19.78 35.51
CA ALA D 295 9.63 -20.96 35.07
C ALA D 295 11.13 -20.67 34.99
N PRO D 296 12.01 -21.69 35.23
CA PRO D 296 13.46 -21.48 35.18
C PRO D 296 13.98 -20.74 33.96
N LEU D 297 13.42 -21.01 32.78
CA LEU D 297 13.93 -20.45 31.53
C LEU D 297 13.52 -18.98 31.39
N THR D 298 12.43 -18.59 32.05
CA THR D 298 12.02 -17.19 32.06
C THR D 298 13.01 -16.41 32.92
N ALA D 299 13.16 -16.83 34.18
CA ALA D 299 14.07 -16.18 35.12
C ALA D 299 15.47 -16.04 34.50
N GLN D 300 15.89 -17.06 33.77
CA GLN D 300 17.24 -17.15 33.24
C GLN D 300 17.41 -16.18 32.07
N ALA D 301 16.37 -16.02 31.26
CA ALA D 301 16.40 -15.07 30.15
C ALA D 301 16.49 -13.64 30.67
N ILE D 302 15.61 -13.33 31.64
CA ILE D 302 15.53 -12.00 32.23
C ILE D 302 16.89 -11.65 32.86
N GLN D 303 17.54 -12.65 33.48
CA GLN D 303 18.81 -12.44 34.16
C GLN D 303 19.92 -12.11 33.16
N GLU D 304 19.92 -12.78 32.01
CA GLU D 304 20.95 -12.59 31.00
C GLU D 304 20.72 -11.27 30.26
N GLY D 305 19.47 -10.79 30.27
CA GLY D 305 19.13 -9.52 29.66
C GLY D 305 19.40 -8.35 30.60
N LEU D 306 19.58 -8.64 31.90
CA LEU D 306 19.81 -7.62 32.92
C LEU D 306 21.23 -7.75 33.46
N ARG D 307 22.14 -8.34 32.68
CA ARG D 307 23.55 -8.28 33.01
C ARG D 307 23.97 -6.82 32.97
N LYS D 308 24.67 -6.37 34.02
CA LYS D 308 24.98 -4.95 34.18
C LYS D 308 26.03 -4.52 33.17
N GLU D 309 27.04 -5.35 32.94
CA GLU D 309 28.05 -5.07 31.93
C GLU D 309 27.48 -5.42 30.56
N PRO D 310 27.25 -4.44 29.65
CA PRO D 310 26.61 -4.70 28.37
C PRO D 310 27.29 -5.75 27.49
N ILE D 311 28.62 -5.83 27.59
CA ILE D 311 29.39 -6.81 26.83
C ILE D 311 28.91 -8.22 27.20
N HIS D 312 28.52 -8.43 28.46
CA HIS D 312 28.07 -9.74 28.92
C HIS D 312 26.57 -9.90 28.68
N ARG D 313 25.83 -8.79 28.64
CA ARG D 313 24.41 -8.82 28.36
C ARG D 313 24.19 -9.45 26.98
N VAL D 314 23.12 -10.23 26.84
CA VAL D 314 22.82 -10.91 25.60
C VAL D 314 22.27 -9.89 24.60
N SER D 315 22.38 -10.23 23.31
CA SER D 315 21.82 -9.43 22.23
C SER D 315 20.31 -9.66 22.17
N ALA D 316 19.64 -8.89 21.31
CA ALA D 316 18.19 -9.00 21.15
C ALA D 316 17.85 -10.34 20.50
N ALA D 317 18.68 -10.76 19.54
CA ALA D 317 18.49 -12.03 18.85
C ALA D 317 18.66 -13.19 19.83
N GLU D 318 19.75 -13.14 20.62
CA GLU D 318 20.06 -14.17 21.60
C GLU D 318 18.91 -14.32 22.59
N LEU D 319 18.41 -13.19 23.08
CA LEU D 319 17.34 -13.19 24.08
C LEU D 319 16.02 -13.64 23.45
N GLY D 320 15.83 -13.30 22.17
CA GLY D 320 14.66 -13.74 21.43
C GLY D 320 14.54 -15.26 21.46
N GLY D 321 15.67 -15.94 21.25
CA GLY D 321 15.75 -17.38 21.31
C GLY D 321 15.34 -17.90 22.68
N LYS D 322 16.00 -17.36 23.73
CA LYS D 322 15.78 -17.83 25.09
C LYS D 322 14.31 -17.70 25.46
N VAL D 323 13.67 -16.58 25.11
CA VAL D 323 12.30 -16.32 25.52
C VAL D 323 11.35 -17.20 24.70
N ASN D 324 11.71 -17.50 23.45
CA ASN D 324 10.89 -18.38 22.63
C ASN D 324 10.82 -19.76 23.27
N ARG D 325 11.99 -20.25 23.73
CA ARG D 325 12.07 -21.55 24.38
C ARG D 325 11.35 -21.52 25.73
N ALA D 326 11.47 -20.39 26.44
CA ALA D 326 10.82 -20.25 27.73
C ALA D 326 9.30 -20.29 27.57
N LEU D 327 8.79 -19.76 26.45
CA LEU D 327 7.36 -19.77 26.18
C LEU D 327 6.90 -21.21 25.92
N GLN D 328 7.73 -21.99 25.21
CA GLN D 328 7.46 -23.39 24.97
C GLN D 328 7.42 -24.14 26.31
N GLN D 329 8.34 -23.79 27.22
CA GLN D 329 8.43 -24.42 28.53
C GLN D 329 7.16 -24.20 29.34
N VAL D 330 6.52 -23.03 29.23
CA VAL D 330 5.28 -22.75 29.96
C VAL D 330 4.08 -23.25 29.16
N GLY D 331 4.35 -23.81 27.97
CA GLY D 331 3.32 -24.47 27.18
C GLY D 331 2.60 -23.50 26.23
N GLY D 332 3.36 -22.58 25.62
CA GLY D 332 2.86 -21.72 24.57
C GLY D 332 1.83 -20.71 25.08
N LEU D 333 1.31 -19.91 24.15
CA LEU D 333 0.34 -18.88 24.48
C LEU D 333 -1.03 -19.52 24.64
N LYS D 334 -1.45 -19.69 25.90
CA LYS D 334 -2.74 -20.30 26.22
C LYS D 334 -3.69 -19.27 26.82
N SER D 335 -3.16 -18.35 27.64
CA SER D 335 -3.97 -17.39 28.35
C SER D 335 -4.87 -16.61 27.41
N PRO D 336 -6.06 -16.18 27.87
CA PRO D 336 -6.97 -15.40 27.02
C PRO D 336 -6.48 -13.97 26.85
N TRP D 337 -7.02 -13.30 25.83
CA TRP D 337 -6.79 -11.89 25.58
C TRP D 337 -7.83 -11.09 26.36
N ARG D 338 -7.34 -10.19 27.24
CA ARG D 338 -8.17 -9.41 28.14
C ARG D 338 -8.85 -10.33 29.15
N GLY D 339 -8.02 -11.12 29.86
CA GLY D 339 -8.52 -12.10 30.81
C GLY D 339 -8.89 -11.47 32.15
N GLU D 340 -8.77 -12.27 33.23
CA GLU D 340 -9.13 -11.84 34.57
C GLU D 340 -8.02 -10.95 35.13
N TYR D 341 -8.42 -10.05 36.03
CA TYR D 341 -7.48 -9.13 36.66
C TYR D 341 -6.52 -9.94 37.55
N LYS D 342 -5.27 -9.46 37.64
CA LYS D 342 -4.25 -10.03 38.51
C LYS D 342 -3.63 -8.93 39.37
N GLU D 343 -3.66 -9.12 40.70
CA GLU D 343 -3.19 -8.09 41.60
C GLU D 343 -1.70 -7.87 41.38
N PRO D 344 -1.25 -6.62 41.10
CA PRO D 344 0.18 -6.32 40.99
C PRO D 344 0.89 -6.51 42.33
N ARG D 345 2.22 -6.73 42.28
CA ARG D 345 3.01 -6.76 43.49
C ARG D 345 2.80 -5.43 44.21
N HIS D 346 2.63 -5.48 45.55
CA HIS D 346 2.56 -4.29 46.39
C HIS D 346 3.89 -4.08 47.11
N PRO D 347 4.22 -2.84 47.57
CA PRO D 347 5.49 -2.57 48.25
C PRO D 347 5.58 -3.23 49.64
#